data_5SDH
#
_entry.id   5SDH
#
_cell.length_a   102.487
_cell.length_b   116.712
_cell.length_c   147.406
_cell.angle_alpha   90.000
_cell.angle_beta   90.000
_cell.angle_gamma   90.000
#
_symmetry.space_group_name_H-M   'P 21 21 21'
#
loop_
_entity.id
_entity.type
_entity.pdbx_description
1 polymer 'Asp/Glu-specific dipeptidyl-peptidase'
2 non-polymer 1-[(3-methoxyphenyl)methyl]piperidine-4-carboxamide
3 non-polymer 'CHLORIDE ION'
4 water water
#
_entity_poly.entity_id   1
_entity_poly.type   'polypeptide(L)'
_entity_poly.pdbx_seq_one_letter_code
;MDEGMWLMQQLGRKYAQMKERGLKMKEYDLYNPNGTSLKDAVVLFDGGCTGEVVSDRGLVLTNHHCGYDMIQAHSTLEHN
YLENGFWAMREADELPNKDISVVFIDKIEDVTDYVKKELKAIKDPNSMDYLSPKYLQKLADKKAGKNFSAKNPGLSVEIK
AFYGGNLYLMFTKKTYTDVRLVGAPPSSIGKFGADTDNWIWPRHTGDFSIFRIYADKNGNPAPYSEDNVPLKPKRFFNIS
LGGVQENDYAMIMGFPGTTHRYFTASEVDEWKSIDNDIRIRMRDIRQGVMLREMLADPQIKIMYSAKYAASQNAYKRAIG
ANWAIKTRGLRQNKQAMQDRLIAWGAKQGTPRYEEAVHEIDATVAKRADLRRRYWMIEEGIIRGIEFARSPIPTEDETKA
LQGNDASARKEAIDKIRTRYSKFANKDYSAEVDKKVAVAMLTEYLKEIPYENLPLHLRLVKDRFAGDVQAYVDDIFARSV
FGSEAQFDAFAAVPSVEKLAEDPMVLFASSVFDEYRKLYNELRPYDDPILRAQRTYIAGLLEMDGDQDQFPDANLTLRFT
YGQVKGYSPRDNVYYGHQTTLDGVMEKEDPDNWEFVVDPKLKAVYERKDFGRYADRSGRMPVAFCATTHTTGGNSGSPVM
NANGELIGLNFDRNWEGVGGDIQYLADYQRSIIVDIRYVLLVIDKVGGCQRLLDEMNIVPAHHHHHH
;
_entity_poly.pdbx_strand_id   A,B
#
loop_
_chem_comp.id
_chem_comp.type
_chem_comp.name
_chem_comp.formula
CL non-polymer 'CHLORIDE ION' 'Cl -1'
I81 non-polymer 1-[(3-methoxyphenyl)methyl]piperidine-4-carboxamide 'C14 H20 N2 O2'
#
# COMPACT_ATOMS: atom_id res chain seq x y z
N ASP A 2 -25.07 -4.19 16.15
CA ASP A 2 -24.83 -4.63 17.53
C ASP A 2 -24.73 -3.39 18.43
N GLU A 3 -23.66 -2.56 18.25
CA GLU A 3 -23.57 -1.29 18.98
C GLU A 3 -24.32 -0.33 18.12
N GLY A 4 -25.26 0.35 18.71
CA GLY A 4 -26.25 1.07 17.94
C GLY A 4 -26.19 2.50 17.49
N MET A 5 -27.22 2.76 16.71
CA MET A 5 -27.66 4.04 16.21
C MET A 5 -29.07 4.15 16.82
N TRP A 6 -29.09 4.55 18.08
CA TRP A 6 -30.27 4.60 18.92
C TRP A 6 -31.19 5.79 18.70
N LEU A 7 -32.49 5.55 18.82
CA LEU A 7 -33.50 6.61 18.74
C LEU A 7 -33.35 7.47 19.99
N MET A 8 -33.70 8.77 19.91
CA MET A 8 -33.66 9.61 21.09
C MET A 8 -34.58 9.07 22.21
N GLN A 9 -35.69 8.40 21.83
CA GLN A 9 -36.67 7.73 22.70
C GLN A 9 -35.98 6.69 23.58
N GLN A 10 -34.92 6.04 23.07
CA GLN A 10 -34.17 4.99 23.76
C GLN A 10 -33.10 5.49 24.71
N LEU A 11 -32.90 6.81 24.84
CA LEU A 11 -31.90 7.33 25.76
C LEU A 11 -32.16 6.89 27.21
N GLY A 12 -33.41 6.93 27.65
CA GLY A 12 -33.80 6.48 28.98
C GLY A 12 -33.34 5.07 29.34
N ARG A 13 -33.68 4.08 28.51
CA ARG A 13 -33.29 2.70 28.78
C ARG A 13 -31.78 2.44 28.50
N LYS A 14 -31.06 3.37 27.84
CA LYS A 14 -29.62 3.20 27.59
C LYS A 14 -28.73 3.96 28.57
N TYR A 15 -29.29 4.98 29.25
CA TYR A 15 -28.62 5.88 30.18
C TYR A 15 -27.77 5.18 31.22
N ALA A 16 -28.28 4.09 31.81
CA ALA A 16 -27.53 3.33 32.81
C ALA A 16 -26.25 2.75 32.24
N GLN A 17 -26.30 2.19 31.02
CA GLN A 17 -25.11 1.62 30.39
C GLN A 17 -24.11 2.71 30.03
N MET A 18 -24.61 3.84 29.52
CA MET A 18 -23.76 4.96 29.16
C MET A 18 -23.05 5.51 30.37
N LYS A 19 -23.77 5.63 31.51
CA LYS A 19 -23.20 6.11 32.76
C LYS A 19 -22.06 5.18 33.22
N GLU A 20 -22.29 3.86 33.13
CA GLU A 20 -21.28 2.87 33.48
C GLU A 20 -20.07 2.94 32.53
N ARG A 21 -20.30 3.29 31.26
CA ARG A 21 -19.25 3.44 30.25
C ARG A 21 -18.52 4.79 30.31
N GLY A 22 -18.89 5.66 31.24
CA GLY A 22 -18.22 6.95 31.39
C GLY A 22 -19.06 8.21 31.37
N LEU A 23 -20.31 8.16 30.88
CA LEU A 23 -21.20 9.32 30.81
C LEU A 23 -21.43 10.00 32.17
N LYS A 24 -21.23 11.32 32.23
CA LYS A 24 -21.35 12.09 33.45
C LYS A 24 -22.49 13.10 33.47
N MET A 25 -22.98 13.51 32.28
CA MET A 25 -24.05 14.49 32.22
C MET A 25 -25.44 13.90 32.54
N LYS A 26 -26.40 14.76 32.93
CA LYS A 26 -27.77 14.34 33.24
C LYS A 26 -28.48 13.93 31.94
N GLU A 27 -29.37 12.92 32.00
CA GLU A 27 -30.10 12.40 30.83
C GLU A 27 -30.83 13.49 30.06
N TYR A 28 -31.60 14.31 30.77
CA TYR A 28 -32.40 15.36 30.16
C TYR A 28 -31.57 16.58 29.70
N ASP A 29 -30.30 16.68 30.11
CA ASP A 29 -29.40 17.69 29.56
C ASP A 29 -28.92 17.24 28.15
N LEU A 30 -28.95 15.93 27.84
CA LEU A 30 -28.57 15.41 26.56
C LEU A 30 -29.79 15.34 25.65
N TYR A 31 -30.90 14.82 26.16
CA TYR A 31 -32.16 14.78 25.41
C TYR A 31 -33.34 14.89 26.35
N ASN A 32 -34.23 15.83 26.08
CA ASN A 32 -35.44 16.03 26.86
C ASN A 32 -36.59 16.24 25.90
N PRO A 33 -37.62 15.38 25.98
CA PRO A 33 -38.79 15.57 25.10
C PRO A 33 -39.59 16.84 25.43
N ASN A 34 -39.48 17.33 26.69
CA ASN A 34 -40.24 18.46 27.17
C ASN A 34 -39.34 19.61 27.66
N GLY A 35 -38.31 19.95 26.88
CA GLY A 35 -37.40 21.03 27.26
C GLY A 35 -36.14 21.11 26.45
N THR A 36 -35.28 22.08 26.78
CA THR A 36 -34.03 22.29 26.05
C THR A 36 -32.98 21.25 26.48
N SER A 37 -32.27 20.74 25.50
CA SER A 37 -31.22 19.75 25.70
C SER A 37 -30.14 19.94 24.62
N LEU A 38 -29.02 19.21 24.76
CA LEU A 38 -27.93 19.27 23.80
C LEU A 38 -28.39 18.88 22.38
N LYS A 39 -29.47 18.06 22.29
CA LYS A 39 -30.11 17.65 21.05
C LYS A 39 -30.48 18.88 20.19
N ASP A 40 -30.84 20.00 20.84
CA ASP A 40 -31.22 21.25 20.18
C ASP A 40 -30.07 21.99 19.51
N ALA A 41 -28.84 21.54 19.72
CA ALA A 41 -27.68 22.14 19.09
C ALA A 41 -27.23 21.33 17.85
N VAL A 42 -27.90 20.22 17.51
CA VAL A 42 -27.59 19.36 16.38
C VAL A 42 -28.49 19.73 15.19
N VAL A 43 -27.93 19.79 13.97
CA VAL A 43 -28.70 20.10 12.77
C VAL A 43 -28.43 19.11 11.62
N LEU A 44 -29.37 18.99 10.69
CA LEU A 44 -29.17 18.22 9.48
C LEU A 44 -28.72 19.32 8.52
N PHE A 45 -27.45 19.27 8.15
CA PHE A 45 -26.84 20.26 7.31
C PHE A 45 -26.97 19.89 5.85
N ASP A 46 -27.62 20.75 5.05
CA ASP A 46 -27.81 20.59 3.61
C ASP A 46 -28.37 19.24 3.17
N GLY A 47 -29.30 18.69 3.95
CA GLY A 47 -30.00 17.46 3.63
C GLY A 47 -29.32 16.12 3.77
N GLY A 48 -27.99 16.08 3.84
CA GLY A 48 -27.28 14.80 3.94
C GLY A 48 -26.03 14.76 4.80
N CYS A 49 -25.84 15.80 5.58
CA CYS A 49 -24.70 15.92 6.48
C CYS A 49 -25.27 16.28 7.85
N THR A 50 -24.42 16.24 8.88
CA THR A 50 -24.76 16.70 10.20
C THR A 50 -23.93 17.96 10.47
N GLY A 51 -24.46 18.80 11.33
CA GLY A 51 -23.79 20.00 11.80
C GLY A 51 -24.08 20.23 13.26
N GLU A 52 -23.45 21.26 13.83
CA GLU A 52 -23.70 21.60 15.22
C GLU A 52 -23.49 23.07 15.50
N VAL A 53 -24.39 23.63 16.31
CA VAL A 53 -24.33 25.01 16.75
C VAL A 53 -23.31 25.07 17.88
N VAL A 54 -22.32 25.95 17.75
CA VAL A 54 -21.21 26.07 18.68
C VAL A 54 -21.06 27.46 19.30
N SER A 55 -22.04 28.36 19.11
CA SER A 55 -22.00 29.71 19.69
C SER A 55 -23.41 30.27 19.93
N ASP A 56 -23.53 31.34 20.75
CA ASP A 56 -24.85 31.97 20.98
C ASP A 56 -25.26 32.92 19.85
N ARG A 57 -24.51 32.96 18.75
CA ARG A 57 -24.82 33.75 17.56
C ARG A 57 -25.01 32.84 16.32
N GLY A 58 -25.42 31.58 16.54
CA GLY A 58 -25.69 30.65 15.46
C GLY A 58 -24.52 30.14 14.65
N LEU A 59 -23.30 30.07 15.24
CA LEU A 59 -22.14 29.56 14.51
C LEU A 59 -22.33 28.04 14.36
N VAL A 60 -22.02 27.50 13.18
CA VAL A 60 -22.22 26.09 12.86
C VAL A 60 -20.95 25.44 12.33
N LEU A 61 -20.58 24.28 12.87
CA LEU A 61 -19.45 23.52 12.36
C LEU A 61 -20.00 22.27 11.66
N THR A 62 -19.42 21.92 10.53
CA THR A 62 -19.68 20.71 9.77
C THR A 62 -18.35 20.31 9.09
N ASN A 63 -18.35 19.28 8.22
CA ASN A 63 -17.15 18.88 7.51
C ASN A 63 -16.81 19.82 6.39
N HIS A 64 -15.57 19.72 5.91
CA HIS A 64 -15.11 20.46 4.76
C HIS A 64 -15.81 19.86 3.53
N HIS A 65 -15.92 18.52 3.44
CA HIS A 65 -16.62 17.90 2.32
C HIS A 65 -18.13 18.18 2.32
N CYS A 66 -18.69 18.62 3.46
CA CYS A 66 -20.10 18.97 3.58
C CYS A 66 -20.34 20.38 3.05
N GLY A 67 -19.45 21.30 3.40
CA GLY A 67 -19.53 22.68 2.95
C GLY A 67 -18.76 22.96 1.67
N TYR A 68 -18.21 21.92 1.04
CA TYR A 68 -17.40 21.97 -0.18
C TYR A 68 -18.06 22.71 -1.35
N ASP A 69 -19.28 22.33 -1.74
CA ASP A 69 -20.00 22.97 -2.84
C ASP A 69 -20.21 24.46 -2.60
N MET A 70 -20.45 24.85 -1.33
CA MET A 70 -20.65 26.24 -0.93
C MET A 70 -19.34 27.02 -1.10
N ILE A 71 -18.20 26.42 -0.71
CA ILE A 71 -16.89 27.05 -0.84
C ILE A 71 -16.49 27.16 -2.32
N GLN A 72 -16.86 26.16 -3.13
CA GLN A 72 -16.56 26.11 -4.55
C GLN A 72 -17.38 27.16 -5.33
N ALA A 73 -18.62 27.40 -4.92
CA ALA A 73 -19.49 28.37 -5.58
C ALA A 73 -18.99 29.82 -5.41
N HIS A 74 -18.43 30.13 -4.25
CA HIS A 74 -17.91 31.46 -3.99
C HIS A 74 -16.46 31.65 -4.45
N SER A 75 -15.82 30.61 -4.99
CA SER A 75 -14.44 30.69 -5.44
C SER A 75 -14.33 31.11 -6.91
N THR A 76 -13.38 31.99 -7.20
CA THR A 76 -13.05 32.53 -8.53
C THR A 76 -11.51 32.45 -8.76
N LEU A 77 -10.99 32.93 -9.90
CA LEU A 77 -9.55 32.95 -10.15
C LEU A 77 -8.91 33.96 -9.17
N GLU A 78 -9.55 35.12 -8.96
CA GLU A 78 -9.07 36.15 -8.05
C GLU A 78 -9.09 35.69 -6.59
N HIS A 79 -10.26 35.22 -6.10
CA HIS A 79 -10.34 34.70 -4.74
C HIS A 79 -10.69 33.21 -4.73
N ASN A 80 -9.67 32.35 -4.79
CA ASN A 80 -9.90 30.91 -4.77
C ASN A 80 -9.98 30.43 -3.30
N TYR A 81 -11.18 30.53 -2.71
CA TYR A 81 -11.41 30.09 -1.33
C TYR A 81 -11.27 28.58 -1.17
N LEU A 82 -11.47 27.80 -2.25
CA LEU A 82 -11.34 26.35 -2.18
C LEU A 82 -9.89 25.96 -1.91
N GLU A 83 -8.96 26.64 -2.58
CA GLU A 83 -7.54 26.39 -2.47
C GLU A 83 -6.90 27.07 -1.26
N ASN A 84 -7.21 28.34 -1.02
CA ASN A 84 -6.56 29.09 0.07
C ASN A 84 -7.34 29.22 1.37
N GLY A 85 -8.58 28.77 1.37
CA GLY A 85 -9.44 28.91 2.53
C GLY A 85 -10.22 30.21 2.50
N PHE A 86 -11.10 30.39 3.47
CA PHE A 86 -11.93 31.58 3.55
C PHE A 86 -12.12 31.92 5.01
N TRP A 87 -11.92 33.19 5.40
CA TRP A 87 -12.07 33.60 6.80
C TRP A 87 -12.65 34.99 6.87
N ALA A 88 -13.98 35.09 6.98
CA ALA A 88 -14.70 36.36 7.08
C ALA A 88 -14.28 37.05 8.37
N MET A 89 -13.67 38.26 8.27
CA MET A 89 -13.21 38.93 9.48
C MET A 89 -14.31 39.73 10.20
N ARG A 90 -15.53 39.78 9.65
CA ARG A 90 -16.70 40.40 10.24
C ARG A 90 -17.95 39.65 9.78
N GLU A 91 -19.03 39.72 10.56
CA GLU A 91 -20.28 39.03 10.21
C GLU A 91 -20.84 39.49 8.85
N ALA A 92 -20.58 40.75 8.47
CA ALA A 92 -21.05 41.27 7.18
C ALA A 92 -20.34 40.62 5.98
N ASP A 93 -19.13 40.09 6.20
CA ASP A 93 -18.33 39.43 5.17
C ASP A 93 -18.71 37.98 4.94
N GLU A 94 -19.54 37.38 5.82
CA GLU A 94 -19.98 36.00 5.67
C GLU A 94 -20.88 35.90 4.43
N LEU A 95 -20.53 34.97 3.54
CA LEU A 95 -21.16 34.74 2.25
C LEU A 95 -22.45 33.92 2.27
N PRO A 96 -23.56 34.49 1.78
CA PRO A 96 -24.81 33.73 1.72
C PRO A 96 -24.77 32.62 0.68
N ASN A 97 -25.55 31.56 0.89
CA ASN A 97 -25.55 30.42 -0.03
C ASN A 97 -26.93 30.12 -0.56
N LYS A 98 -27.08 30.03 -1.87
CA LYS A 98 -28.38 29.74 -2.46
C LYS A 98 -28.61 28.23 -2.33
N ASP A 99 -29.84 27.83 -2.00
CA ASP A 99 -30.28 26.44 -1.88
C ASP A 99 -29.65 25.67 -0.73
N ILE A 100 -29.34 26.38 0.35
CA ILE A 100 -28.79 25.77 1.54
C ILE A 100 -29.88 25.65 2.60
N SER A 101 -29.72 24.72 3.54
CA SER A 101 -30.67 24.56 4.64
C SER A 101 -30.01 23.95 5.86
N VAL A 102 -30.60 24.18 7.02
CA VAL A 102 -30.22 23.59 8.29
C VAL A 102 -31.53 23.21 8.97
N VAL A 103 -31.66 21.95 9.38
CA VAL A 103 -32.89 21.47 9.99
C VAL A 103 -32.70 21.11 11.46
N PHE A 104 -33.44 21.76 12.34
CA PHE A 104 -33.43 21.44 13.76
C PHE A 104 -34.56 20.45 14.03
N ILE A 105 -34.32 19.48 14.91
CA ILE A 105 -35.35 18.54 15.29
C ILE A 105 -35.93 19.07 16.59
N ASP A 106 -37.00 19.88 16.45
CA ASP A 106 -37.64 20.56 17.56
C ASP A 106 -38.33 19.62 18.51
N LYS A 107 -39.08 18.67 17.96
CA LYS A 107 -39.81 17.67 18.73
C LYS A 107 -39.77 16.34 18.01
N ILE A 108 -39.81 15.26 18.78
CA ILE A 108 -39.88 13.90 18.27
C ILE A 108 -40.97 13.28 19.09
N GLU A 109 -41.92 12.65 18.44
CA GLU A 109 -43.04 12.07 19.13
C GLU A 109 -43.34 10.69 18.61
N ASP A 110 -43.63 9.76 19.50
CA ASP A 110 -44.01 8.40 19.11
C ASP A 110 -45.47 8.45 18.66
N VAL A 111 -45.75 8.16 17.37
CA VAL A 111 -47.13 8.15 16.88
C VAL A 111 -47.54 6.75 16.40
N THR A 112 -46.94 5.69 16.96
CA THR A 112 -47.18 4.31 16.54
C THR A 112 -48.65 3.91 16.61
N ASP A 113 -49.30 4.08 17.77
CA ASP A 113 -50.71 3.68 17.91
C ASP A 113 -51.63 4.44 16.96
N TYR A 114 -51.36 5.73 16.76
CA TYR A 114 -52.13 6.60 15.86
C TYR A 114 -52.05 6.07 14.43
N VAL A 115 -50.82 5.76 13.96
CA VAL A 115 -50.58 5.27 12.60
C VAL A 115 -51.17 3.89 12.42
N LYS A 116 -50.97 3.02 13.41
CA LYS A 116 -51.50 1.66 13.38
C LYS A 116 -53.02 1.66 13.35
N LYS A 117 -53.66 2.60 14.07
CA LYS A 117 -55.11 2.72 14.07
C LYS A 117 -55.60 3.21 12.71
N GLU A 118 -54.96 4.24 12.15
CA GLU A 118 -55.32 4.76 10.83
C GLU A 118 -55.16 3.69 9.75
N LEU A 119 -54.17 2.78 9.91
CA LEU A 119 -53.87 1.69 8.99
C LEU A 119 -54.95 0.63 8.98
N LYS A 120 -55.70 0.45 10.10
CA LYS A 120 -56.81 -0.51 10.20
C LYS A 120 -57.96 -0.23 9.22
N ALA A 121 -57.99 0.97 8.59
CA ALA A 121 -58.99 1.25 7.56
C ALA A 121 -58.57 0.60 6.20
N ILE A 122 -57.94 -0.62 6.33
CA ILE A 122 -57.38 -1.62 5.42
C ILE A 122 -58.35 -2.04 4.33
N LYS A 123 -58.15 -1.54 3.12
CA LYS A 123 -58.94 -1.98 1.99
C LYS A 123 -58.37 -3.35 1.53
N ASP A 124 -57.02 -3.47 1.54
CA ASP A 124 -56.16 -4.58 1.14
C ASP A 124 -55.10 -4.82 2.23
N PRO A 125 -54.99 -6.04 2.79
CA PRO A 125 -53.96 -6.30 3.82
C PRO A 125 -52.50 -6.30 3.29
N ASN A 126 -52.35 -6.40 1.96
CA ASN A 126 -51.08 -6.36 1.24
C ASN A 126 -50.75 -4.95 0.70
N SER A 127 -51.35 -3.91 1.27
CA SER A 127 -51.11 -2.53 0.85
C SER A 127 -49.81 -2.05 1.45
N MET A 128 -49.01 -1.33 0.65
CA MET A 128 -47.72 -0.81 1.14
C MET A 128 -47.82 0.63 1.69
N ASP A 129 -49.04 1.09 1.97
CA ASP A 129 -49.28 2.42 2.50
C ASP A 129 -48.56 2.64 3.82
N TYR A 130 -48.38 1.60 4.63
CA TYR A 130 -47.66 1.67 5.90
C TYR A 130 -46.20 2.16 5.77
N LEU A 131 -45.64 2.10 4.56
CA LEU A 131 -44.29 2.59 4.28
C LEU A 131 -44.27 3.74 3.26
N SER A 132 -45.44 4.20 2.80
CA SER A 132 -45.58 5.23 1.79
C SER A 132 -45.36 6.63 2.37
N PRO A 133 -44.36 7.38 1.84
CA PRO A 133 -44.14 8.75 2.31
C PRO A 133 -45.35 9.65 2.06
N LYS A 134 -46.10 9.39 0.96
CA LYS A 134 -47.30 10.15 0.61
C LYS A 134 -48.42 9.90 1.64
N TYR A 135 -48.66 8.63 1.98
CA TYR A 135 -49.69 8.29 2.97
C TYR A 135 -49.31 8.80 4.34
N LEU A 136 -48.03 8.66 4.70
CA LEU A 136 -47.53 9.07 6.00
C LEU A 136 -47.53 10.59 6.15
N GLN A 137 -47.36 11.34 5.04
CA GLN A 137 -47.42 12.79 5.09
C GLN A 137 -48.86 13.27 5.29
N LYS A 138 -49.83 12.58 4.67
CA LYS A 138 -51.24 12.86 4.85
C LYS A 138 -51.62 12.63 6.34
N LEU A 139 -51.03 11.60 6.98
CA LEU A 139 -51.28 11.31 8.40
C LEU A 139 -50.63 12.33 9.31
N ALA A 140 -49.46 12.84 8.90
CA ALA A 140 -48.71 13.83 9.66
C ALA A 140 -49.48 15.15 9.64
N ASP A 141 -49.97 15.56 8.45
CA ASP A 141 -50.77 16.75 8.27
C ASP A 141 -52.08 16.67 9.08
N LYS A 142 -52.70 15.49 9.14
CA LYS A 142 -53.92 15.31 9.89
C LYS A 142 -53.68 15.52 11.38
N LYS A 143 -52.63 14.93 11.94
CA LYS A 143 -52.32 15.06 13.36
C LYS A 143 -51.82 16.46 13.75
N ALA A 144 -50.98 17.10 12.92
CA ALA A 144 -50.47 18.44 13.24
C ALA A 144 -51.57 19.49 13.07
N GLY A 145 -52.33 19.39 11.98
CA GLY A 145 -53.42 20.30 11.71
C GLY A 145 -53.43 20.86 10.29
N LYS A 146 -54.60 21.36 9.87
CA LYS A 146 -54.74 21.94 8.54
C LYS A 146 -54.14 23.35 8.55
N ASN A 147 -53.19 23.60 7.62
CA ASN A 147 -52.45 24.86 7.47
C ASN A 147 -51.46 25.11 8.63
N PHE A 148 -50.83 24.03 9.13
CA PHE A 148 -49.86 24.07 10.22
C PHE A 148 -48.66 24.95 9.90
N SER A 149 -48.13 24.86 8.66
CA SER A 149 -46.96 25.60 8.21
C SER A 149 -47.18 27.12 8.21
N ALA A 150 -48.39 27.53 7.85
CA ALA A 150 -48.76 28.94 7.82
C ALA A 150 -49.00 29.42 9.24
N LYS A 151 -49.69 28.61 10.07
CA LYS A 151 -49.96 28.94 11.48
C LYS A 151 -48.71 28.90 12.37
N ASN A 152 -47.66 28.15 11.94
CA ASN A 152 -46.41 27.98 12.67
C ASN A 152 -45.22 28.22 11.72
N PRO A 153 -44.92 29.49 11.40
CA PRO A 153 -43.80 29.77 10.50
C PRO A 153 -42.46 29.17 10.95
N GLY A 154 -41.86 28.44 10.05
CA GLY A 154 -40.58 27.80 10.31
C GLY A 154 -40.68 26.31 10.56
N LEU A 155 -41.80 25.87 11.14
CA LEU A 155 -42.00 24.48 11.47
C LEU A 155 -42.69 23.67 10.34
N SER A 156 -42.45 22.34 10.36
CA SER A 156 -43.02 21.36 9.45
C SER A 156 -43.02 20.00 10.17
N VAL A 157 -43.89 19.10 9.74
CA VAL A 157 -44.06 17.81 10.38
C VAL A 157 -43.78 16.66 9.42
N GLU A 158 -43.31 15.52 9.95
CA GLU A 158 -42.97 14.37 9.12
C GLU A 158 -43.10 13.08 9.90
N ILE A 159 -43.70 12.03 9.31
CA ILE A 159 -43.78 10.73 9.95
C ILE A 159 -42.92 9.75 9.19
N LYS A 160 -42.07 9.03 9.92
CA LYS A 160 -41.20 8.03 9.32
C LYS A 160 -41.49 6.66 9.94
N ALA A 161 -41.36 5.60 9.13
CA ALA A 161 -41.52 4.24 9.63
C ALA A 161 -40.15 3.76 10.18
N PHE A 162 -40.19 2.92 11.21
CA PHE A 162 -39.01 2.34 11.85
C PHE A 162 -39.29 0.86 12.10
N TYR A 163 -38.23 0.06 12.20
CA TYR A 163 -38.35 -1.37 12.45
C TYR A 163 -39.27 -2.09 11.45
N GLY A 164 -39.12 -1.77 10.17
CA GLY A 164 -39.92 -2.38 9.11
C GLY A 164 -41.41 -2.16 9.22
N GLY A 165 -41.81 -1.02 9.82
CA GLY A 165 -43.21 -0.67 10.00
C GLY A 165 -43.79 -1.01 11.35
N ASN A 166 -42.94 -1.26 12.35
CA ASN A 166 -43.42 -1.59 13.71
C ASN A 166 -43.40 -0.42 14.68
N LEU A 167 -42.78 0.70 14.29
CA LEU A 167 -42.71 1.88 15.13
C LEU A 167 -42.78 3.10 14.22
N TYR A 168 -43.46 4.15 14.67
CA TYR A 168 -43.58 5.37 13.88
C TYR A 168 -43.28 6.56 14.74
N LEU A 169 -42.54 7.51 14.20
CA LEU A 169 -42.23 8.73 14.93
C LEU A 169 -42.59 9.92 14.06
N MET A 170 -43.12 10.96 14.69
CA MET A 170 -43.41 12.21 14.03
C MET A 170 -42.31 13.18 14.46
N PHE A 171 -41.77 13.91 13.51
CA PHE A 171 -40.71 14.85 13.76
C PHE A 171 -41.19 16.24 13.44
N THR A 172 -41.01 17.17 14.39
CA THR A 172 -41.34 18.57 14.15
C THR A 172 -40.01 19.22 13.82
N LYS A 173 -39.87 19.66 12.57
CA LYS A 173 -38.62 20.21 12.06
C LYS A 173 -38.67 21.72 11.88
N LYS A 174 -37.62 22.43 12.29
CA LYS A 174 -37.51 23.87 12.11
C LYS A 174 -36.41 24.10 11.08
N THR A 175 -36.75 24.57 9.87
CA THR A 175 -35.78 24.74 8.79
C THR A 175 -35.33 26.17 8.56
N TYR A 176 -34.02 26.43 8.57
CA TYR A 176 -33.46 27.76 8.30
C TYR A 176 -32.77 27.70 6.94
N THR A 177 -33.05 28.65 6.04
CA THR A 177 -32.47 28.61 4.70
C THR A 177 -31.49 29.73 4.40
N ASP A 178 -31.18 30.58 5.39
CA ASP A 178 -30.15 31.60 5.21
C ASP A 178 -28.98 31.14 6.06
N VAL A 179 -28.10 30.29 5.49
CA VAL A 179 -26.95 29.74 6.21
C VAL A 179 -25.73 30.21 5.45
N ARG A 180 -24.93 31.10 6.07
CA ARG A 180 -23.80 31.70 5.38
C ARG A 180 -22.44 31.10 5.71
N LEU A 181 -21.56 31.02 4.70
CA LEU A 181 -20.19 30.54 4.86
C LEU A 181 -19.44 31.55 5.74
N VAL A 182 -18.78 31.05 6.79
CA VAL A 182 -18.05 31.89 7.74
C VAL A 182 -16.54 31.63 7.65
N GLY A 183 -16.17 30.37 7.60
CA GLY A 183 -14.77 29.99 7.53
C GLY A 183 -14.54 28.62 6.93
N ALA A 184 -13.36 28.39 6.37
CA ALA A 184 -13.02 27.11 5.79
C ALA A 184 -11.52 27.05 5.67
N PRO A 185 -10.92 25.92 6.07
CA PRO A 185 -9.47 25.78 5.88
C PRO A 185 -9.16 25.59 4.39
N PRO A 186 -7.90 25.78 3.96
CA PRO A 186 -7.56 25.49 2.56
C PRO A 186 -7.83 24.03 2.23
N SER A 187 -8.06 23.68 0.95
CA SER A 187 -8.30 22.27 0.60
C SER A 187 -7.17 21.34 1.02
N SER A 188 -5.95 21.87 1.18
CA SER A 188 -4.81 21.08 1.63
C SER A 188 -5.00 20.55 3.06
N ILE A 189 -5.82 21.24 3.89
CA ILE A 189 -6.10 20.80 5.25
C ILE A 189 -7.44 20.08 5.28
N GLY A 190 -8.46 20.70 4.70
CA GLY A 190 -9.81 20.16 4.64
C GLY A 190 -9.92 18.80 3.97
N LYS A 191 -9.09 18.57 2.95
CA LYS A 191 -9.00 17.29 2.26
C LYS A 191 -7.56 16.88 2.07
N PHE A 192 -6.83 16.75 3.19
CA PHE A 192 -5.43 16.35 3.16
C PHE A 192 -5.18 14.99 2.53
N GLY A 193 -5.89 13.96 2.98
CA GLY A 193 -5.69 12.63 2.39
C GLY A 193 -6.16 12.58 0.95
N ALA A 194 -7.20 13.36 0.66
CA ALA A 194 -7.93 13.48 -0.61
C ALA A 194 -8.50 12.05 -1.02
N ASP A 195 -8.12 11.40 -2.14
CA ASP A 195 -8.66 10.10 -2.49
C ASP A 195 -7.84 8.93 -1.95
N THR A 196 -6.54 9.15 -1.70
CA THR A 196 -5.64 8.12 -1.17
C THR A 196 -6.05 7.69 0.24
N ASP A 197 -6.31 8.68 1.12
CA ASP A 197 -6.69 8.39 2.49
C ASP A 197 -8.20 8.24 2.71
N ASN A 198 -9.01 8.26 1.65
CA ASN A 198 -10.46 8.08 1.76
C ASN A 198 -10.75 6.67 2.33
N TRP A 199 -11.61 6.58 3.37
CA TRP A 199 -11.93 5.33 4.09
C TRP A 199 -10.70 4.80 4.87
N ILE A 200 -9.65 5.62 5.09
CA ILE A 200 -8.44 5.14 5.73
C ILE A 200 -8.19 5.72 7.14
N TRP A 201 -7.78 4.84 8.04
CA TRP A 201 -7.29 5.18 9.36
C TRP A 201 -5.93 4.47 9.47
N PRO A 202 -4.83 5.14 9.89
CA PRO A 202 -4.74 6.52 10.39
C PRO A 202 -5.14 7.58 9.38
N ARG A 203 -5.60 8.72 9.84
CA ARG A 203 -6.07 9.78 8.99
C ARG A 203 -5.56 11.09 9.54
N HIS A 204 -5.17 12.04 8.67
CA HIS A 204 -4.60 13.31 9.10
C HIS A 204 -5.28 14.52 8.46
N THR A 205 -6.57 14.40 8.24
CA THR A 205 -7.37 15.40 7.55
C THR A 205 -8.12 16.34 8.51
N GLY A 206 -7.97 17.64 8.31
CA GLY A 206 -8.69 18.66 9.07
C GLY A 206 -10.00 18.99 8.38
N ASP A 207 -10.85 17.98 8.26
CA ASP A 207 -12.14 18.02 7.60
C ASP A 207 -13.19 18.83 8.37
N PHE A 208 -13.13 20.15 8.22
CA PHE A 208 -14.12 21.03 8.84
C PHE A 208 -14.36 22.28 7.97
N SER A 209 -15.53 22.89 8.15
CA SER A 209 -15.94 24.17 7.56
C SER A 209 -16.91 24.81 8.54
N ILE A 210 -16.92 26.14 8.57
CA ILE A 210 -17.73 26.94 9.47
C ILE A 210 -18.78 27.73 8.69
N PHE A 211 -20.01 27.75 9.21
CA PHE A 211 -21.16 28.45 8.67
C PHE A 211 -21.88 29.21 9.80
N ARG A 212 -22.92 29.97 9.48
CA ARG A 212 -23.71 30.68 10.48
C ARG A 212 -25.15 30.69 10.06
N ILE A 213 -26.05 30.42 11.00
CA ILE A 213 -27.48 30.47 10.73
C ILE A 213 -27.96 31.91 10.88
N TYR A 214 -28.66 32.41 9.86
CA TYR A 214 -29.29 33.73 9.89
C TYR A 214 -30.80 33.56 9.94
N ALA A 215 -31.48 34.52 10.56
CA ALA A 215 -32.94 34.48 10.75
C ALA A 215 -33.52 35.95 10.78
N ASP A 216 -34.86 36.12 10.92
CA ASP A 216 -35.46 37.45 11.04
C ASP A 216 -35.15 38.03 12.45
N LYS A 217 -35.60 39.27 12.74
CA LYS A 217 -35.36 39.92 14.03
C LYS A 217 -35.79 39.07 15.24
N ASN A 218 -36.81 38.22 15.06
CA ASN A 218 -37.30 37.38 16.15
C ASN A 218 -36.69 35.98 16.22
N GLY A 219 -35.70 35.69 15.39
CA GLY A 219 -35.06 34.38 15.37
C GLY A 219 -35.85 33.32 14.61
N ASN A 220 -36.84 33.73 13.82
CA ASN A 220 -37.65 32.80 13.03
C ASN A 220 -37.02 32.57 11.67
N PRO A 221 -37.17 31.35 11.10
CA PRO A 221 -36.60 31.09 9.78
C PRO A 221 -37.02 32.10 8.71
N ALA A 222 -36.07 32.49 7.88
CA ALA A 222 -36.33 33.46 6.81
C ALA A 222 -35.35 33.20 5.68
N PRO A 223 -35.80 33.23 4.42
CA PRO A 223 -34.84 33.07 3.31
C PRO A 223 -33.87 34.26 3.26
N TYR A 224 -32.76 34.15 2.51
CA TYR A 224 -31.78 35.24 2.45
C TYR A 224 -32.40 36.65 2.21
N SER A 225 -32.03 37.58 3.08
CA SER A 225 -32.38 38.99 3.08
C SER A 225 -31.22 39.75 3.72
N GLU A 226 -30.87 40.94 3.18
CA GLU A 226 -29.81 41.75 3.76
C GLU A 226 -30.14 42.17 5.22
N ASP A 227 -31.44 42.15 5.58
CA ASP A 227 -31.96 42.49 6.91
C ASP A 227 -31.82 41.34 7.93
N ASN A 228 -31.47 40.12 7.46
CA ASN A 228 -31.35 38.98 8.35
C ASN A 228 -30.21 39.16 9.34
N VAL A 229 -30.45 38.67 10.57
CA VAL A 229 -29.57 38.79 11.70
C VAL A 229 -29.21 37.39 12.24
N PRO A 230 -27.99 37.19 12.79
CA PRO A 230 -27.62 35.86 13.31
C PRO A 230 -28.64 35.25 14.27
N LEU A 231 -28.83 33.94 14.22
CA LEU A 231 -29.79 33.28 15.10
C LEU A 231 -29.22 33.19 16.52
N LYS A 232 -30.07 33.39 17.53
CA LYS A 232 -29.68 33.20 18.92
C LYS A 232 -30.31 31.85 19.19
N PRO A 233 -29.50 30.77 19.22
CA PRO A 233 -30.08 29.43 19.36
C PRO A 233 -30.58 29.08 20.75
N LYS A 234 -31.50 28.10 20.83
CA LYS A 234 -32.04 27.55 22.09
C LYS A 234 -30.87 27.02 22.94
N ARG A 235 -29.91 26.33 22.27
CA ARG A 235 -28.77 25.65 22.87
C ARG A 235 -27.58 25.56 21.88
N PHE A 236 -26.36 25.59 22.39
CA PHE A 236 -25.15 25.42 21.61
C PHE A 236 -24.14 24.57 22.36
N PHE A 237 -23.18 23.99 21.65
CA PHE A 237 -22.14 23.16 22.27
C PHE A 237 -21.03 24.00 22.86
N ASN A 238 -20.47 23.56 23.99
CA ASN A 238 -19.28 24.19 24.56
C ASN A 238 -18.09 23.44 23.94
N ILE A 239 -17.01 24.13 23.61
CA ILE A 239 -15.83 23.49 23.05
C ILE A 239 -14.89 23.05 24.18
N SER A 240 -14.54 21.76 24.24
CA SER A 240 -13.61 21.30 25.27
C SER A 240 -12.16 21.34 24.80
N LEU A 241 -11.27 21.89 25.63
CA LEU A 241 -9.84 21.86 25.32
C LEU A 241 -9.07 20.78 26.11
N GLY A 242 -9.78 20.00 26.94
CA GLY A 242 -9.22 18.89 27.71
C GLY A 242 -8.72 17.75 26.87
N GLY A 243 -9.21 17.66 25.64
CA GLY A 243 -8.78 16.65 24.68
C GLY A 243 -9.29 15.26 24.93
N VAL A 244 -8.63 14.28 24.33
CA VAL A 244 -9.00 12.88 24.48
C VAL A 244 -7.79 12.03 24.87
N GLN A 245 -8.08 10.97 25.59
CA GLN A 245 -7.12 9.96 26.00
C GLN A 245 -7.68 8.61 25.60
N GLU A 246 -6.83 7.61 25.45
CA GLU A 246 -7.27 6.26 25.09
C GLU A 246 -8.25 5.72 26.13
N ASN A 247 -9.36 5.13 25.67
CA ASN A 247 -10.45 4.56 26.46
C ASN A 247 -11.49 5.58 26.94
N ASP A 248 -11.29 6.88 26.66
CA ASP A 248 -12.25 7.89 27.08
C ASP A 248 -13.59 7.67 26.44
N TYR A 249 -14.67 7.91 27.18
CA TYR A 249 -16.03 7.81 26.69
C TYR A 249 -16.24 8.86 25.61
N ALA A 250 -16.86 8.46 24.50
CA ALA A 250 -17.23 9.40 23.45
C ALA A 250 -18.65 9.09 22.96
N MET A 251 -19.39 10.12 22.57
CA MET A 251 -20.73 9.93 22.03
C MET A 251 -20.98 10.85 20.85
N ILE A 252 -21.90 10.48 19.98
CA ILE A 252 -22.21 11.25 18.78
C ILE A 252 -23.71 11.30 18.60
N MET A 253 -24.21 12.42 18.07
CA MET A 253 -25.57 12.65 17.64
C MET A 253 -25.51 13.08 16.17
N GLY A 254 -26.41 12.57 15.35
CA GLY A 254 -26.38 12.86 13.92
C GLY A 254 -27.42 12.10 13.13
N PHE A 255 -27.32 12.15 11.81
CA PHE A 255 -28.33 11.56 10.95
C PHE A 255 -27.82 10.43 10.05
N PRO A 256 -27.55 9.23 10.62
CA PRO A 256 -27.12 8.11 9.78
C PRO A 256 -28.19 7.78 8.75
N GLY A 257 -27.77 7.70 7.50
CA GLY A 257 -28.66 7.50 6.37
C GLY A 257 -29.30 6.14 6.26
N THR A 258 -28.50 5.06 6.05
CA THR A 258 -29.08 3.71 5.86
C THR A 258 -28.23 2.61 6.40
N THR A 259 -28.88 1.55 6.91
CA THR A 259 -28.24 0.30 7.35
C THR A 259 -29.17 -0.85 6.93
N HIS A 260 -28.69 -2.10 7.02
CA HIS A 260 -29.45 -3.31 6.71
C HIS A 260 -29.13 -4.36 7.74
N ARG A 261 -29.30 -4.01 9.02
CA ARG A 261 -29.10 -4.79 10.23
C ARG A 261 -30.00 -6.04 10.26
N TYR A 262 -31.15 -5.99 9.57
CA TYR A 262 -32.11 -7.09 9.64
C TYR A 262 -32.20 -7.92 8.36
N PHE A 263 -31.11 -7.91 7.58
CA PHE A 263 -30.98 -8.73 6.38
C PHE A 263 -31.03 -10.19 6.79
N THR A 264 -31.63 -11.04 5.95
CA THR A 264 -31.58 -12.47 6.22
C THR A 264 -30.21 -12.95 5.68
N ALA A 265 -29.81 -14.17 6.02
CA ALA A 265 -28.58 -14.75 5.49
C ALA A 265 -28.64 -14.83 3.95
N SER A 266 -29.84 -15.12 3.38
CA SER A 266 -30.03 -15.17 1.93
C SER A 266 -29.80 -13.80 1.28
N GLU A 267 -30.18 -12.71 1.97
CA GLU A 267 -29.97 -11.35 1.49
C GLU A 267 -28.50 -10.98 1.52
N VAL A 268 -27.74 -11.49 2.50
CA VAL A 268 -26.29 -11.28 2.59
C VAL A 268 -25.61 -12.03 1.42
N ASP A 269 -26.08 -13.27 1.12
CA ASP A 269 -25.51 -14.05 0.00
C ASP A 269 -25.74 -13.32 -1.31
N GLU A 270 -26.94 -12.76 -1.48
CA GLU A 270 -27.34 -12.06 -2.67
C GLU A 270 -26.53 -10.77 -2.88
N TRP A 271 -26.32 -10.03 -1.80
CA TRP A 271 -25.56 -8.80 -1.79
C TRP A 271 -24.11 -9.09 -2.19
N LYS A 272 -23.55 -10.20 -1.71
CA LYS A 272 -22.20 -10.60 -2.05
C LYS A 272 -22.12 -11.09 -3.51
N SER A 273 -22.82 -12.18 -3.83
CA SER A 273 -22.74 -12.91 -5.09
C SER A 273 -23.33 -12.23 -6.30
N ILE A 274 -24.25 -11.29 -6.10
CA ILE A 274 -24.81 -10.57 -7.24
C ILE A 274 -24.35 -9.10 -7.21
N ASP A 275 -24.87 -8.30 -6.26
CA ASP A 275 -24.59 -6.88 -6.14
C ASP A 275 -23.09 -6.57 -6.15
N ASN A 276 -22.34 -7.04 -5.13
CA ASN A 276 -20.92 -6.76 -5.01
C ASN A 276 -20.06 -7.45 -6.07
N ASP A 277 -20.18 -8.77 -6.28
CA ASP A 277 -19.35 -9.45 -7.29
C ASP A 277 -19.47 -8.85 -8.71
N ILE A 278 -20.67 -8.45 -9.14
CA ILE A 278 -20.87 -7.86 -10.46
C ILE A 278 -20.28 -6.45 -10.49
N ARG A 279 -20.52 -5.65 -9.47
CA ARG A 279 -19.97 -4.30 -9.37
C ARG A 279 -18.42 -4.35 -9.36
N ILE A 280 -17.82 -5.26 -8.59
CA ILE A 280 -16.38 -5.43 -8.53
C ILE A 280 -15.84 -5.87 -9.90
N ARG A 281 -16.42 -6.93 -10.50
CA ARG A 281 -15.95 -7.41 -11.79
C ARG A 281 -16.03 -6.35 -12.90
N MET A 282 -17.19 -5.73 -13.06
CA MET A 282 -17.43 -4.75 -14.11
C MET A 282 -16.67 -3.45 -13.94
N ARG A 283 -16.60 -2.92 -12.72
CA ARG A 283 -15.84 -1.70 -12.48
C ARG A 283 -14.34 -1.93 -12.64
N ASP A 284 -13.85 -3.15 -12.35
CA ASP A 284 -12.44 -3.47 -12.54
C ASP A 284 -12.07 -3.42 -14.03
N ILE A 285 -12.96 -3.90 -14.90
CA ILE A 285 -12.72 -3.86 -16.34
C ILE A 285 -12.74 -2.41 -16.84
N ARG A 286 -13.73 -1.65 -16.42
CA ARG A 286 -13.88 -0.25 -16.82
C ARG A 286 -12.70 0.60 -16.39
N GLN A 287 -12.33 0.51 -15.10
CA GLN A 287 -11.24 1.24 -14.47
C GLN A 287 -9.89 0.87 -15.06
N GLY A 288 -9.72 -0.41 -15.41
CA GLY A 288 -8.51 -0.87 -16.06
C GLY A 288 -8.27 -0.16 -17.38
N VAL A 289 -9.31 -0.06 -18.23
CA VAL A 289 -9.16 0.59 -19.54
C VAL A 289 -8.92 2.09 -19.37
N MET A 290 -9.67 2.71 -18.44
CA MET A 290 -9.52 4.13 -18.14
C MET A 290 -8.11 4.46 -17.67
N LEU A 291 -7.56 3.60 -16.81
CA LEU A 291 -6.21 3.79 -16.29
C LEU A 291 -5.17 3.75 -17.39
N ARG A 292 -5.22 2.73 -18.27
CA ARG A 292 -4.31 2.59 -19.42
C ARG A 292 -4.31 3.85 -20.27
N GLU A 293 -5.49 4.41 -20.50
CA GLU A 293 -5.66 5.60 -21.32
C GLU A 293 -5.22 6.88 -20.63
N MET A 294 -5.46 6.98 -19.33
CA MET A 294 -5.07 8.18 -18.58
C MET A 294 -3.57 8.30 -18.47
N LEU A 295 -2.88 7.17 -18.21
CA LEU A 295 -1.43 7.17 -18.12
C LEU A 295 -0.78 7.48 -19.48
N ALA A 296 -1.39 7.02 -20.58
CA ALA A 296 -0.86 7.24 -21.93
C ALA A 296 -1.01 8.67 -22.48
N ASP A 297 -2.07 9.38 -22.07
CA ASP A 297 -2.32 10.72 -22.59
C ASP A 297 -2.68 11.62 -21.41
N PRO A 298 -1.86 12.64 -21.12
CA PRO A 298 -2.17 13.55 -19.99
C PRO A 298 -3.48 14.32 -20.15
N GLN A 299 -3.93 14.51 -21.40
CA GLN A 299 -5.18 15.19 -21.68
C GLN A 299 -6.35 14.25 -21.28
N ILE A 300 -6.23 12.93 -21.51
CA ILE A 300 -7.23 11.94 -21.12
C ILE A 300 -7.29 11.82 -19.59
N LYS A 301 -6.14 12.01 -18.90
CA LYS A 301 -6.11 11.98 -17.45
C LYS A 301 -6.93 13.17 -16.90
N ILE A 302 -6.81 14.36 -17.52
CA ILE A 302 -7.60 15.53 -17.12
C ILE A 302 -9.09 15.25 -17.30
N MET A 303 -9.47 14.77 -18.49
CA MET A 303 -10.86 14.48 -18.84
C MET A 303 -11.52 13.38 -18.01
N TYR A 304 -10.80 12.28 -17.74
CA TYR A 304 -11.41 11.12 -17.08
C TYR A 304 -11.10 10.95 -15.61
N SER A 305 -10.34 11.86 -15.00
CA SER A 305 -9.99 11.73 -13.59
C SER A 305 -11.17 11.68 -12.65
N ALA A 306 -12.17 12.53 -12.85
CA ALA A 306 -13.33 12.55 -11.96
C ALA A 306 -14.22 11.33 -12.21
N LYS A 307 -14.34 10.88 -13.47
CA LYS A 307 -15.12 9.69 -13.81
C LYS A 307 -14.48 8.43 -13.24
N TYR A 308 -13.15 8.38 -13.28
CA TYR A 308 -12.39 7.26 -12.75
C TYR A 308 -12.56 7.21 -11.25
N ALA A 309 -12.38 8.36 -10.57
CA ALA A 309 -12.52 8.44 -9.12
C ALA A 309 -13.92 8.10 -8.64
N ALA A 310 -14.95 8.54 -9.38
CA ALA A 310 -16.33 8.25 -9.03
C ALA A 310 -16.60 6.74 -9.12
N SER A 311 -16.10 6.08 -10.17
CA SER A 311 -16.27 4.66 -10.35
C SER A 311 -15.62 3.89 -9.21
N GLN A 312 -14.41 4.33 -8.79
CA GLN A 312 -13.62 3.73 -7.71
C GLN A 312 -14.28 3.77 -6.35
N ASN A 313 -15.15 4.74 -6.11
CA ASN A 313 -15.87 4.93 -4.86
C ASN A 313 -16.72 3.71 -4.44
N ALA A 314 -17.78 3.36 -5.22
CA ALA A 314 -18.59 2.20 -4.88
C ALA A 314 -17.86 0.86 -5.11
N TYR A 315 -16.79 0.88 -5.91
CA TYR A 315 -15.92 -0.25 -6.16
C TYR A 315 -15.16 -0.55 -4.86
N LYS A 316 -14.52 0.47 -4.24
CA LYS A 316 -13.80 0.28 -2.98
C LYS A 316 -14.73 -0.17 -1.87
N ARG A 317 -15.95 0.36 -1.86
CA ARG A 317 -16.96 0.02 -0.85
C ARG A 317 -17.38 -1.42 -0.99
N ALA A 318 -17.57 -1.90 -2.22
CA ALA A 318 -17.95 -3.29 -2.49
C ALA A 318 -16.82 -4.25 -2.09
N ILE A 319 -15.54 -3.86 -2.32
CA ILE A 319 -14.39 -4.66 -1.92
C ILE A 319 -14.36 -4.79 -0.39
N GLY A 320 -14.58 -3.67 0.31
CA GLY A 320 -14.58 -3.58 1.77
C GLY A 320 -15.72 -4.39 2.37
N ALA A 321 -16.90 -4.35 1.70
CA ALA A 321 -18.11 -5.07 2.14
C ALA A 321 -17.92 -6.55 1.96
N ASN A 322 -17.32 -6.98 0.83
CA ASN A 322 -17.05 -8.39 0.58
C ASN A 322 -15.96 -8.94 1.51
N TRP A 323 -15.04 -8.09 1.98
CA TRP A 323 -14.02 -8.48 2.94
C TRP A 323 -14.71 -8.87 4.25
N ALA A 324 -15.69 -8.06 4.70
CA ALA A 324 -16.41 -8.33 5.93
C ALA A 324 -17.24 -9.59 5.82
N ILE A 325 -17.91 -9.81 4.67
CA ILE A 325 -18.73 -11.00 4.49
C ILE A 325 -17.89 -12.26 4.60
N LYS A 326 -16.66 -12.20 4.04
CA LYS A 326 -15.73 -13.31 4.04
C LYS A 326 -15.03 -13.55 5.39
N THR A 327 -14.55 -12.49 6.03
CA THR A 327 -13.72 -12.63 7.23
C THR A 327 -14.43 -12.44 8.56
N ARG A 328 -15.51 -11.66 8.59
CA ARG A 328 -16.22 -11.37 9.82
C ARG A 328 -17.45 -12.26 10.10
N GLY A 329 -17.75 -13.18 9.19
CA GLY A 329 -18.88 -14.09 9.34
C GLY A 329 -20.23 -13.40 9.41
N LEU A 330 -20.50 -12.47 8.48
CA LEU A 330 -21.77 -11.74 8.49
C LEU A 330 -22.93 -12.62 8.13
N ARG A 331 -22.76 -13.50 7.15
CA ARG A 331 -23.82 -14.39 6.70
C ARG A 331 -24.24 -15.34 7.83
N GLN A 332 -23.26 -15.87 8.56
CA GLN A 332 -23.45 -16.80 9.65
C GLN A 332 -24.16 -16.15 10.82
N ASN A 333 -23.82 -14.90 11.12
CA ASN A 333 -24.46 -14.19 12.22
C ASN A 333 -25.91 -13.83 11.93
N LYS A 334 -26.25 -13.58 10.67
CA LYS A 334 -27.64 -13.31 10.28
C LYS A 334 -28.45 -14.61 10.31
N GLN A 335 -27.82 -15.72 9.91
CA GLN A 335 -28.38 -17.05 9.92
C GLN A 335 -28.65 -17.44 11.38
N ALA A 336 -27.72 -17.15 12.30
CA ALA A 336 -27.87 -17.45 13.72
C ALA A 336 -29.02 -16.65 14.33
N MET A 337 -29.17 -15.39 13.91
CA MET A 337 -30.21 -14.50 14.35
C MET A 337 -31.58 -15.03 13.93
N GLN A 338 -31.74 -15.43 12.66
CA GLN A 338 -33.02 -15.92 12.19
C GLN A 338 -33.36 -17.30 12.76
N ASP A 339 -32.34 -18.17 12.98
CA ASP A 339 -32.59 -19.49 13.56
C ASP A 339 -33.01 -19.39 15.01
N ARG A 340 -32.42 -18.45 15.73
CA ARG A 340 -32.74 -18.20 17.14
C ARG A 340 -34.20 -17.75 17.26
N LEU A 341 -34.67 -16.90 16.33
CA LEU A 341 -36.06 -16.44 16.31
C LEU A 341 -37.03 -17.58 15.98
N ILE A 342 -36.69 -18.39 14.97
CA ILE A 342 -37.50 -19.53 14.52
C ILE A 342 -37.68 -20.55 15.66
N ALA A 343 -36.63 -20.76 16.46
CA ALA A 343 -36.64 -21.68 17.60
C ALA A 343 -37.56 -21.18 18.70
N TRP A 344 -37.54 -19.88 18.95
CA TRP A 344 -38.36 -19.20 19.95
C TRP A 344 -39.83 -19.19 19.51
N GLY A 345 -40.08 -18.95 18.23
CA GLY A 345 -41.41 -18.96 17.65
C GLY A 345 -42.07 -20.32 17.72
N ALA A 346 -41.26 -21.38 17.59
CA ALA A 346 -41.75 -22.75 17.70
C ALA A 346 -42.16 -23.04 19.15
N LYS A 347 -41.36 -22.55 20.12
CA LYS A 347 -41.64 -22.70 21.55
C LYS A 347 -42.89 -21.92 21.96
N GLN A 348 -43.15 -20.78 21.30
CA GLN A 348 -44.34 -19.96 21.56
C GLN A 348 -45.59 -20.46 20.82
N GLY A 349 -45.45 -21.34 19.84
CA GLY A 349 -46.56 -21.85 19.04
C GLY A 349 -47.03 -20.85 18.00
N THR A 350 -46.11 -20.01 17.48
CA THR A 350 -46.41 -18.98 16.48
C THR A 350 -45.49 -19.14 15.27
N PRO A 351 -45.97 -19.81 14.21
CA PRO A 351 -45.10 -20.06 13.05
C PRO A 351 -44.89 -18.90 12.09
N ARG A 352 -45.54 -17.75 12.32
CA ARG A 352 -45.46 -16.63 11.38
C ARG A 352 -44.05 -16.07 11.16
N TYR A 353 -43.14 -16.25 12.13
CA TYR A 353 -41.78 -15.75 11.99
C TYR A 353 -40.97 -16.64 11.07
N GLU A 354 -41.14 -17.95 11.20
CA GLU A 354 -40.48 -18.90 10.32
C GLU A 354 -41.01 -18.73 8.90
N GLU A 355 -42.35 -18.56 8.77
CA GLU A 355 -43.04 -18.32 7.50
C GLU A 355 -42.52 -17.04 6.82
N ALA A 356 -42.21 -15.99 7.62
CA ALA A 356 -41.67 -14.73 7.13
C ALA A 356 -40.25 -14.86 6.61
N VAL A 357 -39.38 -15.60 7.31
CA VAL A 357 -38.00 -15.80 6.84
C VAL A 357 -38.04 -16.62 5.54
N HIS A 358 -38.88 -17.69 5.52
CA HIS A 358 -39.08 -18.52 4.33
C HIS A 358 -39.54 -17.68 3.15
N GLU A 359 -40.47 -16.73 3.38
CA GLU A 359 -40.97 -15.84 2.34
C GLU A 359 -39.83 -15.02 1.72
N ILE A 360 -38.98 -14.41 2.57
CA ILE A 360 -37.84 -13.62 2.12
C ILE A 360 -36.89 -14.49 1.32
N ASP A 361 -36.52 -15.66 1.87
CA ASP A 361 -35.64 -16.64 1.23
C ASP A 361 -36.15 -17.08 -0.13
N ALA A 362 -37.46 -17.38 -0.25
CA ALA A 362 -38.03 -17.83 -1.51
C ALA A 362 -38.06 -16.70 -2.55
N THR A 363 -38.28 -15.46 -2.11
CA THR A 363 -38.33 -14.31 -3.00
C THR A 363 -36.95 -14.02 -3.51
N VAL A 364 -35.93 -14.04 -2.62
CA VAL A 364 -34.54 -13.81 -3.00
C VAL A 364 -34.10 -14.87 -4.02
N ALA A 365 -34.45 -16.14 -3.75
CA ALA A 365 -34.14 -17.23 -4.66
C ALA A 365 -34.80 -17.05 -6.03
N LYS A 366 -36.08 -16.68 -6.05
CA LYS A 366 -36.83 -16.47 -7.28
C LYS A 366 -36.32 -15.30 -8.15
N ARG A 367 -35.91 -14.19 -7.53
CA ARG A 367 -35.45 -13.03 -8.31
C ARG A 367 -33.96 -13.07 -8.71
N ALA A 368 -33.23 -14.13 -8.35
CA ALA A 368 -31.80 -14.29 -8.61
C ALA A 368 -31.35 -14.08 -10.08
N ASP A 369 -31.96 -14.77 -11.06
CA ASP A 369 -31.54 -14.61 -12.45
C ASP A 369 -31.87 -13.22 -12.98
N LEU A 370 -33.03 -12.68 -12.58
CA LEU A 370 -33.45 -11.34 -12.97
C LEU A 370 -32.52 -10.26 -12.40
N ARG A 371 -32.23 -10.32 -11.09
CA ARG A 371 -31.36 -9.38 -10.39
C ARG A 371 -29.94 -9.43 -10.96
N ARG A 372 -29.46 -10.62 -11.34
CA ARG A 372 -28.14 -10.81 -11.93
C ARG A 372 -28.07 -10.07 -13.27
N ARG A 373 -29.12 -10.20 -14.10
CA ARG A 373 -29.20 -9.53 -15.39
C ARG A 373 -29.31 -8.03 -15.23
N TYR A 374 -30.02 -7.56 -14.19
CA TYR A 374 -30.19 -6.13 -13.95
C TYR A 374 -28.86 -5.51 -13.57
N TRP A 375 -28.11 -6.18 -12.69
CA TRP A 375 -26.83 -5.70 -12.24
C TRP A 375 -25.79 -5.79 -13.35
N MET A 376 -25.89 -6.82 -14.19
CA MET A 376 -25.00 -6.98 -15.31
C MET A 376 -25.17 -5.83 -16.31
N ILE A 377 -26.41 -5.45 -16.63
CA ILE A 377 -26.65 -4.35 -17.56
C ILE A 377 -26.39 -2.97 -16.92
N GLU A 378 -26.70 -2.81 -15.62
CA GLU A 378 -26.49 -1.54 -14.94
C GLU A 378 -25.00 -1.22 -14.77
N GLU A 379 -24.21 -2.17 -14.29
CA GLU A 379 -22.77 -1.96 -14.12
C GLU A 379 -22.03 -2.05 -15.45
N GLY A 380 -22.44 -2.99 -16.28
CA GLY A 380 -21.77 -3.25 -17.55
C GLY A 380 -22.01 -2.25 -18.63
N ILE A 381 -23.27 -1.79 -18.80
CA ILE A 381 -23.60 -0.88 -19.90
C ILE A 381 -24.08 0.49 -19.45
N ILE A 382 -25.16 0.55 -18.62
CA ILE A 382 -25.76 1.81 -18.14
C ILE A 382 -24.71 2.73 -17.49
N ARG A 383 -23.90 2.20 -16.58
CA ARG A 383 -22.83 2.96 -15.97
C ARG A 383 -21.52 2.77 -16.72
N GLY A 384 -21.28 1.55 -17.17
CA GLY A 384 -20.02 1.18 -17.81
C GLY A 384 -19.68 1.83 -19.14
N ILE A 385 -20.68 2.07 -20.01
CA ILE A 385 -20.45 2.64 -21.35
C ILE A 385 -21.10 4.00 -21.51
N GLU A 386 -20.30 5.04 -21.75
CA GLU A 386 -20.79 6.40 -21.91
C GLU A 386 -21.78 6.59 -23.06
N PHE A 387 -21.58 5.90 -24.21
CA PHE A 387 -22.50 6.08 -25.33
C PHE A 387 -23.86 5.38 -25.10
N ALA A 388 -24.06 4.71 -23.96
CA ALA A 388 -25.38 4.19 -23.61
C ALA A 388 -26.28 5.38 -23.22
N ARG A 389 -25.69 6.46 -22.65
CA ARG A 389 -26.37 7.69 -22.29
C ARG A 389 -26.25 8.77 -23.37
N SER A 390 -26.16 8.35 -24.64
CA SER A 390 -26.12 9.22 -25.79
C SER A 390 -27.57 9.70 -26.11
N PRO A 391 -27.78 10.75 -26.94
CA PRO A 391 -29.14 11.24 -27.16
C PRO A 391 -30.12 10.26 -27.82
N ILE A 392 -31.32 10.16 -27.25
CA ILE A 392 -32.41 9.39 -27.80
C ILE A 392 -33.50 10.42 -28.11
N PRO A 393 -33.87 10.56 -29.40
CA PRO A 393 -34.90 11.53 -29.77
C PRO A 393 -36.23 11.21 -29.11
N THR A 394 -36.86 12.23 -28.52
CA THR A 394 -38.13 12.08 -27.80
C THR A 394 -39.32 11.76 -28.75
N GLU A 395 -40.51 11.49 -28.17
CA GLU A 395 -41.74 11.23 -28.93
C GLU A 395 -42.12 12.50 -29.71
N ASP A 396 -42.06 13.66 -29.02
CA ASP A 396 -42.37 14.96 -29.59
C ASP A 396 -41.29 15.38 -30.61
N GLU A 397 -40.01 15.08 -30.33
CA GLU A 397 -38.89 15.42 -31.22
C GLU A 397 -38.97 14.59 -32.50
N THR A 398 -39.36 13.32 -32.39
CA THR A 398 -39.51 12.46 -33.56
C THR A 398 -40.67 12.98 -34.42
N LYS A 399 -41.81 13.28 -33.79
CA LYS A 399 -43.01 13.79 -34.47
C LYS A 399 -42.79 15.16 -35.11
N ALA A 400 -41.95 16.02 -34.50
CA ALA A 400 -41.68 17.36 -35.02
C ALA A 400 -40.94 17.35 -36.34
N LEU A 401 -40.03 16.39 -36.53
CA LEU A 401 -39.25 16.31 -37.75
C LEU A 401 -39.99 15.67 -38.93
N GLN A 402 -41.09 14.95 -38.66
CA GLN A 402 -41.89 14.28 -39.70
C GLN A 402 -43.12 15.11 -40.07
N ASP A 405 -43.37 19.69 -40.40
CA ASP A 405 -43.77 20.65 -41.44
C ASP A 405 -43.86 22.09 -40.90
N ALA A 406 -43.12 22.41 -39.82
CA ALA A 406 -43.15 23.74 -39.18
C ALA A 406 -41.73 24.23 -38.77
N SER A 407 -41.56 25.50 -38.33
CA SER A 407 -40.26 25.97 -37.82
C SER A 407 -39.79 25.16 -36.59
N ALA A 408 -40.71 24.37 -35.96
CA ALA A 408 -40.46 23.48 -34.83
C ALA A 408 -39.48 22.32 -35.13
N ARG A 409 -39.12 22.16 -36.42
CA ARG A 409 -38.12 21.21 -36.88
C ARG A 409 -36.75 21.71 -36.37
N LYS A 410 -36.46 23.02 -36.53
CA LYS A 410 -35.22 23.63 -36.05
C LYS A 410 -35.14 23.62 -34.52
N GLU A 411 -36.29 23.63 -33.83
CA GLU A 411 -36.37 23.58 -32.37
C GLU A 411 -35.97 22.19 -31.88
N ALA A 412 -36.42 21.13 -32.60
CA ALA A 412 -36.10 19.74 -32.28
C ALA A 412 -34.59 19.48 -32.48
N ILE A 413 -34.01 19.99 -33.56
CA ILE A 413 -32.57 19.87 -33.82
C ILE A 413 -31.75 20.62 -32.78
N ASP A 414 -32.27 21.73 -32.25
CA ASP A 414 -31.56 22.47 -31.21
C ASP A 414 -31.63 21.72 -29.85
N LYS A 415 -32.75 21.03 -29.59
CA LYS A 415 -32.92 20.23 -28.38
C LYS A 415 -32.02 19.00 -28.42
N ILE A 416 -31.93 18.34 -29.59
CA ILE A 416 -31.07 17.18 -29.77
C ILE A 416 -29.61 17.60 -29.72
N ARG A 417 -29.26 18.75 -30.32
CA ARG A 417 -27.90 19.28 -30.30
C ARG A 417 -27.44 19.60 -28.87
N THR A 418 -28.35 20.10 -28.02
CA THR A 418 -27.99 20.43 -26.65
C THR A 418 -27.66 19.15 -25.87
N ARG A 419 -28.44 18.08 -26.08
CA ARG A 419 -28.20 16.79 -25.43
C ARG A 419 -26.94 16.13 -25.96
N TYR A 420 -26.66 16.30 -27.26
CA TYR A 420 -25.45 15.76 -27.88
C TYR A 420 -24.22 16.50 -27.31
N SER A 421 -24.31 17.82 -27.11
CA SER A 421 -23.20 18.59 -26.54
C SER A 421 -22.92 18.18 -25.09
N LYS A 422 -23.96 17.84 -24.33
CA LYS A 422 -23.82 17.39 -22.95
C LYS A 422 -23.15 16.01 -22.92
N PHE A 423 -23.47 15.13 -23.88
CA PHE A 423 -22.87 13.80 -23.98
C PHE A 423 -21.41 13.89 -24.48
N ALA A 424 -21.19 14.43 -25.68
CA ALA A 424 -19.85 14.59 -26.24
C ALA A 424 -19.25 15.92 -25.77
N ASN A 425 -19.03 16.07 -24.46
CA ASN A 425 -18.51 17.31 -23.87
C ASN A 425 -16.95 17.39 -23.88
N LYS A 426 -16.36 18.39 -23.17
CA LYS A 426 -14.91 18.59 -23.06
C LYS A 426 -14.17 17.41 -22.39
N ASP A 427 -14.90 16.62 -21.59
CA ASP A 427 -14.34 15.46 -20.90
C ASP A 427 -14.63 14.13 -21.60
N TYR A 428 -15.39 14.14 -22.70
CA TYR A 428 -15.71 12.92 -23.41
C TYR A 428 -14.72 12.65 -24.55
N SER A 429 -14.22 11.42 -24.60
CA SER A 429 -13.35 10.97 -25.67
C SER A 429 -14.02 9.73 -26.28
N ALA A 430 -14.37 9.81 -27.57
CA ALA A 430 -15.01 8.71 -28.28
C ALA A 430 -14.07 7.52 -28.37
N GLU A 431 -12.77 7.75 -28.58
CA GLU A 431 -11.80 6.69 -28.67
C GLU A 431 -11.66 5.92 -27.36
N VAL A 432 -11.63 6.63 -26.21
CA VAL A 432 -11.58 6.00 -24.90
C VAL A 432 -12.88 5.24 -24.67
N ASP A 433 -14.03 5.84 -25.02
CA ASP A 433 -15.32 5.20 -24.87
C ASP A 433 -15.48 3.93 -25.69
N LYS A 434 -14.91 3.91 -26.89
CA LYS A 434 -14.95 2.73 -27.75
C LYS A 434 -14.14 1.61 -27.10
N LYS A 435 -12.97 1.94 -26.52
CA LYS A 435 -12.11 0.95 -25.89
C LYS A 435 -12.76 0.38 -24.66
N VAL A 436 -13.40 1.24 -23.84
CA VAL A 436 -14.09 0.78 -22.64
C VAL A 436 -15.26 -0.09 -23.04
N ALA A 437 -16.05 0.37 -24.01
CA ALA A 437 -17.20 -0.40 -24.51
C ALA A 437 -16.81 -1.77 -25.02
N VAL A 438 -15.69 -1.91 -25.74
CA VAL A 438 -15.28 -3.22 -26.25
C VAL A 438 -15.00 -4.19 -25.09
N ALA A 439 -14.25 -3.75 -24.07
CA ALA A 439 -13.95 -4.58 -22.92
C ALA A 439 -15.20 -4.91 -22.07
N MET A 440 -16.09 -3.94 -21.88
CA MET A 440 -17.31 -4.13 -21.08
C MET A 440 -18.30 -5.04 -21.79
N LEU A 441 -18.47 -4.84 -23.10
CA LEU A 441 -19.40 -5.62 -23.90
C LEU A 441 -18.93 -7.05 -24.03
N THR A 442 -17.62 -7.28 -24.16
CA THR A 442 -17.05 -8.63 -24.26
C THR A 442 -17.39 -9.43 -23.01
N GLU A 443 -17.24 -8.81 -21.83
CA GLU A 443 -17.57 -9.44 -20.56
C GLU A 443 -19.07 -9.65 -20.43
N TYR A 444 -19.86 -8.63 -20.83
CA TYR A 444 -21.33 -8.67 -20.79
C TYR A 444 -21.89 -9.81 -21.66
N LEU A 445 -21.44 -9.93 -22.91
CA LEU A 445 -21.87 -10.96 -23.85
C LEU A 445 -21.50 -12.38 -23.41
N LYS A 446 -20.43 -12.49 -22.61
CA LYS A 446 -19.94 -13.72 -22.02
C LYS A 446 -20.91 -14.20 -20.92
N GLU A 447 -21.50 -13.26 -20.15
CA GLU A 447 -22.40 -13.56 -19.03
C GLU A 447 -23.89 -13.57 -19.35
N ILE A 448 -24.29 -12.83 -20.40
CA ILE A 448 -25.70 -12.75 -20.77
C ILE A 448 -25.95 -13.50 -22.07
N PRO A 449 -26.77 -14.56 -22.03
CA PRO A 449 -27.01 -15.34 -23.26
C PRO A 449 -27.79 -14.57 -24.33
N TYR A 450 -27.64 -14.97 -25.61
CA TYR A 450 -28.31 -14.34 -26.75
C TYR A 450 -29.78 -14.00 -26.51
N GLU A 451 -30.57 -14.97 -26.01
CA GLU A 451 -31.99 -14.81 -25.77
C GLU A 451 -32.34 -13.75 -24.72
N ASN A 452 -31.40 -13.41 -23.85
CA ASN A 452 -31.63 -12.40 -22.81
C ASN A 452 -30.93 -11.05 -23.10
N LEU A 453 -30.27 -10.92 -24.26
CA LEU A 453 -29.57 -9.71 -24.64
C LEU A 453 -30.53 -8.60 -25.00
N PRO A 454 -30.13 -7.32 -24.80
CA PRO A 454 -30.91 -6.21 -25.35
C PRO A 454 -30.85 -6.34 -26.88
N LEU A 455 -32.00 -6.24 -27.57
CA LEU A 455 -32.17 -6.48 -29.00
C LEU A 455 -31.01 -6.06 -29.91
N HIS A 456 -30.46 -4.84 -29.76
CA HIS A 456 -29.35 -4.39 -30.62
C HIS A 456 -28.06 -5.20 -30.47
N LEU A 457 -27.78 -5.70 -29.25
CA LEU A 457 -26.59 -6.51 -28.98
C LEU A 457 -26.63 -7.89 -29.65
N ARG A 458 -27.80 -8.32 -30.15
CA ARG A 458 -27.91 -9.56 -30.90
C ARG A 458 -27.13 -9.47 -32.23
N LEU A 459 -26.96 -8.24 -32.76
CA LEU A 459 -26.21 -7.97 -33.99
C LEU A 459 -24.74 -8.34 -33.87
N VAL A 460 -24.18 -8.44 -32.65
CA VAL A 460 -22.78 -8.82 -32.48
C VAL A 460 -22.56 -10.22 -33.07
N LYS A 461 -23.48 -11.15 -32.77
CA LYS A 461 -23.41 -12.50 -33.31
C LYS A 461 -23.96 -12.56 -34.74
N ASP A 462 -25.17 -12.03 -34.96
CA ASP A 462 -25.88 -12.10 -36.25
C ASP A 462 -25.24 -11.33 -37.42
N ARG A 463 -24.80 -10.10 -37.20
CA ARG A 463 -24.27 -9.25 -38.25
C ARG A 463 -22.74 -9.09 -38.24
N PHE A 464 -22.10 -9.15 -37.06
CA PHE A 464 -20.66 -8.90 -37.00
C PHE A 464 -19.80 -10.13 -36.75
N ALA A 465 -20.37 -11.33 -36.86
CA ALA A 465 -19.66 -12.60 -36.65
C ALA A 465 -18.89 -12.67 -35.32
N GLY A 466 -19.47 -12.10 -34.27
CA GLY A 466 -18.86 -12.09 -32.94
C GLY A 466 -17.84 -11.00 -32.70
N ASP A 467 -17.51 -10.20 -33.73
CA ASP A 467 -16.53 -9.13 -33.60
C ASP A 467 -17.11 -7.91 -32.87
N VAL A 468 -16.88 -7.84 -31.55
CA VAL A 468 -17.33 -6.75 -30.68
C VAL A 468 -16.70 -5.45 -31.14
N GLN A 469 -15.40 -5.47 -31.43
CA GLN A 469 -14.68 -4.30 -31.90
C GLN A 469 -15.29 -3.75 -33.21
N ALA A 470 -15.72 -4.62 -34.13
CA ALA A 470 -16.31 -4.19 -35.40
C ALA A 470 -17.67 -3.56 -35.19
N TYR A 471 -18.47 -4.13 -34.27
CA TYR A 471 -19.80 -3.66 -33.90
C TYR A 471 -19.72 -2.25 -33.28
N VAL A 472 -18.78 -2.04 -32.35
CA VAL A 472 -18.56 -0.75 -31.68
C VAL A 472 -18.01 0.24 -32.69
N ASP A 473 -17.10 -0.20 -33.58
CA ASP A 473 -16.54 0.66 -34.63
C ASP A 473 -17.65 1.14 -35.57
N ASP A 474 -18.58 0.25 -35.91
CA ASP A 474 -19.71 0.53 -36.80
C ASP A 474 -20.66 1.54 -36.18
N ILE A 475 -20.89 1.45 -34.85
CA ILE A 475 -21.76 2.40 -34.13
C ILE A 475 -21.25 3.83 -34.32
N PHE A 476 -19.95 4.05 -34.08
CA PHE A 476 -19.38 5.39 -34.21
C PHE A 476 -19.21 5.86 -35.64
N ALA A 477 -18.93 4.94 -36.57
CA ALA A 477 -18.72 5.27 -37.98
C ALA A 477 -20.01 5.71 -38.68
N ARG A 478 -21.13 5.02 -38.40
CA ARG A 478 -22.40 5.33 -39.05
C ARG A 478 -23.35 6.21 -38.24
N SER A 479 -23.07 6.44 -36.96
CA SER A 479 -23.98 7.24 -36.14
C SER A 479 -23.82 8.74 -36.25
N VAL A 480 -24.95 9.40 -36.21
CA VAL A 480 -25.07 10.85 -36.17
C VAL A 480 -24.33 11.43 -34.92
N PHE A 481 -24.23 10.65 -33.84
CA PHE A 481 -23.54 11.09 -32.63
C PHE A 481 -22.10 10.56 -32.52
N GLY A 482 -21.55 10.01 -33.61
CA GLY A 482 -20.21 9.46 -33.68
C GLY A 482 -19.12 10.51 -33.71
N SER A 483 -19.43 11.69 -34.21
CA SER A 483 -18.50 12.82 -34.28
C SER A 483 -19.29 14.11 -34.47
N GLU A 484 -18.64 15.26 -34.26
CA GLU A 484 -19.28 16.54 -34.44
C GLU A 484 -19.69 16.73 -35.91
N ALA A 485 -18.79 16.39 -36.84
CA ALA A 485 -19.05 16.49 -38.28
C ALA A 485 -20.24 15.65 -38.69
N GLN A 486 -20.34 14.42 -38.13
CA GLN A 486 -21.46 13.51 -38.42
C GLN A 486 -22.77 14.07 -37.89
N PHE A 487 -22.73 14.75 -36.73
CA PHE A 487 -23.93 15.39 -36.21
C PHE A 487 -24.36 16.57 -37.05
N ASP A 488 -23.42 17.48 -37.39
CA ASP A 488 -23.72 18.66 -38.19
C ASP A 488 -24.27 18.30 -39.57
N ALA A 489 -23.79 17.21 -40.15
CA ALA A 489 -24.28 16.72 -41.44
C ALA A 489 -25.72 16.28 -41.33
N PHE A 490 -26.10 15.66 -40.20
CA PHE A 490 -27.47 15.27 -39.91
C PHE A 490 -28.31 16.53 -39.68
N ALA A 491 -27.82 17.44 -38.83
CA ALA A 491 -28.48 18.69 -38.48
C ALA A 491 -28.85 19.52 -39.69
N ALA A 492 -28.01 19.50 -40.74
CA ALA A 492 -28.28 20.22 -41.98
C ALA A 492 -29.41 19.56 -42.78
N VAL A 493 -29.42 18.23 -42.89
CA VAL A 493 -30.47 17.50 -43.62
C VAL A 493 -31.05 16.41 -42.72
N PRO A 494 -31.90 16.78 -41.75
CA PRO A 494 -32.41 15.77 -40.81
C PRO A 494 -33.66 15.02 -41.26
N SER A 495 -33.58 13.70 -41.29
CA SER A 495 -34.74 12.88 -41.63
C SER A 495 -34.99 11.89 -40.49
N VAL A 496 -36.27 11.70 -40.11
CA VAL A 496 -36.66 10.75 -39.05
C VAL A 496 -36.16 9.34 -39.35
N GLU A 497 -36.09 8.97 -40.65
CA GLU A 497 -35.61 7.69 -41.14
C GLU A 497 -34.18 7.44 -40.67
N LYS A 498 -33.34 8.51 -40.69
CA LYS A 498 -31.93 8.46 -40.28
C LYS A 498 -31.82 8.18 -38.79
N LEU A 499 -32.66 8.83 -37.99
CA LEU A 499 -32.65 8.62 -36.55
C LEU A 499 -33.19 7.26 -36.15
N ALA A 500 -34.24 6.79 -36.85
CA ALA A 500 -34.86 5.50 -36.58
C ALA A 500 -33.92 4.32 -36.83
N GLU A 501 -32.96 4.48 -37.76
CA GLU A 501 -32.03 3.40 -38.07
C GLU A 501 -30.59 3.71 -37.59
N ASP A 502 -30.40 4.73 -36.74
CA ASP A 502 -29.08 5.10 -36.24
C ASP A 502 -28.55 4.02 -35.28
N PRO A 503 -27.34 3.50 -35.54
CA PRO A 503 -26.81 2.43 -34.66
C PRO A 503 -26.60 2.82 -33.20
N MET A 504 -26.21 4.08 -32.90
CA MET A 504 -26.04 4.50 -31.51
C MET A 504 -27.39 4.70 -30.85
N VAL A 505 -28.38 5.25 -31.58
CA VAL A 505 -29.74 5.44 -31.04
C VAL A 505 -30.36 4.08 -30.76
N LEU A 506 -30.23 3.10 -31.69
CA LEU A 506 -30.76 1.76 -31.51
C LEU A 506 -30.12 1.06 -30.33
N PHE A 507 -28.80 1.26 -30.13
CA PHE A 507 -28.07 0.71 -28.99
C PHE A 507 -28.63 1.31 -27.70
N ALA A 508 -28.62 2.65 -27.57
CA ALA A 508 -29.07 3.34 -26.37
C ALA A 508 -30.52 3.01 -26.03
N SER A 509 -31.38 2.92 -27.06
CA SER A 509 -32.78 2.58 -26.86
C SER A 509 -32.90 1.15 -26.37
N SER A 510 -32.22 0.20 -27.06
CA SER A 510 -32.26 -1.22 -26.75
C SER A 510 -31.75 -1.57 -25.35
N VAL A 511 -30.65 -0.91 -24.93
CA VAL A 511 -30.08 -1.17 -23.62
C VAL A 511 -30.97 -0.57 -22.53
N PHE A 512 -31.60 0.59 -22.78
CA PHE A 512 -32.51 1.19 -21.80
C PHE A 512 -33.85 0.46 -21.71
N ASP A 513 -34.28 -0.17 -22.81
CA ASP A 513 -35.51 -0.95 -22.84
C ASP A 513 -35.34 -2.20 -21.97
N GLU A 514 -34.18 -2.86 -22.04
CA GLU A 514 -33.91 -4.06 -21.24
C GLU A 514 -33.67 -3.70 -19.76
N TYR A 515 -33.05 -2.56 -19.52
CA TYR A 515 -32.80 -2.03 -18.19
C TYR A 515 -34.14 -1.75 -17.49
N ARG A 516 -35.11 -1.16 -18.21
CA ARG A 516 -36.44 -0.88 -17.67
C ARG A 516 -37.30 -2.12 -17.55
N LYS A 517 -37.25 -3.01 -18.54
CA LYS A 517 -38.00 -4.27 -18.52
C LYS A 517 -37.60 -5.11 -17.27
N LEU A 518 -36.29 -5.20 -16.99
CA LEU A 518 -35.77 -5.93 -15.83
C LEU A 518 -36.20 -5.27 -14.52
N TYR A 519 -36.13 -3.92 -14.46
CA TYR A 519 -36.53 -3.16 -13.28
C TYR A 519 -38.02 -3.41 -12.97
N ASN A 520 -38.88 -3.40 -13.99
CA ASN A 520 -40.31 -3.62 -13.84
C ASN A 520 -40.65 -5.05 -13.44
N GLU A 521 -39.84 -6.02 -13.89
CA GLU A 521 -40.04 -7.41 -13.51
C GLU A 521 -39.60 -7.62 -12.07
N LEU A 522 -38.54 -6.92 -11.62
CA LEU A 522 -37.99 -7.05 -10.28
C LEU A 522 -38.75 -6.30 -9.21
N ARG A 523 -39.35 -5.14 -9.54
CA ARG A 523 -40.10 -4.30 -8.60
C ARG A 523 -41.14 -5.09 -7.77
N PRO A 524 -42.00 -5.94 -8.37
CA PRO A 524 -42.97 -6.71 -7.56
C PRO A 524 -42.38 -7.51 -6.41
N TYR A 525 -41.13 -7.98 -6.55
CA TYR A 525 -40.46 -8.79 -5.55
C TYR A 525 -40.09 -8.04 -4.29
N ASP A 526 -40.03 -6.70 -4.32
CA ASP A 526 -39.66 -5.94 -3.12
C ASP A 526 -40.75 -6.01 -2.04
N ASP A 527 -42.02 -5.98 -2.46
CA ASP A 527 -43.15 -5.93 -1.54
C ASP A 527 -43.29 -7.15 -0.62
N PRO A 528 -43.28 -8.43 -1.11
CA PRO A 528 -43.39 -9.56 -0.17
C PRO A 528 -42.26 -9.59 0.84
N ILE A 529 -41.05 -9.13 0.47
CA ILE A 529 -39.90 -9.07 1.38
C ILE A 529 -40.16 -8.02 2.46
N LEU A 530 -40.54 -6.80 2.07
CA LEU A 530 -40.86 -5.74 3.02
C LEU A 530 -41.97 -6.15 4.01
N ARG A 531 -43.05 -6.78 3.48
CA ARG A 531 -44.16 -7.25 4.31
C ARG A 531 -43.70 -8.33 5.29
N ALA A 532 -42.83 -9.25 4.84
CA ALA A 532 -42.29 -10.32 5.68
C ALA A 532 -41.31 -9.77 6.70
N GLN A 533 -40.53 -8.72 6.34
CA GLN A 533 -39.60 -8.06 7.24
C GLN A 533 -40.31 -7.39 8.40
N ARG A 534 -41.57 -6.93 8.19
CA ARG A 534 -42.38 -6.35 9.24
C ARG A 534 -42.64 -7.43 10.30
N THR A 535 -43.00 -8.64 9.87
CA THR A 535 -43.22 -9.76 10.80
C THR A 535 -41.91 -10.20 11.46
N TYR A 536 -40.85 -10.35 10.66
CA TYR A 536 -39.52 -10.75 11.12
C TYR A 536 -38.98 -9.81 12.23
N ILE A 537 -38.94 -8.49 11.98
CA ILE A 537 -38.46 -7.52 12.96
C ILE A 537 -39.37 -7.45 14.17
N ALA A 538 -40.69 -7.61 13.96
CA ALA A 538 -41.66 -7.67 15.07
C ALA A 538 -41.33 -8.84 16.01
N GLY A 539 -40.97 -9.99 15.43
CA GLY A 539 -40.56 -11.15 16.21
C GLY A 539 -39.26 -10.92 16.95
N LEU A 540 -38.25 -10.35 16.27
CA LEU A 540 -36.96 -10.07 16.89
C LEU A 540 -37.13 -9.12 18.08
N LEU A 541 -37.97 -8.10 17.93
CA LEU A 541 -38.26 -7.13 18.99
C LEU A 541 -39.05 -7.78 20.16
N GLU A 542 -40.02 -8.64 19.84
CA GLU A 542 -40.81 -9.32 20.86
C GLU A 542 -39.96 -10.31 21.68
N MET A 543 -38.90 -10.87 21.05
CA MET A 543 -38.01 -11.82 21.67
C MET A 543 -36.85 -11.20 22.45
N ASP A 544 -35.99 -10.42 21.80
CA ASP A 544 -34.82 -9.84 22.45
C ASP A 544 -35.03 -8.44 23.04
N GLY A 545 -36.14 -7.80 22.70
CA GLY A 545 -36.47 -6.48 23.22
C GLY A 545 -35.84 -5.36 22.44
N ASP A 546 -36.41 -4.14 22.67
CA ASP A 546 -35.95 -2.88 22.07
C ASP A 546 -34.85 -2.24 22.94
N GLN A 547 -33.99 -3.07 23.55
CA GLN A 547 -32.93 -2.60 24.42
C GLN A 547 -31.58 -2.83 23.78
N ASP A 548 -31.27 -4.06 23.32
CA ASP A 548 -29.96 -4.32 22.74
C ASP A 548 -29.96 -4.43 21.20
N GLN A 549 -31.03 -3.91 20.55
CA GLN A 549 -31.11 -3.84 19.09
C GLN A 549 -31.84 -2.55 18.67
N PHE A 550 -31.20 -1.79 17.79
CA PHE A 550 -31.65 -0.48 17.32
C PHE A 550 -32.35 -0.62 15.95
N PRO A 551 -33.20 0.36 15.57
CA PRO A 551 -33.82 0.28 14.24
C PRO A 551 -32.84 0.72 13.16
N ASP A 552 -33.04 0.23 11.94
CA ASP A 552 -32.20 0.62 10.80
C ASP A 552 -32.15 2.13 10.60
N ALA A 553 -31.00 2.65 10.17
CA ALA A 553 -30.85 4.08 9.89
C ALA A 553 -31.77 4.48 8.73
N ASN A 554 -32.43 5.66 8.87
CA ASN A 554 -33.37 6.18 7.88
C ASN A 554 -33.30 7.71 7.80
N LEU A 555 -32.09 8.26 7.89
CA LEU A 555 -31.82 9.69 7.86
C LEU A 555 -32.51 10.46 8.99
N THR A 556 -32.73 9.81 10.12
CA THR A 556 -33.29 10.46 11.29
C THR A 556 -32.25 10.57 12.41
N LEU A 557 -32.46 11.50 13.34
CA LEU A 557 -31.56 11.78 14.44
C LEU A 557 -31.35 10.60 15.38
N ARG A 558 -30.09 10.18 15.50
CA ARG A 558 -29.73 9.07 16.36
C ARG A 558 -28.53 9.43 17.23
N PHE A 559 -28.40 8.71 18.36
CA PHE A 559 -27.22 8.85 19.20
C PHE A 559 -26.48 7.51 19.23
N THR A 560 -25.16 7.58 19.35
CA THR A 560 -24.28 6.43 19.45
C THR A 560 -23.19 6.75 20.46
N TYR A 561 -22.66 5.72 21.13
CA TYR A 561 -21.58 5.93 22.11
C TYR A 561 -20.57 4.80 22.03
N GLY A 562 -19.38 5.08 22.49
CA GLY A 562 -18.29 4.12 22.52
C GLY A 562 -17.11 4.71 23.28
N GLN A 563 -15.91 4.28 22.91
CA GLN A 563 -14.70 4.79 23.52
C GLN A 563 -13.68 5.16 22.47
N VAL A 564 -12.79 6.08 22.82
CA VAL A 564 -11.70 6.48 21.94
C VAL A 564 -10.70 5.33 21.97
N LYS A 565 -10.58 4.59 20.85
CA LYS A 565 -9.71 3.43 20.81
C LYS A 565 -9.30 3.04 19.41
N GLY A 566 -8.07 2.54 19.29
CA GLY A 566 -7.57 2.03 18.01
C GLY A 566 -7.94 0.57 17.79
N TYR A 567 -7.24 -0.10 16.87
CA TYR A 567 -7.52 -1.48 16.54
C TYR A 567 -6.37 -2.12 15.77
N SER A 568 -6.35 -3.46 15.70
CA SER A 568 -5.34 -4.18 14.92
C SER A 568 -5.95 -4.54 13.58
N PRO A 569 -5.52 -3.89 12.48
CA PRO A 569 -6.09 -4.20 11.16
C PRO A 569 -5.68 -5.57 10.58
N ARG A 570 -4.47 -6.00 10.91
CA ARG A 570 -3.88 -7.25 10.45
C ARG A 570 -2.80 -7.70 11.45
N ASP A 571 -2.33 -8.93 11.30
CA ASP A 571 -1.32 -9.56 12.15
C ASP A 571 -0.08 -8.67 12.33
N ASN A 572 0.29 -8.44 13.58
CA ASN A 572 1.47 -7.69 13.97
C ASN A 572 1.40 -6.17 13.68
N VAL A 573 0.21 -5.64 13.39
CA VAL A 573 0.05 -4.22 13.12
C VAL A 573 -1.01 -3.64 14.06
N TYR A 574 -0.75 -2.49 14.69
CA TYR A 574 -1.75 -1.82 15.51
C TYR A 574 -1.83 -0.38 15.06
N TYR A 575 -3.04 0.12 15.02
CA TYR A 575 -3.33 1.49 14.65
C TYR A 575 -3.85 2.12 15.93
N GLY A 576 -3.15 3.13 16.43
CA GLY A 576 -3.56 3.79 17.67
C GLY A 576 -4.83 4.61 17.57
N HIS A 577 -5.27 5.18 18.70
CA HIS A 577 -6.48 5.98 18.77
C HIS A 577 -6.32 7.43 18.29
N GLN A 578 -5.09 7.95 18.15
CA GLN A 578 -4.92 9.37 17.79
C GLN A 578 -3.79 9.69 16.84
N THR A 579 -4.08 10.50 15.80
CA THR A 579 -3.05 10.97 14.91
C THR A 579 -2.60 12.38 15.32
N THR A 580 -1.38 12.75 14.93
CA THR A 580 -0.82 14.06 15.28
C THR A 580 -0.34 14.84 14.04
N LEU A 581 -0.01 16.14 14.23
CA LEU A 581 0.49 17.02 13.19
C LEU A 581 1.77 16.47 12.55
N ASP A 582 2.58 15.75 13.32
CA ASP A 582 3.78 15.05 12.90
C ASP A 582 3.46 14.11 11.70
N GLY A 583 2.31 13.43 11.78
CA GLY A 583 1.84 12.52 10.75
C GLY A 583 1.50 13.20 9.44
N VAL A 584 1.09 14.46 9.51
CA VAL A 584 0.80 15.30 8.35
C VAL A 584 2.13 15.57 7.65
N MET A 585 3.15 15.97 8.43
CA MET A 585 4.48 16.31 7.96
C MET A 585 5.20 15.13 7.35
N GLU A 586 4.99 13.92 7.91
CA GLU A 586 5.54 12.67 7.38
C GLU A 586 4.96 12.37 5.99
N LYS A 587 3.66 12.66 5.80
CA LYS A 587 2.95 12.40 4.55
C LYS A 587 3.16 13.47 3.47
N GLU A 588 3.77 14.62 3.82
CA GLU A 588 4.00 15.71 2.88
C GLU A 588 4.69 15.32 1.58
N ASP A 589 4.11 15.73 0.44
CA ASP A 589 4.64 15.48 -0.91
C ASP A 589 4.32 16.71 -1.72
N PRO A 590 5.28 17.63 -1.89
CA PRO A 590 4.99 18.87 -2.65
C PRO A 590 4.57 18.65 -4.11
N ASP A 591 4.96 17.51 -4.71
CA ASP A 591 4.56 17.22 -6.09
C ASP A 591 3.31 16.34 -6.21
N ASN A 592 2.55 16.17 -5.12
CA ASN A 592 1.30 15.40 -5.13
C ASN A 592 0.24 16.29 -4.50
N TRP A 593 -0.72 16.76 -5.32
CA TRP A 593 -1.79 17.67 -4.91
C TRP A 593 -2.56 17.24 -3.66
N GLU A 594 -2.59 15.93 -3.37
CA GLU A 594 -3.31 15.43 -2.21
C GLU A 594 -2.54 15.73 -0.94
N PHE A 595 -1.22 15.50 -0.95
CA PHE A 595 -0.42 15.64 0.25
C PHE A 595 0.43 16.91 0.33
N VAL A 596 0.01 17.99 -0.33
CA VAL A 596 0.72 19.26 -0.19
C VAL A 596 0.35 19.82 1.18
N VAL A 597 1.34 20.34 1.92
CA VAL A 597 1.08 20.89 3.25
C VAL A 597 1.05 22.41 3.17
N ASP A 598 0.04 23.04 3.81
CA ASP A 598 -0.09 24.48 3.81
C ASP A 598 1.12 25.12 4.51
N PRO A 599 1.74 26.12 3.86
CA PRO A 599 2.93 26.74 4.44
C PRO A 599 2.75 27.33 5.84
N LYS A 600 1.57 27.88 6.13
CA LYS A 600 1.29 28.45 7.45
C LYS A 600 1.29 27.34 8.50
N LEU A 601 0.66 26.19 8.15
CA LEU A 601 0.57 25.01 9.01
C LEU A 601 1.96 24.39 9.25
N LYS A 602 2.78 24.28 8.21
CA LYS A 602 4.13 23.73 8.33
C LYS A 602 5.00 24.58 9.28
N ALA A 603 4.87 25.91 9.21
CA ALA A 603 5.58 26.83 10.08
C ALA A 603 5.08 26.74 11.51
N VAL A 604 3.75 26.61 11.73
CA VAL A 604 3.16 26.43 13.07
C VAL A 604 3.77 25.19 13.73
N TYR A 605 3.88 24.10 12.95
CA TYR A 605 4.48 22.86 13.36
C TYR A 605 5.98 23.06 13.71
N GLU A 606 6.73 23.71 12.82
CA GLU A 606 8.16 23.96 13.03
C GLU A 606 8.41 24.81 14.26
N ARG A 607 7.57 25.84 14.47
CA ARG A 607 7.69 26.74 15.62
C ARG A 607 7.04 26.21 16.89
N LYS A 608 6.37 25.03 16.84
CA LYS A 608 5.64 24.42 17.95
C LYS A 608 4.63 25.40 18.55
N ASP A 609 4.03 26.25 17.69
CA ASP A 609 3.08 27.30 18.05
C ASP A 609 1.72 26.65 18.19
N PHE A 610 1.56 25.85 19.23
CA PHE A 610 0.33 25.10 19.44
C PHE A 610 -0.61 25.66 20.50
N GLY A 611 -0.20 26.73 21.19
CA GLY A 611 -0.99 27.36 22.24
C GLY A 611 -1.53 26.38 23.27
N ARG A 612 -2.84 26.49 23.55
CA ARG A 612 -3.55 25.61 24.49
C ARG A 612 -4.11 24.34 23.81
N TYR A 613 -3.93 24.19 22.49
CA TYR A 613 -4.48 23.11 21.68
C TYR A 613 -3.65 21.82 21.65
N ALA A 614 -2.44 21.84 22.23
CA ALA A 614 -1.60 20.64 22.25
C ALA A 614 -1.92 19.76 23.45
N ASP A 615 -1.61 18.45 23.36
CA ASP A 615 -1.80 17.56 24.51
C ASP A 615 -0.69 17.78 25.56
N ARG A 616 -0.79 17.14 26.74
CA ARG A 616 0.18 17.31 27.82
C ARG A 616 1.65 17.14 27.37
N SER A 617 1.90 16.13 26.50
CA SER A 617 3.23 15.86 25.96
C SER A 617 3.78 16.94 25.00
N GLY A 618 2.95 17.90 24.64
CA GLY A 618 3.33 18.97 23.74
C GLY A 618 3.15 18.63 22.27
N ARG A 619 2.53 17.48 21.97
CA ARG A 619 2.29 17.08 20.58
C ARG A 619 0.96 17.64 20.11
N MET A 620 0.87 17.98 18.81
CA MET A 620 -0.37 18.57 18.30
C MET A 620 -1.31 17.51 17.75
N PRO A 621 -2.49 17.28 18.36
CA PRO A 621 -3.39 16.25 17.84
C PRO A 621 -4.10 16.69 16.57
N VAL A 622 -4.46 15.74 15.70
CA VAL A 622 -5.14 16.05 14.47
C VAL A 622 -6.51 15.36 14.42
N ALA A 623 -6.52 14.04 14.59
CA ALA A 623 -7.72 13.25 14.52
C ALA A 623 -7.70 12.13 15.55
N PHE A 624 -8.85 11.54 15.83
CA PHE A 624 -8.94 10.37 16.69
C PHE A 624 -9.99 9.43 16.16
N CYS A 625 -10.01 8.21 16.65
CA CYS A 625 -11.03 7.25 16.22
C CYS A 625 -11.78 6.68 17.41
N ALA A 626 -13.05 6.31 17.21
CA ALA A 626 -13.86 5.81 18.31
C ALA A 626 -14.68 4.59 17.92
N THR A 627 -15.11 3.80 18.91
CA THR A 627 -15.93 2.62 18.64
C THR A 627 -17.42 2.96 18.47
N THR A 628 -17.76 4.22 18.19
CA THR A 628 -19.12 4.64 17.92
C THR A 628 -19.59 4.02 16.58
N HIS A 629 -20.91 3.87 16.43
CA HIS A 629 -21.48 3.26 15.24
C HIS A 629 -22.04 4.33 14.33
N THR A 630 -21.32 4.64 13.26
CA THR A 630 -21.70 5.67 12.32
C THR A 630 -21.69 5.12 10.89
N THR A 631 -22.42 5.80 10.01
CA THR A 631 -22.51 5.49 8.59
C THR A 631 -22.71 6.84 7.87
N GLY A 632 -22.73 6.83 6.53
CA GLY A 632 -22.99 8.02 5.71
C GLY A 632 -24.22 8.77 6.17
N GLY A 633 -24.09 10.08 6.28
CA GLY A 633 -25.12 10.91 6.88
C GLY A 633 -24.61 11.45 8.20
N ASN A 634 -23.66 10.73 8.84
CA ASN A 634 -23.00 11.15 10.07
C ASN A 634 -21.83 12.11 9.83
N SER A 635 -21.53 12.48 8.58
CA SER A 635 -20.49 13.45 8.28
C SER A 635 -20.80 14.79 8.97
N GLY A 636 -19.87 15.31 9.75
CA GLY A 636 -20.05 16.57 10.47
C GLY A 636 -20.68 16.43 11.84
N SER A 637 -21.03 15.21 12.25
CA SER A 637 -21.64 14.94 13.55
C SER A 637 -20.78 15.40 14.71
N PRO A 638 -21.39 16.04 15.70
CA PRO A 638 -20.61 16.43 16.89
C PRO A 638 -20.20 15.22 17.71
N VAL A 639 -18.94 15.22 18.16
CA VAL A 639 -18.42 14.17 19.01
C VAL A 639 -18.31 14.78 20.42
N MET A 640 -18.92 14.14 21.41
CA MET A 640 -18.96 14.64 22.78
C MET A 640 -18.20 13.82 23.82
N ASN A 641 -17.76 14.55 24.83
CA ASN A 641 -17.12 14.19 26.09
C ASN A 641 -18.12 13.44 26.97
N ALA A 642 -17.64 12.94 28.13
CA ALA A 642 -18.52 12.41 29.16
C ALA A 642 -19.46 13.54 29.70
N ASN A 643 -19.06 14.83 29.57
CA ASN A 643 -19.85 15.98 30.00
C ASN A 643 -20.65 16.67 28.86
N GLY A 644 -20.65 16.10 27.66
CA GLY A 644 -21.35 16.68 26.53
C GLY A 644 -20.67 17.87 25.88
N GLU A 645 -19.36 18.02 26.12
CA GLU A 645 -18.61 19.11 25.50
C GLU A 645 -18.04 18.61 24.18
N LEU A 646 -17.98 19.48 23.18
CA LEU A 646 -17.47 19.11 21.86
C LEU A 646 -15.99 18.79 21.91
N ILE A 647 -15.63 17.56 21.52
CA ILE A 647 -14.25 17.07 21.43
C ILE A 647 -13.79 16.82 19.98
N GLY A 648 -14.70 16.89 19.02
CA GLY A 648 -14.34 16.70 17.62
C GLY A 648 -15.54 16.60 16.71
N LEU A 649 -15.29 16.40 15.42
CA LEU A 649 -16.32 16.25 14.40
C LEU A 649 -16.09 14.96 13.66
N ASN A 650 -17.10 14.10 13.58
CA ASN A 650 -16.99 12.87 12.80
C ASN A 650 -16.90 13.24 11.30
N PHE A 651 -16.04 12.55 10.51
CA PHE A 651 -15.95 12.86 9.09
C PHE A 651 -15.81 11.63 8.20
N ASP A 652 -15.57 10.45 8.77
CA ASP A 652 -15.43 9.24 7.98
C ASP A 652 -15.54 7.98 8.87
N ARG A 653 -15.39 6.81 8.28
CA ARG A 653 -15.39 5.50 8.90
C ARG A 653 -14.33 4.70 8.09
N ASN A 654 -13.55 3.85 8.76
CA ASN A 654 -12.52 3.07 8.07
C ASN A 654 -13.17 2.01 7.14
N TRP A 655 -12.47 1.60 6.08
CA TRP A 655 -13.00 0.63 5.10
C TRP A 655 -13.30 -0.72 5.74
N GLU A 656 -12.53 -1.10 6.78
CA GLU A 656 -12.81 -2.35 7.48
C GLU A 656 -14.17 -2.33 8.18
N GLY A 657 -14.81 -1.15 8.29
CA GLY A 657 -16.09 -0.99 8.94
C GLY A 657 -17.23 -0.74 7.98
N VAL A 658 -17.03 -0.86 6.63
CA VAL A 658 -18.15 -0.67 5.71
C VAL A 658 -19.22 -1.79 5.89
N GLY A 659 -18.79 -2.99 6.25
CA GLY A 659 -19.72 -4.07 6.54
C GLY A 659 -20.55 -3.83 7.81
N GLY A 660 -20.17 -2.77 8.57
CA GLY A 660 -20.85 -2.32 9.77
C GLY A 660 -22.28 -1.87 9.52
N ASP A 661 -22.64 -1.61 8.23
CA ASP A 661 -24.01 -1.29 7.83
C ASP A 661 -24.92 -2.53 7.94
N ILE A 662 -24.37 -3.74 7.99
CA ILE A 662 -25.11 -5.00 8.14
C ILE A 662 -24.89 -5.54 9.55
N GLN A 663 -23.65 -5.49 10.03
CA GLN A 663 -23.31 -5.96 11.37
C GLN A 663 -22.15 -5.11 11.87
N TYR A 664 -22.34 -4.43 13.01
CA TYR A 664 -21.30 -3.63 13.66
C TYR A 664 -20.11 -4.51 13.98
N LEU A 665 -18.92 -4.06 13.64
CA LEU A 665 -17.71 -4.85 13.83
C LEU A 665 -16.88 -4.23 14.94
N ALA A 666 -17.07 -4.71 16.17
CA ALA A 666 -16.40 -4.19 17.36
C ALA A 666 -14.88 -4.07 17.26
N ASP A 667 -14.20 -5.08 16.70
CA ASP A 667 -12.74 -5.08 16.62
C ASP A 667 -12.14 -4.38 15.38
N TYR A 668 -12.99 -3.87 14.47
CA TYR A 668 -12.48 -3.24 13.26
C TYR A 668 -13.05 -1.89 12.98
N GLN A 669 -14.39 -1.74 13.09
CA GLN A 669 -15.11 -0.51 12.81
C GLN A 669 -14.79 0.66 13.73
N ARG A 670 -14.32 1.76 13.16
CA ARG A 670 -14.00 2.96 13.94
C ARG A 670 -14.51 4.21 13.22
N SER A 671 -15.09 5.16 13.97
CA SER A 671 -15.50 6.45 13.42
C SER A 671 -14.24 7.32 13.38
N ILE A 672 -13.98 7.99 12.25
CA ILE A 672 -12.79 8.81 12.07
C ILE A 672 -13.21 10.23 12.34
N ILE A 673 -12.69 10.81 13.42
CA ILE A 673 -13.09 12.11 13.94
C ILE A 673 -11.95 13.12 13.91
N VAL A 674 -12.20 14.39 13.51
CA VAL A 674 -11.16 15.41 13.54
C VAL A 674 -11.22 16.04 14.92
N ASP A 675 -10.09 16.08 15.61
CA ASP A 675 -9.98 16.60 16.97
C ASP A 675 -10.34 18.07 16.96
N ILE A 676 -11.20 18.51 17.89
CA ILE A 676 -11.62 19.90 17.96
C ILE A 676 -10.45 20.85 18.26
N ARG A 677 -9.40 20.37 18.94
CA ARG A 677 -8.20 21.16 19.24
C ARG A 677 -7.45 21.53 17.94
N TYR A 678 -7.47 20.63 16.93
CA TYR A 678 -6.87 20.86 15.62
C TYR A 678 -7.74 21.86 14.83
N VAL A 679 -9.09 21.77 14.97
CA VAL A 679 -10.05 22.68 14.35
C VAL A 679 -9.78 24.09 14.86
N LEU A 680 -9.65 24.22 16.18
CA LEU A 680 -9.36 25.48 16.83
C LEU A 680 -7.97 25.99 16.48
N LEU A 681 -7.00 25.08 16.29
CA LEU A 681 -5.64 25.42 15.88
C LEU A 681 -5.64 26.03 14.49
N VAL A 682 -6.40 25.46 13.54
CA VAL A 682 -6.46 25.97 12.18
C VAL A 682 -7.16 27.32 12.14
N ILE A 683 -8.28 27.48 12.89
CA ILE A 683 -8.98 28.77 12.95
C ILE A 683 -8.06 29.87 13.46
N ASP A 684 -7.33 29.60 14.56
CA ASP A 684 -6.42 30.50 15.24
C ASP A 684 -5.12 30.83 14.49
N LYS A 685 -4.31 29.82 14.17
CA LYS A 685 -3.00 30.02 13.58
C LYS A 685 -2.93 29.95 12.05
N VAL A 686 -3.99 29.50 11.39
CA VAL A 686 -3.99 29.43 9.93
C VAL A 686 -4.95 30.49 9.35
N GLY A 687 -6.12 30.63 9.94
CA GLY A 687 -7.10 31.61 9.50
C GLY A 687 -7.01 32.96 10.18
N GLY A 688 -6.40 32.98 11.37
CA GLY A 688 -6.27 34.17 12.21
C GLY A 688 -7.60 34.80 12.52
N CYS A 689 -8.65 33.99 12.60
CA CYS A 689 -10.02 34.47 12.79
C CYS A 689 -10.43 34.41 14.26
N GLN A 690 -9.73 35.18 15.09
CA GLN A 690 -9.93 35.28 16.54
C GLN A 690 -11.38 35.48 16.98
N ARG A 691 -12.17 36.24 16.20
CA ARG A 691 -13.57 36.51 16.53
C ARG A 691 -14.41 35.23 16.65
N LEU A 692 -14.06 34.16 15.89
CA LEU A 692 -14.77 32.89 15.97
C LEU A 692 -14.45 32.15 17.27
N LEU A 693 -13.21 32.25 17.73
CA LEU A 693 -12.81 31.64 18.99
C LEU A 693 -13.46 32.37 20.16
N ASP A 694 -13.54 33.71 20.08
CA ASP A 694 -14.12 34.55 21.13
C ASP A 694 -15.60 34.28 21.36
N GLU A 695 -16.36 34.04 20.28
CA GLU A 695 -17.80 33.79 20.43
C GLU A 695 -18.16 32.38 20.90
N MET A 696 -17.21 31.44 20.83
CA MET A 696 -17.43 30.09 21.33
C MET A 696 -17.20 30.08 22.85
N ASN A 697 -17.89 29.17 23.54
CA ASN A 697 -17.70 29.01 24.96
C ASN A 697 -16.68 27.89 25.10
N ILE A 698 -15.42 28.24 25.37
CA ILE A 698 -14.34 27.26 25.47
C ILE A 698 -14.00 26.90 26.93
N VAL A 699 -14.05 25.59 27.25
CA VAL A 699 -13.73 25.11 28.58
C VAL A 699 -12.25 24.67 28.63
N PRO A 700 -11.51 25.05 29.69
CA PRO A 700 -10.09 24.68 29.76
C PRO A 700 -9.82 23.17 29.77
N GLU B 3 23.98 -1.71 17.75
CA GLU B 3 24.40 -0.62 16.87
C GLU B 3 25.45 -1.08 15.89
N GLY B 4 26.38 -1.92 16.33
CA GLY B 4 27.49 -2.32 15.45
C GLY B 4 27.61 -3.73 14.95
N MET B 5 28.62 -3.93 14.07
CA MET B 5 29.03 -5.17 13.41
C MET B 5 30.49 -5.30 13.89
N TRP B 6 30.60 -5.84 15.09
CA TRP B 6 31.84 -5.96 15.84
C TRP B 6 32.76 -7.10 15.43
N LEU B 7 34.07 -6.85 15.50
CA LEU B 7 35.09 -7.87 15.24
C LEU B 7 35.04 -8.86 16.40
N MET B 8 35.40 -10.13 16.16
CA MET B 8 35.45 -11.11 17.26
C MET B 8 36.43 -10.67 18.35
N GLN B 9 37.51 -9.94 17.99
CA GLN B 9 38.53 -9.34 18.86
C GLN B 9 37.89 -8.41 19.89
N GLN B 10 36.78 -7.71 19.49
CA GLN B 10 36.07 -6.76 20.33
C GLN B 10 35.04 -7.39 21.28
N LEU B 11 34.91 -8.73 21.29
CA LEU B 11 33.96 -9.39 22.21
C LEU B 11 34.32 -9.08 23.68
N GLY B 12 35.60 -9.12 24.04
CA GLY B 12 36.04 -8.82 25.39
C GLY B 12 35.61 -7.45 25.87
N ARG B 13 35.86 -6.42 25.04
CA ARG B 13 35.49 -5.02 25.28
C ARG B 13 33.98 -4.77 25.29
N LYS B 14 33.18 -5.69 24.72
CA LYS B 14 31.73 -5.52 24.61
C LYS B 14 30.92 -6.42 25.54
N TYR B 15 31.55 -7.49 26.07
CA TYR B 15 30.97 -8.50 26.94
C TYR B 15 30.18 -7.94 28.10
N ALA B 16 30.72 -6.90 28.78
CA ALA B 16 30.02 -6.26 29.91
C ALA B 16 28.68 -5.65 29.49
N GLN B 17 28.64 -4.96 28.33
CA GLN B 17 27.40 -4.37 27.83
C GLN B 17 26.40 -5.45 27.42
N MET B 18 26.90 -6.51 26.78
CA MET B 18 26.04 -7.62 26.35
C MET B 18 25.43 -8.32 27.54
N LYS B 19 26.22 -8.53 28.61
CA LYS B 19 25.76 -9.16 29.85
C LYS B 19 24.65 -8.32 30.47
N GLU B 20 24.83 -6.97 30.51
CA GLU B 20 23.82 -6.05 31.02
C GLU B 20 22.54 -6.08 30.16
N ARG B 21 22.67 -6.24 28.82
CA ARG B 21 21.51 -6.33 27.92
C ARG B 21 20.81 -7.71 27.95
N GLY B 22 21.36 -8.69 28.67
CA GLY B 22 20.73 -10.01 28.76
C GLY B 22 21.59 -11.24 28.54
N LEU B 23 22.81 -11.10 27.97
CA LEU B 23 23.71 -12.23 27.70
C LEU B 23 24.05 -13.04 28.96
N LYS B 24 23.85 -14.37 28.88
CA LYS B 24 24.06 -15.26 30.01
C LYS B 24 25.23 -16.23 29.84
N MET B 25 25.63 -16.50 28.59
CA MET B 25 26.71 -17.45 28.36
C MET B 25 28.11 -16.84 28.63
N LYS B 26 29.11 -17.71 28.88
CA LYS B 26 30.48 -17.28 29.15
C LYS B 26 31.10 -16.71 27.86
N GLU B 27 31.98 -15.70 27.98
CA GLU B 27 32.63 -15.04 26.83
C GLU B 27 33.31 -16.02 25.91
N TYR B 28 34.13 -16.91 26.49
CA TYR B 28 34.90 -17.90 25.73
C TYR B 28 34.07 -19.06 25.18
N ASP B 29 32.83 -19.21 25.62
CA ASP B 29 31.91 -20.18 25.03
C ASP B 29 31.31 -19.61 23.73
N LEU B 30 31.29 -18.26 23.58
CA LEU B 30 30.80 -17.61 22.39
C LEU B 30 31.97 -17.42 21.41
N TYR B 31 33.10 -16.91 21.89
CA TYR B 31 34.29 -16.77 21.08
C TYR B 31 35.53 -16.98 21.91
N ASN B 32 36.33 -17.97 21.52
CA ASN B 32 37.58 -18.32 22.16
C ASN B 32 38.66 -18.19 21.11
N PRO B 33 39.60 -17.26 21.29
CA PRO B 33 40.69 -17.11 20.30
C PRO B 33 41.68 -18.27 20.27
N ASN B 34 41.71 -19.12 21.30
CA ASN B 34 42.61 -20.27 21.35
C ASN B 34 41.93 -21.49 22.01
N GLY B 35 40.80 -21.91 21.45
CA GLY B 35 39.99 -23.03 21.92
C GLY B 35 38.71 -23.18 21.11
N THR B 36 37.76 -24.01 21.57
CA THR B 36 36.49 -24.20 20.86
C THR B 36 35.38 -23.35 21.49
N SER B 37 34.59 -22.68 20.62
CA SER B 37 33.49 -21.80 20.97
C SER B 37 32.33 -21.90 19.94
N LEU B 38 31.21 -21.18 20.18
CA LEU B 38 30.03 -21.18 19.29
C LEU B 38 30.37 -20.62 17.90
N LYS B 39 31.41 -19.76 17.81
CA LYS B 39 31.95 -19.19 16.59
C LYS B 39 32.29 -20.33 15.57
N ASP B 40 32.70 -21.51 16.09
CA ASP B 40 33.05 -22.66 15.28
C ASP B 40 31.87 -23.37 14.63
N ALA B 41 30.64 -22.96 14.95
CA ALA B 41 29.44 -23.52 14.33
C ALA B 41 28.90 -22.60 13.19
N VAL B 42 29.53 -21.44 12.95
CA VAL B 42 29.14 -20.46 11.94
C VAL B 42 29.97 -20.68 10.68
N VAL B 43 29.34 -20.60 9.49
CA VAL B 43 30.04 -20.77 8.21
C VAL B 43 29.68 -19.67 7.19
N LEU B 44 30.57 -19.43 6.24
CA LEU B 44 30.29 -18.53 5.13
C LEU B 44 29.80 -19.50 4.09
N PHE B 45 28.51 -19.44 3.80
CA PHE B 45 27.85 -20.35 2.89
C PHE B 45 27.91 -19.81 1.47
N ASP B 46 28.51 -20.57 0.56
CA ASP B 46 28.59 -20.24 -0.87
C ASP B 46 29.13 -18.83 -1.21
N GLY B 47 30.11 -18.37 -0.43
CA GLY B 47 30.74 -17.09 -0.66
C GLY B 47 30.04 -15.78 -0.33
N GLY B 48 28.71 -15.78 -0.16
CA GLY B 48 27.98 -14.54 0.10
C GLY B 48 26.81 -14.63 1.05
N CYS B 49 26.68 -15.76 1.73
CA CYS B 49 25.62 -15.99 2.69
C CYS B 49 26.26 -16.49 3.97
N THR B 50 25.48 -16.59 5.04
CA THR B 50 25.91 -17.17 6.28
C THR B 50 25.12 -18.46 6.47
N GLY B 51 25.70 -19.38 7.20
CA GLY B 51 25.06 -20.63 7.54
C GLY B 51 25.44 -21.04 8.95
N GLU B 52 24.86 -22.13 9.43
CA GLU B 52 25.21 -22.63 10.75
C GLU B 52 25.02 -24.11 10.87
N VAL B 53 25.97 -24.74 11.55
CA VAL B 53 25.96 -26.16 11.83
C VAL B 53 25.01 -26.37 13.01
N VAL B 54 24.02 -27.25 12.82
CA VAL B 54 22.96 -27.50 13.80
C VAL B 54 22.87 -28.95 14.26
N SER B 55 23.86 -29.80 13.93
CA SER B 55 23.88 -31.20 14.37
C SER B 55 25.30 -31.76 14.33
N ASP B 56 25.55 -32.85 15.10
CA ASP B 56 26.86 -33.53 15.16
C ASP B 56 27.20 -34.33 13.89
N ARG B 57 26.32 -34.31 12.88
CA ARG B 57 26.54 -34.94 11.60
C ARG B 57 26.64 -33.90 10.47
N GLY B 58 27.05 -32.66 10.82
CA GLY B 58 27.24 -31.57 9.87
C GLY B 58 26.01 -31.02 9.17
N LEU B 59 24.84 -31.05 9.81
CA LEU B 59 23.63 -30.47 9.22
C LEU B 59 23.79 -28.95 9.24
N VAL B 60 23.42 -28.28 8.15
CA VAL B 60 23.58 -26.83 7.99
C VAL B 60 22.29 -26.14 7.61
N LEU B 61 21.94 -25.06 8.31
CA LEU B 61 20.78 -24.26 7.95
C LEU B 61 21.27 -22.94 7.38
N THR B 62 20.59 -22.46 6.34
CA THR B 62 20.81 -21.16 5.72
C THR B 62 19.44 -20.71 5.16
N ASN B 63 19.38 -19.60 4.43
CA ASN B 63 18.14 -19.14 3.85
C ASN B 63 17.74 -19.96 2.63
N HIS B 64 16.47 -19.82 2.24
CA HIS B 64 15.96 -20.44 1.04
C HIS B 64 16.60 -19.69 -0.14
N HIS B 65 16.67 -18.34 -0.09
CA HIS B 65 17.30 -17.58 -1.15
C HIS B 65 18.80 -17.83 -1.27
N CYS B 66 19.43 -18.39 -0.22
CA CYS B 66 20.85 -18.72 -0.23
C CYS B 66 21.09 -20.04 -0.95
N GLY B 67 20.24 -21.03 -0.65
CA GLY B 67 20.31 -22.34 -1.27
C GLY B 67 19.48 -22.48 -2.54
N TYR B 68 18.87 -21.38 -3.00
CA TYR B 68 18.00 -21.29 -4.17
C TYR B 68 18.61 -21.87 -5.45
N ASP B 69 19.81 -21.42 -5.86
CA ASP B 69 20.47 -21.90 -7.07
C ASP B 69 20.72 -23.41 -7.02
N MET B 70 21.03 -23.95 -5.82
CA MET B 70 21.27 -25.37 -5.62
C MET B 70 19.97 -26.14 -5.81
N ILE B 71 18.84 -25.61 -5.28
CA ILE B 71 17.52 -26.25 -5.43
C ILE B 71 17.04 -26.20 -6.89
N GLN B 72 17.36 -25.09 -7.58
CA GLN B 72 16.98 -24.87 -8.97
C GLN B 72 17.76 -25.81 -9.91
N ALA B 73 19.04 -26.07 -9.60
CA ALA B 73 19.88 -26.94 -10.41
C ALA B 73 19.42 -28.41 -10.39
N HIS B 74 18.91 -28.87 -9.25
CA HIS B 74 18.42 -30.24 -9.13
C HIS B 74 16.94 -30.39 -9.53
N SER B 75 16.27 -29.29 -9.92
CA SER B 75 14.86 -29.35 -10.29
C SER B 75 14.68 -29.59 -11.79
N THR B 76 13.71 -30.46 -12.13
CA THR B 76 13.33 -30.84 -13.49
C THR B 76 11.79 -30.74 -13.65
N LEU B 77 11.22 -31.10 -14.83
CA LEU B 77 9.77 -31.10 -15.00
C LEU B 77 9.17 -32.22 -14.13
N GLU B 78 9.83 -33.38 -14.09
CA GLU B 78 9.38 -34.52 -13.28
C GLU B 78 9.47 -34.22 -11.77
N HIS B 79 10.65 -33.81 -11.27
CA HIS B 79 10.79 -33.46 -9.85
C HIS B 79 11.15 -31.98 -9.71
N ASN B 80 10.14 -31.13 -9.57
CA ASN B 80 10.35 -29.70 -9.41
C ASN B 80 10.51 -29.36 -7.92
N TYR B 81 11.73 -29.57 -7.38
CA TYR B 81 12.04 -29.29 -5.98
C TYR B 81 11.90 -27.80 -5.63
N LEU B 82 12.02 -26.91 -6.61
CA LEU B 82 11.88 -25.48 -6.37
C LEU B 82 10.45 -25.12 -5.94
N GLU B 83 9.43 -25.67 -6.63
CA GLU B 83 8.05 -25.34 -6.28
C GLU B 83 7.43 -26.31 -5.26
N ASN B 84 7.86 -27.59 -5.20
CA ASN B 84 7.27 -28.52 -4.23
C ASN B 84 8.12 -28.82 -2.99
N GLY B 85 9.35 -28.35 -2.99
CA GLY B 85 10.27 -28.62 -1.89
C GLY B 85 11.07 -29.89 -2.14
N PHE B 86 12.01 -30.17 -1.25
CA PHE B 86 12.85 -31.34 -1.36
C PHE B 86 13.13 -31.86 0.04
N TRP B 87 12.96 -33.17 0.27
CA TRP B 87 13.19 -33.73 1.60
C TRP B 87 13.79 -35.12 1.47
N ALA B 88 15.13 -35.20 1.51
CA ALA B 88 15.87 -36.47 1.41
C ALA B 88 15.52 -37.31 2.62
N MET B 89 14.94 -38.50 2.42
CA MET B 89 14.55 -39.33 3.55
C MET B 89 15.70 -40.19 4.12
N ARG B 90 16.87 -40.14 3.51
CA ARG B 90 18.09 -40.82 3.96
C ARG B 90 19.30 -39.99 3.53
N GLU B 91 20.43 -40.14 4.25
CA GLU B 91 21.65 -39.40 3.92
C GLU B 91 22.14 -39.69 2.50
N ALA B 92 21.87 -40.89 1.98
CA ALA B 92 22.28 -41.26 0.63
C ALA B 92 21.51 -40.48 -0.46
N ASP B 93 20.31 -39.99 -0.12
CA ASP B 93 19.45 -39.22 -1.02
C ASP B 93 19.81 -37.74 -1.09
N GLU B 94 20.66 -37.25 -0.20
CA GLU B 94 21.08 -35.85 -0.21
C GLU B 94 21.91 -35.58 -1.46
N LEU B 95 21.50 -34.55 -2.21
CA LEU B 95 22.06 -34.17 -3.50
C LEU B 95 23.34 -33.35 -3.45
N PRO B 96 24.42 -33.84 -4.07
CA PRO B 96 25.67 -33.06 -4.09
C PRO B 96 25.55 -31.83 -4.99
N ASN B 97 26.33 -30.79 -4.70
CA ASN B 97 26.27 -29.56 -5.46
C ASN B 97 27.61 -29.18 -6.02
N LYS B 98 27.69 -28.95 -7.33
CA LYS B 98 28.94 -28.55 -7.96
C LYS B 98 29.17 -27.07 -7.67
N ASP B 99 30.41 -26.68 -7.38
CA ASP B 99 30.82 -25.30 -7.13
C ASP B 99 30.28 -24.70 -5.84
N ILE B 100 30.03 -25.55 -4.85
CA ILE B 100 29.54 -25.08 -3.55
C ILE B 100 30.72 -25.07 -2.55
N SER B 101 30.61 -24.25 -1.50
CA SER B 101 31.62 -24.20 -0.45
C SER B 101 31.03 -23.76 0.87
N VAL B 102 31.69 -24.12 1.95
CA VAL B 102 31.37 -23.68 3.30
C VAL B 102 32.72 -23.36 3.95
N VAL B 103 32.86 -22.14 4.49
CA VAL B 103 34.12 -21.73 5.10
C VAL B 103 34.00 -21.53 6.60
N PHE B 104 34.79 -22.28 7.36
CA PHE B 104 34.86 -22.10 8.81
C PHE B 104 35.99 -21.14 9.13
N ILE B 105 35.79 -20.27 10.10
CA ILE B 105 36.84 -19.35 10.53
C ILE B 105 37.52 -20.01 11.74
N ASP B 106 38.57 -20.78 11.46
CA ASP B 106 39.26 -21.56 12.47
C ASP B 106 40.02 -20.71 13.47
N LYS B 107 40.74 -19.69 12.99
CA LYS B 107 41.49 -18.77 13.83
C LYS B 107 41.41 -17.38 13.24
N ILE B 108 41.50 -16.38 14.10
CA ILE B 108 41.52 -14.97 13.72
C ILE B 108 42.67 -14.39 14.51
N GLU B 109 43.55 -13.65 13.87
CA GLU B 109 44.71 -13.09 14.54
C GLU B 109 44.95 -11.63 14.14
N ASP B 110 45.28 -10.78 15.10
CA ASP B 110 45.61 -9.40 14.82
C ASP B 110 47.05 -9.35 14.28
N VAL B 111 47.23 -8.94 13.01
CA VAL B 111 48.56 -8.84 12.43
C VAL B 111 48.91 -7.40 12.04
N THR B 112 48.33 -6.41 12.73
CA THR B 112 48.50 -5.00 12.41
C THR B 112 49.95 -4.55 12.40
N ASP B 113 50.70 -4.78 13.50
CA ASP B 113 52.09 -4.34 13.57
C ASP B 113 52.97 -4.99 12.52
N TYR B 114 52.72 -6.28 12.22
CA TYR B 114 53.45 -7.05 11.22
C TYR B 114 53.25 -6.42 9.83
N VAL B 115 52.00 -6.11 9.48
CA VAL B 115 51.66 -5.54 8.19
C VAL B 115 52.20 -4.12 8.07
N LYS B 116 52.03 -3.32 9.14
CA LYS B 116 52.54 -1.95 9.17
C LYS B 116 54.04 -1.91 9.04
N LYS B 117 54.75 -2.87 9.63
CA LYS B 117 56.21 -2.94 9.53
C LYS B 117 56.62 -3.32 8.10
N GLU B 118 55.95 -4.33 7.51
CA GLU B 118 56.24 -4.73 6.14
C GLU B 118 55.97 -3.61 5.15
N LEU B 119 54.96 -2.76 5.45
CA LEU B 119 54.57 -1.61 4.62
C LEU B 119 55.63 -0.53 4.59
N LYS B 120 56.43 -0.39 5.66
CA LYS B 120 57.51 0.61 5.74
C LYS B 120 58.56 0.44 4.62
N ALA B 121 58.63 -0.74 3.99
CA ALA B 121 59.56 -0.97 2.90
C ALA B 121 58.97 -0.56 1.54
N ILE B 122 57.83 0.19 1.49
CA ILE B 122 57.19 0.57 0.22
C ILE B 122 57.95 1.63 -0.55
N LYS B 123 58.26 2.75 0.13
CA LYS B 123 58.95 3.93 -0.41
C LYS B 123 57.94 4.92 -1.02
N ASP B 124 57.09 4.49 -1.99
CA ASP B 124 56.06 5.36 -2.56
C ASP B 124 55.00 5.60 -1.50
N PRO B 125 54.85 6.85 -1.02
CA PRO B 125 53.86 7.09 0.05
C PRO B 125 52.40 6.93 -0.39
N ASN B 126 52.11 7.08 -1.69
CA ASN B 126 50.75 6.94 -2.14
C ASN B 126 50.51 5.57 -2.83
N SER B 127 51.27 4.54 -2.43
CA SER B 127 51.09 3.17 -2.92
C SER B 127 49.84 2.57 -2.29
N MET B 128 49.03 1.87 -3.08
CA MET B 128 47.82 1.23 -2.57
C MET B 128 48.02 -0.23 -2.13
N ASP B 129 49.29 -0.64 -1.96
CA ASP B 129 49.61 -1.99 -1.53
C ASP B 129 48.98 -2.34 -0.20
N TYR B 130 48.80 -1.36 0.70
CA TYR B 130 48.17 -1.56 2.00
C TYR B 130 46.73 -2.09 1.93
N LEU B 131 46.07 -1.97 0.75
CA LEU B 131 44.73 -2.50 0.53
C LEU B 131 44.69 -3.56 -0.59
N SER B 132 45.84 -3.93 -1.15
CA SER B 132 45.96 -4.89 -2.25
C SER B 132 45.82 -6.32 -1.78
N PRO B 133 44.84 -7.06 -2.30
CA PRO B 133 44.69 -8.48 -1.92
C PRO B 133 45.90 -9.31 -2.33
N LYS B 134 46.57 -8.94 -3.44
CA LYS B 134 47.76 -9.64 -3.91
C LYS B 134 48.95 -9.41 -2.95
N TYR B 135 49.18 -8.16 -2.53
CA TYR B 135 50.25 -7.85 -1.59
C TYR B 135 49.97 -8.47 -0.22
N LEU B 136 48.71 -8.39 0.22
CA LEU B 136 48.31 -8.92 1.51
C LEU B 136 48.37 -10.44 1.55
N GLN B 137 48.14 -11.11 0.40
CA GLN B 137 48.25 -12.57 0.34
C GLN B 137 49.69 -13.00 0.41
N LYS B 138 50.61 -12.24 -0.19
CA LYS B 138 52.04 -12.51 -0.13
C LYS B 138 52.50 -12.37 1.34
N LEU B 139 51.93 -11.41 2.11
CA LEU B 139 52.26 -11.22 3.52
C LEU B 139 51.69 -12.32 4.39
N ALA B 140 50.50 -12.82 4.01
CA ALA B 140 49.82 -13.89 4.73
C ALA B 140 50.62 -15.17 4.56
N ASP B 141 51.06 -15.48 3.33
CA ASP B 141 51.88 -16.65 3.02
C ASP B 141 53.22 -16.59 3.75
N LYS B 142 53.81 -15.39 3.86
CA LYS B 142 55.09 -15.23 4.55
C LYS B 142 54.93 -15.57 6.05
N LYS B 143 53.89 -15.05 6.69
CA LYS B 143 53.67 -15.31 8.11
C LYS B 143 53.19 -16.75 8.42
N ALA B 144 52.39 -17.37 7.53
CA ALA B 144 51.89 -18.73 7.77
C ALA B 144 52.94 -19.81 7.51
N GLY B 145 53.77 -19.58 6.52
CA GLY B 145 54.77 -20.55 6.11
C GLY B 145 54.67 -20.90 4.65
N LYS B 146 55.79 -21.32 4.05
CA LYS B 146 55.89 -21.67 2.63
C LYS B 146 54.96 -22.83 2.25
N ASN B 147 55.03 -23.94 2.99
CA ASN B 147 54.18 -25.09 2.69
C ASN B 147 53.01 -25.16 3.69
N PHE B 148 52.41 -23.99 4.06
CA PHE B 148 51.34 -23.98 5.05
C PHE B 148 50.16 -24.87 4.67
N SER B 149 49.57 -24.68 3.47
CA SER B 149 48.41 -25.47 3.06
C SER B 149 48.70 -26.95 2.88
N ALA B 150 49.96 -27.31 2.58
CA ALA B 150 50.34 -28.71 2.43
C ALA B 150 50.51 -29.35 3.81
N LYS B 151 51.14 -28.61 4.76
CA LYS B 151 51.35 -29.04 6.14
C LYS B 151 50.06 -29.03 6.97
N ASN B 152 49.04 -28.26 6.52
CA ASN B 152 47.75 -28.10 7.19
C ASN B 152 46.60 -28.32 6.17
N PRO B 153 46.32 -29.58 5.78
CA PRO B 153 45.29 -29.81 4.74
C PRO B 153 43.87 -29.36 5.13
N GLY B 154 43.26 -28.59 4.24
CA GLY B 154 41.94 -28.00 4.47
C GLY B 154 42.02 -26.53 4.83
N LEU B 155 43.14 -26.11 5.44
CA LEU B 155 43.38 -24.75 5.89
C LEU B 155 44.02 -23.85 4.85
N SER B 156 43.78 -22.55 4.98
CA SER B 156 44.33 -21.46 4.16
C SER B 156 44.32 -20.17 4.97
N VAL B 157 45.20 -19.24 4.67
CA VAL B 157 45.27 -17.98 5.39
C VAL B 157 44.90 -16.80 4.50
N GLU B 158 44.46 -15.70 5.13
CA GLU B 158 44.06 -14.50 4.43
C GLU B 158 44.22 -13.28 5.32
N ILE B 159 44.75 -12.18 4.80
CA ILE B 159 44.85 -10.94 5.56
C ILE B 159 43.91 -9.92 4.94
N LYS B 160 43.08 -9.29 5.76
CA LYS B 160 42.16 -8.27 5.30
C LYS B 160 42.45 -6.95 6.03
N ALA B 161 42.25 -5.83 5.33
CA ALA B 161 42.39 -4.52 5.94
C ALA B 161 41.07 -4.11 6.61
N PHE B 162 41.17 -3.37 7.71
CA PHE B 162 40.02 -2.88 8.48
C PHE B 162 40.27 -1.42 8.85
N TYR B 163 39.21 -0.66 9.11
CA TYR B 163 39.33 0.76 9.46
C TYR B 163 40.14 1.58 8.45
N GLY B 164 39.89 1.36 7.17
CA GLY B 164 40.59 2.04 6.09
C GLY B 164 42.10 1.83 6.07
N GLY B 165 42.56 0.69 6.56
CA GLY B 165 43.98 0.35 6.59
C GLY B 165 44.66 0.60 7.93
N ASN B 166 43.87 0.78 9.01
CA ASN B 166 44.46 1.00 10.34
C ASN B 166 44.53 -0.25 11.23
N LEU B 167 43.90 -1.34 10.79
CA LEU B 167 43.91 -2.60 11.52
C LEU B 167 43.94 -3.73 10.51
N TYR B 168 44.67 -4.80 10.82
CA TYR B 168 44.76 -5.95 9.92
C TYR B 168 44.55 -7.21 10.70
N LEU B 169 43.78 -8.14 10.13
CA LEU B 169 43.56 -9.43 10.75
C LEU B 169 43.88 -10.52 9.76
N MET B 170 44.49 -11.59 10.26
CA MET B 170 44.74 -12.78 9.48
C MET B 170 43.70 -13.82 9.87
N PHE B 171 43.11 -14.47 8.88
CA PHE B 171 42.08 -15.45 9.10
C PHE B 171 42.56 -16.79 8.63
N THR B 172 42.44 -17.80 9.49
CA THR B 172 42.78 -19.17 9.11
C THR B 172 41.43 -19.82 8.78
N LYS B 173 41.24 -20.14 7.51
CA LYS B 173 39.98 -20.66 7.00
C LYS B 173 40.02 -22.14 6.67
N LYS B 174 38.99 -22.88 7.05
CA LYS B 174 38.88 -24.30 6.72
C LYS B 174 37.72 -24.42 5.72
N THR B 175 38.01 -24.75 4.46
CA THR B 175 36.98 -24.80 3.41
C THR B 175 36.52 -26.20 3.03
N TYR B 176 35.20 -26.47 3.08
CA TYR B 176 34.65 -27.76 2.68
C TYR B 176 33.87 -27.55 1.38
N THR B 177 34.12 -28.38 0.36
CA THR B 177 33.46 -28.19 -0.94
C THR B 177 32.46 -29.29 -1.30
N ASP B 178 32.22 -30.25 -0.41
CA ASP B 178 31.19 -31.26 -0.64
C ASP B 178 30.05 -30.92 0.31
N VAL B 179 29.13 -30.02 -0.10
CA VAL B 179 28.02 -29.59 0.73
C VAL B 179 26.75 -29.99 -0.01
N ARG B 180 26.00 -30.95 0.54
CA ARG B 180 24.83 -31.49 -0.16
C ARG B 180 23.48 -30.96 0.31
N LEU B 181 22.54 -30.78 -0.63
CA LEU B 181 21.18 -30.35 -0.36
C LEU B 181 20.48 -31.44 0.42
N VAL B 182 19.87 -31.09 1.56
CA VAL B 182 19.20 -32.05 2.43
C VAL B 182 17.68 -31.81 2.44
N GLY B 183 17.29 -30.55 2.58
CA GLY B 183 15.88 -30.20 2.63
C GLY B 183 15.61 -28.77 2.23
N ALA B 184 14.40 -28.49 1.76
CA ALA B 184 13.99 -27.16 1.35
C ALA B 184 12.49 -27.11 1.32
N PRO B 185 11.89 -26.06 1.91
CA PRO B 185 10.43 -25.93 1.81
C PRO B 185 10.04 -25.56 0.38
N PRO B 186 8.75 -25.73 0.00
CA PRO B 186 8.33 -25.27 -1.33
C PRO B 186 8.55 -23.76 -1.48
N SER B 187 8.71 -23.26 -2.72
CA SER B 187 8.90 -21.83 -2.94
C SER B 187 7.77 -20.99 -2.34
N SER B 188 6.56 -21.56 -2.16
CA SER B 188 5.43 -20.83 -1.54
C SER B 188 5.70 -20.47 -0.08
N ILE B 189 6.58 -21.25 0.61
CA ILE B 189 6.95 -20.98 2.00
C ILE B 189 8.29 -20.22 2.05
N GLY B 190 9.29 -20.71 1.31
CA GLY B 190 10.61 -20.11 1.26
C GLY B 190 10.67 -18.72 0.68
N LYS B 191 9.67 -18.35 -0.12
CA LYS B 191 9.60 -17.06 -0.77
C LYS B 191 8.16 -16.56 -0.73
N PHE B 192 7.46 -16.71 0.42
CA PHE B 192 6.08 -16.32 0.56
C PHE B 192 5.77 -14.90 0.12
N GLY B 193 6.48 -13.92 0.66
CA GLY B 193 6.26 -12.55 0.25
C GLY B 193 6.64 -12.30 -1.20
N ALA B 194 7.67 -13.05 -1.66
CA ALA B 194 8.30 -13.01 -2.96
C ALA B 194 8.84 -11.54 -3.21
N ASP B 195 8.41 -10.76 -4.23
CA ASP B 195 8.93 -9.43 -4.44
C ASP B 195 8.14 -8.35 -3.72
N THR B 196 6.84 -8.59 -3.43
CA THR B 196 5.98 -7.63 -2.73
C THR B 196 6.46 -7.39 -1.30
N ASP B 197 6.76 -8.47 -0.57
CA ASP B 197 7.23 -8.34 0.81
C ASP B 197 8.73 -8.20 0.97
N ASN B 198 9.49 -8.08 -0.13
CA ASN B 198 10.93 -7.89 -0.09
C ASN B 198 11.24 -6.56 0.62
N TRP B 199 12.14 -6.58 1.60
CA TRP B 199 12.48 -5.42 2.45
C TRP B 199 11.31 -5.03 3.37
N ILE B 200 10.29 -5.88 3.56
CA ILE B 200 9.11 -5.51 4.33
C ILE B 200 8.96 -6.23 5.67
N TRP B 201 8.60 -5.46 6.69
CA TRP B 201 8.21 -5.93 7.99
C TRP B 201 6.85 -5.25 8.27
N PRO B 202 5.79 -5.98 8.71
CA PRO B 202 5.74 -7.42 9.05
C PRO B 202 6.07 -8.35 7.89
N ARG B 203 6.59 -9.54 8.22
CA ARG B 203 6.90 -10.53 7.21
C ARG B 203 6.55 -11.93 7.62
N HIS B 204 6.11 -12.74 6.65
CA HIS B 204 5.62 -14.08 6.89
C HIS B 204 6.29 -15.16 6.02
N THR B 205 7.57 -14.97 5.74
CA THR B 205 8.32 -15.87 4.87
C THR B 205 9.14 -16.91 5.66
N GLY B 206 8.98 -18.18 5.32
CA GLY B 206 9.76 -19.28 5.90
C GLY B 206 11.03 -19.48 5.10
N ASP B 207 11.86 -18.45 5.05
CA ASP B 207 13.12 -18.39 4.32
C ASP B 207 14.22 -19.26 4.90
N PHE B 208 14.17 -20.56 4.62
CA PHE B 208 15.21 -21.50 5.05
C PHE B 208 15.41 -22.63 4.04
N SER B 209 16.59 -23.23 4.08
CA SER B 209 16.99 -24.41 3.32
C SER B 209 18.03 -25.15 4.15
N ILE B 210 18.06 -26.47 4.01
CA ILE B 210 18.92 -27.36 4.77
C ILE B 210 19.95 -28.04 3.84
N PHE B 211 21.20 -28.10 4.30
CA PHE B 211 22.33 -28.71 3.62
C PHE B 211 23.11 -29.58 4.62
N ARG B 212 24.15 -30.30 4.15
CA ARG B 212 25.00 -31.08 5.01
C ARG B 212 26.42 -31.01 4.52
N ILE B 213 27.38 -30.82 5.43
CA ILE B 213 28.78 -30.82 5.08
C ILE B 213 29.30 -32.26 5.05
N TYR B 214 29.94 -32.64 3.94
CA TYR B 214 30.59 -33.94 3.78
C TYR B 214 32.11 -33.74 3.77
N ALA B 215 32.83 -34.76 4.24
CA ALA B 215 34.29 -34.72 4.36
C ALA B 215 34.90 -36.16 4.18
N ASP B 216 36.25 -36.32 4.22
CA ASP B 216 36.87 -37.64 4.14
C ASP B 216 36.66 -38.39 5.47
N LYS B 217 37.14 -39.65 5.57
CA LYS B 217 36.97 -40.46 6.77
C LYS B 217 37.50 -39.79 8.05
N ASN B 218 38.47 -38.89 7.91
CA ASN B 218 39.03 -38.19 9.08
C ASN B 218 38.41 -36.82 9.37
N GLY B 219 37.37 -36.45 8.65
CA GLY B 219 36.72 -35.15 8.82
C GLY B 219 37.43 -33.99 8.17
N ASN B 220 38.38 -34.28 7.28
CA ASN B 220 39.12 -33.24 6.57
C ASN B 220 38.42 -32.87 5.28
N PRO B 221 38.54 -31.60 4.85
CA PRO B 221 37.89 -31.18 3.60
C PRO B 221 38.26 -32.06 2.40
N ALA B 222 37.26 -32.36 1.58
CA ALA B 222 37.47 -33.18 0.40
C ALA B 222 36.43 -32.80 -0.64
N PRO B 223 36.80 -32.68 -1.93
CA PRO B 223 35.78 -32.41 -2.96
C PRO B 223 34.83 -33.59 -3.10
N TYR B 224 33.67 -33.40 -3.77
CA TYR B 224 32.69 -34.50 -3.91
C TYR B 224 33.31 -35.84 -4.35
N SER B 225 33.01 -36.88 -3.57
CA SER B 225 33.37 -38.27 -3.77
C SER B 225 32.26 -39.13 -3.16
N GLU B 226 31.90 -40.24 -3.83
CA GLU B 226 30.89 -41.15 -3.29
C GLU B 226 31.32 -41.72 -1.92
N ASP B 227 32.64 -41.73 -1.63
CA ASP B 227 33.24 -42.21 -0.38
C ASP B 227 33.14 -41.20 0.77
N ASN B 228 32.74 -39.94 0.48
CA ASN B 228 32.64 -38.92 1.51
C ASN B 228 31.57 -39.23 2.54
N VAL B 229 31.86 -38.90 3.78
CA VAL B 229 31.03 -39.17 4.94
C VAL B 229 30.68 -37.84 5.66
N PRO B 230 29.48 -37.74 6.29
CA PRO B 230 29.12 -36.49 6.99
C PRO B 230 30.19 -35.97 7.95
N LEU B 231 30.33 -34.66 8.06
CA LEU B 231 31.32 -34.06 8.94
C LEU B 231 30.84 -34.10 10.39
N LYS B 232 31.64 -34.65 11.32
CA LYS B 232 31.33 -34.60 12.74
C LYS B 232 32.03 -33.32 13.21
N PRO B 233 31.29 -32.20 13.38
CA PRO B 233 31.94 -30.94 13.72
C PRO B 233 32.30 -30.81 15.18
N LYS B 234 33.30 -29.96 15.48
CA LYS B 234 33.73 -29.75 16.85
C LYS B 234 32.68 -28.98 17.68
N ARG B 235 31.79 -28.22 17.02
CA ARG B 235 30.74 -27.42 17.63
C ARG B 235 29.54 -27.28 16.70
N PHE B 236 28.34 -27.36 17.26
CA PHE B 236 27.10 -27.14 16.54
C PHE B 236 26.12 -26.40 17.46
N PHE B 237 25.10 -25.77 16.87
CA PHE B 237 24.12 -25.03 17.65
C PHE B 237 23.05 -25.96 18.20
N ASN B 238 22.56 -25.67 19.41
CA ASN B 238 21.42 -26.39 19.96
C ASN B 238 20.19 -25.59 19.50
N ILE B 239 19.10 -26.26 19.15
CA ILE B 239 17.87 -25.57 18.76
C ILE B 239 17.01 -25.28 19.99
N SER B 240 16.66 -24.02 20.24
CA SER B 240 15.79 -23.69 21.38
C SER B 240 14.33 -23.72 20.98
N LEU B 241 13.50 -24.38 21.81
CA LEU B 241 12.05 -24.34 21.58
C LEU B 241 11.31 -23.36 22.54
N GLY B 242 12.06 -22.69 23.41
CA GLY B 242 11.53 -21.69 24.33
C GLY B 242 10.96 -20.47 23.66
N GLY B 243 11.37 -20.23 22.42
CA GLY B 243 10.87 -19.12 21.61
C GLY B 243 11.39 -17.77 22.01
N VAL B 244 10.67 -16.73 21.58
CA VAL B 244 11.04 -15.36 21.89
C VAL B 244 9.87 -14.59 22.49
N GLN B 245 10.21 -13.61 23.31
CA GLN B 245 9.29 -12.66 23.87
C GLN B 245 9.82 -11.28 23.60
N GLU B 246 8.96 -10.28 23.61
CA GLU B 246 9.37 -8.89 23.39
C GLU B 246 10.43 -8.48 24.44
N ASN B 247 11.49 -7.81 23.98
CA ASN B 247 12.63 -7.33 24.77
C ASN B 247 13.69 -8.38 25.05
N ASP B 248 13.49 -9.63 24.63
CA ASP B 248 14.49 -10.69 24.86
C ASP B 248 15.77 -10.35 24.14
N TYR B 249 16.91 -10.65 24.75
CA TYR B 249 18.22 -10.45 24.18
C TYR B 249 18.36 -11.35 22.97
N ALA B 250 18.90 -10.80 21.88
CA ALA B 250 19.20 -11.60 20.71
C ALA B 250 20.58 -11.19 20.17
N MET B 251 21.31 -12.15 19.61
CA MET B 251 22.59 -11.87 19.00
C MET B 251 22.76 -12.65 17.72
N ILE B 252 23.63 -12.15 16.84
CA ILE B 252 23.85 -12.77 15.55
C ILE B 252 25.34 -12.76 15.26
N MET B 253 25.80 -13.82 14.60
CA MET B 253 27.15 -13.97 14.06
C MET B 253 26.98 -14.23 12.56
N GLY B 254 27.82 -13.61 11.74
CA GLY B 254 27.71 -13.75 10.30
C GLY B 254 28.69 -12.89 9.53
N PHE B 255 28.50 -12.80 8.21
CA PHE B 255 29.44 -12.11 7.35
C PHE B 255 28.86 -10.90 6.63
N PRO B 256 28.63 -9.78 7.33
CA PRO B 256 28.13 -8.58 6.65
C PRO B 256 29.12 -8.14 5.58
N GLY B 257 28.61 -7.95 4.37
CA GLY B 257 29.42 -7.62 3.21
C GLY B 257 30.03 -6.25 3.21
N THR B 258 29.21 -5.18 3.15
CA THR B 258 29.75 -3.81 3.07
C THR B 258 28.87 -2.80 3.80
N THR B 259 29.53 -1.79 4.38
CA THR B 259 28.90 -0.62 4.99
C THR B 259 29.76 0.59 4.61
N HIS B 260 29.25 1.81 4.87
CA HIS B 260 29.95 3.04 4.58
C HIS B 260 29.71 4.01 5.73
N ARG B 261 30.00 3.55 6.94
CA ARG B 261 29.90 4.23 8.24
C ARG B 261 30.78 5.47 8.31
N TYR B 262 31.86 5.52 7.52
CA TYR B 262 32.80 6.64 7.60
C TYR B 262 32.73 7.56 6.39
N PHE B 263 31.60 7.58 5.69
CA PHE B 263 31.32 8.48 4.59
C PHE B 263 31.39 9.91 5.09
N THR B 264 31.89 10.83 4.26
CA THR B 264 31.85 12.23 4.62
C THR B 264 30.43 12.72 4.24
N ALA B 265 30.05 13.91 4.70
CA ALA B 265 28.78 14.51 4.31
C ALA B 265 28.70 14.69 2.77
N SER B 266 29.84 15.02 2.12
CA SER B 266 29.91 15.16 0.65
C SER B 266 29.64 13.84 -0.05
N GLU B 267 30.08 12.74 0.53
CA GLU B 267 29.84 11.41 -0.02
C GLU B 267 28.37 11.00 0.13
N VAL B 268 27.70 11.45 1.20
CA VAL B 268 26.27 11.20 1.39
C VAL B 268 25.49 12.01 0.33
N ASP B 269 25.90 13.28 0.07
CA ASP B 269 25.25 14.12 -0.95
C ASP B 269 25.38 13.46 -2.32
N GLU B 270 26.55 12.93 -2.62
CA GLU B 270 26.85 12.28 -3.90
C GLU B 270 26.03 11.00 -4.11
N TRP B 271 25.93 10.20 -3.05
CA TRP B 271 25.17 8.97 -3.05
C TRP B 271 23.68 9.26 -3.30
N LYS B 272 23.17 10.34 -2.71
CA LYS B 272 21.79 10.75 -2.92
C LYS B 272 21.59 11.32 -4.35
N SER B 273 22.27 12.44 -4.67
CA SER B 273 22.08 13.23 -5.87
C SER B 273 22.57 12.60 -7.17
N ILE B 274 23.49 11.64 -7.11
CA ILE B 274 23.96 10.98 -8.32
C ILE B 274 23.49 9.52 -8.31
N ASP B 275 24.10 8.67 -7.46
CA ASP B 275 23.81 7.25 -7.40
C ASP B 275 22.32 6.94 -7.30
N ASN B 276 21.67 7.35 -6.21
CA ASN B 276 20.25 7.07 -5.98
C ASN B 276 19.31 7.82 -6.93
N ASP B 277 19.42 9.14 -7.07
CA ASP B 277 18.52 9.88 -7.96
C ASP B 277 18.52 9.38 -9.42
N ILE B 278 19.68 8.98 -9.96
CA ILE B 278 19.77 8.48 -11.33
C ILE B 278 19.15 7.08 -11.41
N ARG B 279 19.47 6.21 -10.44
CA ARG B 279 18.91 4.87 -10.39
C ARG B 279 17.37 4.93 -10.28
N ILE B 280 16.85 5.79 -9.39
CA ILE B 280 15.42 5.97 -9.20
C ILE B 280 14.77 6.51 -10.49
N ARG B 281 15.31 7.59 -11.05
CA ARG B 281 14.75 8.18 -12.27
C ARG B 281 14.74 7.22 -13.45
N MET B 282 15.87 6.59 -13.74
CA MET B 282 16.01 5.69 -14.88
C MET B 282 15.23 4.38 -14.74
N ARG B 283 15.26 3.77 -13.56
CA ARG B 283 14.50 2.54 -13.34
C ARG B 283 13.01 2.81 -13.36
N ASP B 284 12.55 4.00 -12.95
CA ASP B 284 11.13 4.34 -12.99
C ASP B 284 10.65 4.42 -14.45
N ILE B 285 11.46 4.97 -15.35
CA ILE B 285 11.11 5.02 -16.76
C ILE B 285 11.08 3.62 -17.37
N ARG B 286 12.08 2.81 -17.09
CA ARG B 286 12.18 1.45 -17.62
C ARG B 286 11.01 0.57 -17.15
N GLN B 287 10.75 0.57 -15.83
CA GLN B 287 9.69 -0.19 -15.17
C GLN B 287 8.32 0.26 -15.60
N GLY B 288 8.14 1.55 -15.84
CA GLY B 288 6.89 2.07 -16.34
C GLY B 288 6.53 1.50 -17.69
N VAL B 289 7.49 1.46 -18.64
CA VAL B 289 7.22 0.92 -19.98
C VAL B 289 6.97 -0.58 -19.92
N MET B 290 7.77 -1.29 -19.12
CA MET B 290 7.62 -2.73 -18.93
C MET B 290 6.26 -3.08 -18.35
N LEU B 291 5.78 -2.28 -17.38
CA LEU B 291 4.49 -2.49 -16.77
C LEU B 291 3.36 -2.34 -17.79
N ARG B 292 3.37 -1.26 -18.61
CA ARG B 292 2.38 -1.00 -19.69
C ARG B 292 2.28 -2.23 -20.59
N GLU B 293 3.43 -2.77 -20.97
CA GLU B 293 3.49 -3.89 -21.88
C GLU B 293 3.09 -5.21 -21.26
N MET B 294 3.43 -5.42 -19.98
CA MET B 294 3.09 -6.66 -19.32
C MET B 294 1.60 -6.78 -19.08
N LEU B 295 0.95 -5.67 -18.68
CA LEU B 295 -0.49 -5.66 -18.46
C LEU B 295 -1.25 -5.87 -19.78
N ALA B 296 -0.73 -5.33 -20.89
CA ALA B 296 -1.36 -5.42 -22.21
C ALA B 296 -1.29 -6.80 -22.87
N ASP B 297 -0.22 -7.55 -22.62
CA ASP B 297 -0.03 -8.85 -23.25
C ASP B 297 0.41 -9.85 -22.19
N PRO B 298 -0.41 -10.88 -21.90
CA PRO B 298 -0.01 -11.87 -20.88
C PRO B 298 1.27 -12.64 -21.21
N GLN B 299 1.60 -12.74 -22.50
CA GLN B 299 2.83 -13.41 -22.94
C GLN B 299 4.03 -12.53 -22.58
N ILE B 300 3.90 -11.19 -22.70
CA ILE B 300 4.95 -10.24 -22.30
C ILE B 300 5.15 -10.24 -20.78
N LYS B 301 4.06 -10.47 -20.02
CA LYS B 301 4.14 -10.56 -18.57
C LYS B 301 4.99 -11.79 -18.19
N ILE B 302 4.80 -12.92 -18.89
CA ILE B 302 5.59 -14.14 -18.64
C ILE B 302 7.08 -13.87 -18.93
N MET B 303 7.37 -13.29 -20.10
CA MET B 303 8.72 -13.00 -20.55
C MET B 303 9.48 -11.98 -19.69
N TYR B 304 8.81 -10.90 -19.27
CA TYR B 304 9.48 -9.80 -18.59
C TYR B 304 9.30 -9.74 -17.09
N SER B 305 8.56 -10.68 -16.49
CA SER B 305 8.34 -10.65 -15.04
C SER B 305 9.60 -10.69 -14.21
N ALA B 306 10.56 -11.55 -14.57
CA ALA B 306 11.80 -11.66 -13.80
C ALA B 306 12.70 -10.43 -14.00
N LYS B 307 12.72 -9.89 -15.23
CA LYS B 307 13.50 -8.68 -15.55
C LYS B 307 12.92 -7.46 -14.83
N TYR B 308 11.59 -7.38 -14.75
CA TYR B 308 10.91 -6.30 -14.07
C TYR B 308 11.20 -6.39 -12.57
N ALA B 309 11.07 -7.58 -11.97
CA ALA B 309 11.32 -7.77 -10.56
C ALA B 309 12.78 -7.49 -10.19
N ALA B 310 13.72 -7.89 -11.04
CA ALA B 310 15.14 -7.65 -10.79
C ALA B 310 15.43 -6.14 -10.77
N SER B 311 14.85 -5.40 -11.71
CA SER B 311 15.03 -3.95 -11.79
C SER B 311 14.49 -3.27 -10.53
N GLN B 312 13.32 -3.74 -10.04
CA GLN B 312 12.63 -3.21 -8.86
C GLN B 312 13.42 -3.36 -7.57
N ASN B 313 14.28 -4.38 -7.46
CA ASN B 313 15.06 -4.67 -6.25
C ASN B 313 15.96 -3.50 -5.81
N ALA B 314 16.93 -3.05 -6.66
CA ALA B 314 17.80 -1.93 -6.29
C ALA B 314 17.08 -0.58 -6.35
N TYR B 315 15.98 -0.50 -7.13
CA TYR B 315 15.11 0.64 -7.21
C TYR B 315 14.49 0.87 -5.82
N LYS B 316 13.90 -0.18 -5.22
CA LYS B 316 13.29 -0.09 -3.90
C LYS B 316 14.32 0.28 -2.83
N ARG B 317 15.54 -0.27 -2.93
CA ARG B 317 16.63 -0.01 -2.00
C ARG B 317 17.06 1.46 -2.09
N ALA B 318 17.13 2.04 -3.31
CA ALA B 318 17.49 3.44 -3.51
C ALA B 318 16.43 4.38 -2.95
N ILE B 319 15.13 3.99 -3.09
CA ILE B 319 14.03 4.78 -2.52
C ILE B 319 14.16 4.83 -0.99
N GLY B 320 14.45 3.66 -0.41
CA GLY B 320 14.63 3.51 1.02
C GLY B 320 15.82 4.25 1.57
N ALA B 321 16.90 4.26 0.81
CA ALA B 321 18.13 4.93 1.18
C ALA B 321 17.93 6.44 1.14
N ASN B 322 17.22 6.94 0.10
CA ASN B 322 16.92 8.37 -0.03
C ASN B 322 15.94 8.84 1.05
N TRP B 323 15.06 7.95 1.54
CA TRP B 323 14.15 8.26 2.63
C TRP B 323 14.97 8.55 3.89
N ALA B 324 15.98 7.71 4.17
CA ALA B 324 16.82 7.89 5.34
C ALA B 324 17.63 9.17 5.26
N ILE B 325 18.18 9.49 4.08
CA ILE B 325 18.96 10.72 3.91
C ILE B 325 18.11 11.95 4.18
N LYS B 326 16.85 11.91 3.74
CA LYS B 326 15.89 13.00 3.92
C LYS B 326 15.32 13.13 5.34
N THR B 327 14.92 12.01 5.96
CA THR B 327 14.21 12.03 7.24
C THR B 327 15.04 11.75 8.48
N ARG B 328 16.12 10.99 8.33
CA ARG B 328 16.95 10.61 9.48
C ARG B 328 18.18 11.48 9.71
N GLY B 329 18.39 12.49 8.85
CA GLY B 329 19.51 13.41 8.95
C GLY B 329 20.86 12.72 8.86
N LEU B 330 21.06 11.89 7.84
CA LEU B 330 22.33 11.19 7.67
C LEU B 330 23.45 12.12 7.28
N ARG B 331 23.18 13.07 6.39
CA ARG B 331 24.18 14.01 5.93
C ARG B 331 24.69 14.88 7.08
N GLN B 332 23.76 15.33 7.93
CA GLN B 332 24.04 16.18 9.07
C GLN B 332 24.85 15.46 10.12
N ASN B 333 24.57 14.18 10.35
CA ASN B 333 25.31 13.40 11.34
C ASN B 333 26.73 13.10 10.90
N LYS B 334 26.96 12.94 9.60
CA LYS B 334 28.30 12.74 9.07
C LYS B 334 29.09 14.04 9.12
N GLN B 335 28.42 15.18 8.84
CA GLN B 335 28.97 16.51 8.90
C GLN B 335 29.35 16.81 10.37
N ALA B 336 28.51 16.43 11.33
CA ALA B 336 28.79 16.63 12.76
C ALA B 336 30.00 15.81 13.20
N MET B 337 30.11 14.58 12.68
CA MET B 337 31.21 13.69 12.96
C MET B 337 32.53 14.26 12.46
N GLN B 338 32.56 14.76 11.22
CA GLN B 338 33.80 15.30 10.66
C GLN B 338 34.16 16.65 11.30
N ASP B 339 33.17 17.47 11.65
CA ASP B 339 33.45 18.77 12.29
C ASP B 339 34.02 18.58 13.70
N ARG B 340 33.49 17.57 14.41
CA ARG B 340 33.94 17.23 15.76
C ARG B 340 35.42 16.81 15.71
N LEU B 341 35.80 16.02 14.70
CA LEU B 341 37.19 15.57 14.52
C LEU B 341 38.11 16.76 14.19
N ILE B 342 37.68 17.63 13.26
CA ILE B 342 38.43 18.80 12.81
C ILE B 342 38.71 19.76 13.98
N ALA B 343 37.73 19.90 14.90
CA ALA B 343 37.85 20.77 16.08
C ALA B 343 38.87 20.20 17.06
N TRP B 344 38.87 18.87 17.21
CA TRP B 344 39.78 18.14 18.09
C TRP B 344 41.21 18.18 17.54
N GLY B 345 41.34 18.02 16.23
CA GLY B 345 42.62 18.07 15.54
C GLY B 345 43.27 19.44 15.63
N ALA B 346 42.45 20.51 15.63
CA ALA B 346 42.92 21.88 15.76
C ALA B 346 43.46 22.09 17.19
N LYS B 347 42.76 21.55 18.20
CA LYS B 347 43.20 21.64 19.58
C LYS B 347 44.53 20.89 19.74
N GLN B 348 44.65 19.72 19.13
CA GLN B 348 45.87 18.91 19.22
C GLN B 348 47.06 19.47 18.40
N GLY B 349 46.80 20.39 17.48
CA GLY B 349 47.84 20.95 16.62
C GLY B 349 48.22 20.01 15.49
N THR B 350 47.27 19.19 15.01
CA THR B 350 47.48 18.23 13.93
C THR B 350 46.47 18.46 12.81
N PRO B 351 46.86 19.19 11.76
CA PRO B 351 45.90 19.49 10.68
C PRO B 351 45.61 18.38 9.67
N ARG B 352 46.29 17.23 9.77
CA ARG B 352 46.11 16.17 8.78
C ARG B 352 44.69 15.60 8.67
N TYR B 353 43.88 15.71 9.73
CA TYR B 353 42.51 15.19 9.69
C TYR B 353 41.62 16.12 8.91
N GLU B 354 41.79 17.43 9.10
CA GLU B 354 41.02 18.42 8.34
C GLU B 354 41.44 18.34 6.86
N GLU B 355 42.74 18.19 6.60
CA GLU B 355 43.31 18.05 5.27
C GLU B 355 42.75 16.81 4.56
N ALA B 356 42.52 15.71 5.32
CA ALA B 356 41.96 14.46 4.80
C ALA B 356 40.49 14.60 4.42
N VAL B 357 39.68 15.30 5.24
CA VAL B 357 38.27 15.52 4.91
C VAL B 357 38.19 16.41 3.65
N HIS B 358 39.01 17.48 3.61
CA HIS B 358 39.10 18.38 2.47
C HIS B 358 39.47 17.61 1.19
N GLU B 359 40.42 16.66 1.30
CA GLU B 359 40.84 15.84 0.16
C GLU B 359 39.66 15.04 -0.40
N ILE B 360 38.88 14.38 0.50
CA ILE B 360 37.72 13.60 0.09
C ILE B 360 36.69 14.51 -0.59
N ASP B 361 36.37 15.65 0.05
CA ASP B 361 35.44 16.65 -0.45
C ASP B 361 35.85 17.16 -1.84
N ALA B 362 37.15 17.45 -2.05
CA ALA B 362 37.62 17.96 -3.34
C ALA B 362 37.57 16.90 -4.44
N THR B 363 37.82 15.63 -4.06
CA THR B 363 37.80 14.54 -5.01
C THR B 363 36.37 14.26 -5.44
N VAL B 364 35.43 14.24 -4.47
CA VAL B 364 34.01 14.04 -4.75
C VAL B 364 33.51 15.15 -5.69
N ALA B 365 33.90 16.39 -5.39
CA ALA B 365 33.52 17.53 -6.22
C ALA B 365 34.07 17.40 -7.65
N LYS B 366 35.34 17.02 -7.78
CA LYS B 366 36.00 16.87 -9.09
C LYS B 366 35.41 15.74 -9.95
N ARG B 367 35.04 14.59 -9.36
CA ARG B 367 34.50 13.48 -10.13
C ARG B 367 32.99 13.54 -10.40
N ALA B 368 32.30 14.60 -9.95
CA ALA B 368 30.86 14.76 -10.09
C ALA B 368 30.28 14.61 -11.51
N ASP B 369 30.82 15.35 -12.51
CA ASP B 369 30.28 15.24 -13.85
C ASP B 369 30.57 13.86 -14.44
N LEU B 370 31.76 13.32 -14.18
CA LEU B 370 32.14 11.99 -14.65
C LEU B 370 31.24 10.88 -14.07
N ARG B 371 31.05 10.88 -12.73
CA ARG B 371 30.23 9.91 -12.03
C ARG B 371 28.76 9.98 -12.47
N ARG B 372 28.27 11.20 -12.74
CA ARG B 372 26.92 11.42 -13.22
C ARG B 372 26.74 10.75 -14.60
N ARG B 373 27.71 10.94 -15.50
CA ARG B 373 27.69 10.34 -16.83
C ARG B 373 27.80 8.82 -16.76
N TYR B 374 28.58 8.30 -15.81
CA TYR B 374 28.74 6.85 -15.68
C TYR B 374 27.42 6.22 -15.22
N TRP B 375 26.78 6.85 -14.24
CA TRP B 375 25.50 6.35 -13.72
C TRP B 375 24.39 6.52 -14.75
N MET B 376 24.45 7.60 -15.52
CA MET B 376 23.47 7.86 -16.56
C MET B 376 23.55 6.78 -17.64
N ILE B 377 24.77 6.41 -18.08
CA ILE B 377 24.89 5.37 -19.11
C ILE B 377 24.66 3.96 -18.54
N GLU B 378 25.05 3.70 -17.28
CA GLU B 378 24.87 2.39 -16.69
C GLU B 378 23.40 2.08 -16.43
N GLU B 379 22.67 3.01 -15.83
CA GLU B 379 21.25 2.82 -15.54
C GLU B 379 20.41 3.00 -16.80
N GLY B 380 20.76 4.00 -17.59
CA GLY B 380 20.00 4.35 -18.77
C GLY B 380 20.14 3.42 -19.94
N ILE B 381 21.36 2.98 -20.25
CA ILE B 381 21.59 2.16 -21.45
C ILE B 381 22.08 0.75 -21.15
N ILE B 382 23.20 0.60 -20.39
CA ILE B 382 23.81 -0.70 -20.07
C ILE B 382 22.81 -1.67 -19.43
N ARG B 383 22.11 -1.25 -18.36
CA ARG B 383 21.08 -2.11 -17.79
C ARG B 383 19.66 -1.69 -18.26
N GLY B 384 19.47 -0.47 -18.75
CA GLY B 384 18.17 0.00 -19.24
C GLY B 384 17.69 -0.52 -20.60
N ILE B 385 18.61 -0.71 -21.57
CA ILE B 385 18.26 -1.16 -22.92
C ILE B 385 18.86 -2.52 -23.26
N GLU B 386 18.02 -3.52 -23.53
CA GLU B 386 18.46 -4.87 -23.84
C GLU B 386 19.35 -4.99 -25.08
N PHE B 387 19.07 -4.20 -26.14
CA PHE B 387 19.89 -4.29 -27.36
C PHE B 387 21.27 -3.64 -27.18
N ALA B 388 21.59 -3.07 -26.00
CA ALA B 388 22.94 -2.60 -25.72
C ALA B 388 23.85 -3.84 -25.52
N ARG B 389 23.27 -4.97 -25.00
CA ARG B 389 23.96 -6.24 -24.80
C ARG B 389 23.73 -7.22 -25.97
N SER B 390 23.53 -6.68 -27.18
CA SER B 390 23.37 -7.46 -28.40
C SER B 390 24.78 -7.94 -28.89
N PRO B 391 24.87 -8.90 -29.84
CA PRO B 391 26.20 -9.40 -30.22
C PRO B 391 27.14 -8.40 -30.88
N ILE B 392 28.40 -8.40 -30.42
CA ILE B 392 29.46 -7.59 -31.01
C ILE B 392 30.49 -8.59 -31.52
N PRO B 393 30.74 -8.61 -32.84
CA PRO B 393 31.70 -9.57 -33.38
C PRO B 393 33.11 -9.34 -32.83
N THR B 394 33.79 -10.41 -32.41
CA THR B 394 35.15 -10.34 -31.89
C THR B 394 36.17 -10.04 -33.01
N GLU B 395 37.41 -9.60 -32.63
CA GLU B 395 38.47 -9.34 -33.62
C GLU B 395 38.85 -10.61 -34.39
N ASP B 396 38.71 -11.78 -33.74
CA ASP B 396 38.98 -13.09 -34.34
C ASP B 396 37.85 -13.45 -35.31
N GLU B 397 36.59 -13.14 -34.97
CA GLU B 397 35.44 -13.43 -35.82
C GLU B 397 35.46 -12.63 -37.12
N THR B 398 35.85 -11.36 -37.04
CA THR B 398 35.95 -10.52 -38.22
C THR B 398 37.19 -10.91 -39.07
N LYS B 399 38.27 -11.39 -38.43
CA LYS B 399 39.45 -11.87 -39.16
C LYS B 399 39.30 -13.39 -39.31
N ALA B 400 38.15 -13.80 -39.85
CA ALA B 400 37.69 -15.16 -40.17
C ALA B 400 36.60 -15.06 -41.26
N LEU B 401 35.78 -13.99 -41.20
CA LEU B 401 34.82 -13.70 -42.25
C LEU B 401 35.52 -13.01 -43.44
N GLN B 402 36.66 -12.31 -43.18
CA GLN B 402 37.51 -11.61 -44.15
C GLN B 402 38.63 -10.90 -43.39
N ALA B 406 39.90 -18.78 -45.81
CA ALA B 406 39.65 -20.08 -45.18
C ALA B 406 38.16 -20.33 -44.94
N SER B 407 37.75 -21.60 -44.76
CA SER B 407 36.32 -21.88 -44.54
C SER B 407 35.88 -21.91 -43.06
N ALA B 408 36.68 -21.31 -42.16
CA ALA B 408 36.25 -21.15 -40.77
C ALA B 408 35.26 -19.95 -40.62
N ARG B 409 34.71 -19.46 -41.77
CA ARG B 409 33.68 -18.45 -41.91
C ARG B 409 32.39 -19.01 -41.31
N LYS B 410 32.10 -20.32 -41.52
CA LYS B 410 30.91 -20.99 -40.98
C LYS B 410 30.98 -21.16 -39.45
N GLU B 411 32.21 -21.26 -38.90
CA GLU B 411 32.44 -21.36 -37.46
C GLU B 411 32.14 -20.00 -36.81
N ALA B 412 32.58 -18.89 -37.45
CA ALA B 412 32.34 -17.53 -36.97
C ALA B 412 30.82 -17.25 -36.94
N ILE B 413 30.11 -17.58 -38.01
CA ILE B 413 28.66 -17.41 -38.10
C ILE B 413 27.94 -18.24 -37.05
N ASP B 414 28.47 -19.41 -36.69
CA ASP B 414 27.84 -20.24 -35.66
C ASP B 414 28.06 -19.64 -34.26
N LYS B 415 29.22 -19.00 -34.05
CA LYS B 415 29.54 -18.35 -32.77
C LYS B 415 28.68 -17.10 -32.60
N ILE B 416 28.51 -16.31 -33.67
CA ILE B 416 27.69 -15.11 -33.66
C ILE B 416 26.22 -15.50 -33.50
N ARG B 417 25.77 -16.57 -34.18
CA ARG B 417 24.40 -17.07 -34.08
C ARG B 417 24.06 -17.53 -32.65
N THR B 418 25.03 -18.14 -31.95
CA THR B 418 24.80 -18.59 -30.59
C THR B 418 24.60 -17.39 -29.67
N ARG B 419 25.39 -16.33 -29.85
CA ARG B 419 25.25 -15.12 -29.04
C ARG B 419 23.97 -14.37 -29.37
N TYR B 420 23.55 -14.38 -30.65
CA TYR B 420 22.32 -13.77 -31.09
C TYR B 420 21.13 -14.53 -30.48
N SER B 421 21.19 -15.86 -30.41
CA SER B 421 20.11 -16.67 -29.81
C SER B 421 19.99 -16.38 -28.31
N LYS B 422 21.12 -16.15 -27.63
CA LYS B 422 21.13 -15.85 -26.21
C LYS B 422 20.52 -14.45 -25.96
N PHE B 423 20.77 -13.49 -26.87
CA PHE B 423 20.20 -12.14 -26.77
C PHE B 423 18.70 -12.14 -27.13
N ALA B 424 18.35 -12.56 -28.35
CA ALA B 424 16.97 -12.63 -28.78
C ALA B 424 16.36 -13.99 -28.37
N ASN B 425 16.28 -14.26 -27.06
CA ASN B 425 15.77 -15.54 -26.54
C ASN B 425 14.23 -15.59 -26.38
N LYS B 426 13.68 -16.64 -25.70
CA LYS B 426 12.25 -16.82 -25.45
C LYS B 426 11.63 -15.68 -24.63
N ASP B 427 12.46 -14.97 -23.83
CA ASP B 427 12.01 -13.87 -22.99
C ASP B 427 12.25 -12.49 -23.60
N TYR B 428 12.90 -12.41 -24.77
CA TYR B 428 13.16 -11.15 -25.42
C TYR B 428 12.10 -10.78 -26.42
N SER B 429 11.62 -9.54 -26.34
CA SER B 429 10.67 -8.98 -27.29
C SER B 429 11.30 -7.71 -27.87
N ALA B 430 11.53 -7.68 -29.18
CA ALA B 430 12.11 -6.54 -29.85
C ALA B 430 11.20 -5.32 -29.74
N GLU B 431 9.89 -5.53 -29.88
CA GLU B 431 8.93 -4.44 -29.78
C GLU B 431 8.93 -3.78 -28.39
N VAL B 432 8.98 -4.58 -27.33
CA VAL B 432 9.06 -4.07 -25.97
C VAL B 432 10.39 -3.34 -25.79
N ASP B 433 11.48 -3.95 -26.27
CA ASP B 433 12.81 -3.33 -26.19
C ASP B 433 12.91 -1.99 -26.92
N LYS B 434 12.24 -1.86 -28.08
CA LYS B 434 12.22 -0.62 -28.82
C LYS B 434 11.51 0.46 -28.01
N LYS B 435 10.39 0.10 -27.35
CA LYS B 435 9.61 1.05 -26.57
C LYS B 435 10.38 1.50 -25.37
N VAL B 436 11.05 0.57 -24.67
CA VAL B 436 11.85 0.90 -23.49
C VAL B 436 13.01 1.80 -23.94
N ALA B 437 13.71 1.40 -25.01
CA ALA B 437 14.82 2.19 -25.54
C ALA B 437 14.43 3.61 -25.91
N VAL B 438 13.25 3.82 -26.51
CA VAL B 438 12.83 5.18 -26.87
C VAL B 438 12.66 6.04 -25.63
N ALA B 439 11.99 5.53 -24.59
CA ALA B 439 11.81 6.27 -23.35
C ALA B 439 13.14 6.51 -22.58
N MET B 440 14.02 5.51 -22.54
CA MET B 440 15.30 5.61 -21.84
C MET B 440 16.27 6.56 -22.58
N LEU B 441 16.31 6.47 -23.90
CA LEU B 441 17.18 7.29 -24.72
C LEU B 441 16.75 8.73 -24.69
N THR B 442 15.44 9.00 -24.69
CA THR B 442 14.89 10.35 -24.64
C THR B 442 15.35 11.05 -23.35
N GLU B 443 15.28 10.34 -22.23
CA GLU B 443 15.73 10.86 -20.95
C GLU B 443 17.25 11.04 -20.94
N TYR B 444 17.98 10.04 -21.49
CA TYR B 444 19.44 10.06 -21.57
C TYR B 444 19.95 11.25 -22.39
N LEU B 445 19.39 11.46 -23.58
CA LEU B 445 19.78 12.57 -24.48
C LEU B 445 19.46 13.97 -23.90
N LYS B 446 18.47 14.02 -23.00
CA LYS B 446 18.07 15.22 -22.28
C LYS B 446 19.14 15.59 -21.23
N GLU B 447 19.77 14.59 -20.61
CA GLU B 447 20.76 14.78 -19.55
C GLU B 447 22.20 14.76 -20.00
N ILE B 448 22.52 14.12 -21.14
CA ILE B 448 23.88 14.04 -21.61
C ILE B 448 24.05 14.90 -22.86
N PRO B 449 24.90 15.93 -22.80
CA PRO B 449 25.08 16.81 -23.98
C PRO B 449 25.75 16.11 -25.15
N TYR B 450 25.51 16.60 -26.38
CA TYR B 450 26.09 16.06 -27.62
C TYR B 450 27.57 15.66 -27.52
N GLU B 451 28.40 16.57 -27.00
CA GLU B 451 29.85 16.36 -26.90
C GLU B 451 30.24 15.22 -25.97
N ASN B 452 29.36 14.83 -25.05
CA ASN B 452 29.63 13.73 -24.12
C ASN B 452 28.88 12.43 -24.46
N LEU B 453 28.13 12.40 -25.56
CA LEU B 453 27.36 11.24 -25.97
C LEU B 453 28.25 10.14 -26.49
N PRO B 454 27.84 8.85 -26.33
CA PRO B 454 28.56 7.78 -27.03
C PRO B 454 28.37 8.03 -28.54
N LEU B 455 29.46 7.95 -29.32
CA LEU B 455 29.53 8.30 -30.75
C LEU B 455 28.27 7.99 -31.58
N HIS B 456 27.69 6.78 -31.49
CA HIS B 456 26.51 6.44 -32.29
C HIS B 456 25.26 7.25 -31.96
N LEU B 457 25.10 7.66 -30.69
CA LEU B 457 23.96 8.48 -30.26
C LEU B 457 23.98 9.90 -30.83
N ARG B 458 25.12 10.36 -31.38
CA ARG B 458 25.21 11.65 -32.05
C ARG B 458 24.33 11.67 -33.30
N LEU B 459 24.07 10.49 -33.91
CA LEU B 459 23.22 10.34 -35.08
C LEU B 459 21.78 10.74 -34.83
N VAL B 460 21.32 10.76 -33.57
CA VAL B 460 19.95 11.17 -33.25
C VAL B 460 19.74 12.61 -33.69
N LYS B 461 20.71 13.48 -33.40
CA LYS B 461 20.64 14.87 -33.82
C LYS B 461 21.07 15.03 -35.29
N ASP B 462 22.24 14.49 -35.66
CA ASP B 462 22.83 14.64 -36.98
C ASP B 462 22.08 14.00 -38.16
N ARG B 463 21.61 12.76 -37.99
CA ARG B 463 20.97 12.03 -39.06
C ARG B 463 19.46 11.89 -38.94
N PHE B 464 18.91 11.87 -37.71
CA PHE B 464 17.47 11.65 -37.53
C PHE B 464 16.68 12.88 -37.11
N ALA B 465 17.29 14.08 -37.17
CA ALA B 465 16.63 15.34 -36.80
C ALA B 465 15.96 15.32 -35.41
N GLY B 466 16.61 14.66 -34.46
CA GLY B 466 16.11 14.55 -33.10
C GLY B 466 15.06 13.47 -32.86
N ASP B 467 14.66 12.75 -33.93
CA ASP B 467 13.65 11.70 -33.78
C ASP B 467 14.24 10.41 -33.22
N VAL B 468 14.13 10.24 -31.89
CA VAL B 468 14.60 9.07 -31.15
C VAL B 468 13.89 7.82 -31.66
N GLN B 469 12.57 7.89 -31.83
CA GLN B 469 11.78 6.77 -32.35
C GLN B 469 12.27 6.33 -33.73
N ALA B 470 12.64 7.27 -34.62
CA ALA B 470 13.12 6.94 -35.96
C ALA B 470 14.48 6.26 -35.91
N TYR B 471 15.37 6.73 -35.01
CA TYR B 471 16.72 6.21 -34.79
C TYR B 471 16.64 4.76 -34.29
N VAL B 472 15.78 4.49 -33.29
CA VAL B 472 15.59 3.15 -32.74
C VAL B 472 14.92 2.25 -33.77
N ASP B 473 13.94 2.79 -34.54
CA ASP B 473 13.28 2.04 -35.61
C ASP B 473 14.29 1.62 -36.67
N ASP B 474 15.22 2.52 -37.00
CA ASP B 474 16.24 2.30 -38.01
C ASP B 474 17.23 1.24 -37.57
N ILE B 475 17.58 1.20 -36.26
CA ILE B 475 18.48 0.18 -35.71
C ILE B 475 17.92 -1.21 -35.97
N PHE B 476 16.65 -1.44 -35.63
CA PHE B 476 16.03 -2.75 -35.83
C PHE B 476 15.71 -3.07 -37.29
N ALA B 477 15.37 -2.07 -38.12
CA ALA B 477 15.05 -2.27 -39.52
C ALA B 477 16.26 -2.66 -40.36
N ARG B 478 17.42 -2.04 -40.11
CA ARG B 478 18.63 -2.31 -40.89
C ARG B 478 19.61 -3.25 -40.25
N SER B 479 19.44 -3.61 -38.97
CA SER B 479 20.40 -4.49 -38.30
C SER B 479 20.21 -5.98 -38.55
N VAL B 480 21.34 -6.69 -38.67
CA VAL B 480 21.37 -8.16 -38.80
C VAL B 480 20.88 -8.84 -37.49
N PHE B 481 20.71 -8.09 -36.38
CA PHE B 481 20.16 -8.63 -35.14
C PHE B 481 18.72 -8.07 -34.85
N GLY B 482 18.11 -7.43 -35.85
CA GLY B 482 16.78 -6.85 -35.72
C GLY B 482 15.66 -7.87 -35.75
N SER B 483 15.89 -9.00 -36.39
CA SER B 483 14.92 -10.08 -36.48
C SER B 483 15.64 -11.37 -36.88
N GLU B 484 14.97 -12.53 -36.73
CA GLU B 484 15.55 -13.81 -37.10
C GLU B 484 15.80 -13.84 -38.61
N ALA B 485 14.84 -13.38 -39.41
CA ALA B 485 14.95 -13.32 -40.86
C ALA B 485 16.12 -12.46 -41.30
N GLN B 486 16.31 -11.31 -40.63
CA GLN B 486 17.42 -10.41 -40.94
C GLN B 486 18.77 -11.05 -40.59
N PHE B 487 18.82 -11.84 -39.51
CA PHE B 487 20.04 -12.55 -39.16
C PHE B 487 20.34 -13.66 -40.17
N ASP B 488 19.36 -14.49 -40.52
CA ASP B 488 19.55 -15.58 -41.47
C ASP B 488 19.98 -15.08 -42.84
N ALA B 489 19.48 -13.91 -43.26
CA ALA B 489 19.86 -13.30 -44.53
C ALA B 489 21.33 -12.88 -44.51
N PHE B 490 21.82 -12.40 -43.35
CA PHE B 490 23.22 -12.07 -43.16
C PHE B 490 24.04 -13.36 -43.16
N ALA B 491 23.60 -14.35 -42.37
CA ALA B 491 24.26 -15.64 -42.22
C ALA B 491 24.49 -16.33 -43.56
N ALA B 492 23.56 -16.17 -44.52
CA ALA B 492 23.69 -16.76 -45.85
C ALA B 492 24.77 -16.03 -46.67
N VAL B 493 24.82 -14.69 -46.63
CA VAL B 493 25.81 -13.91 -47.37
C VAL B 493 26.52 -12.96 -46.41
N PRO B 494 27.43 -13.45 -45.55
CA PRO B 494 28.06 -12.56 -44.57
C PRO B 494 29.27 -11.81 -45.05
N SER B 495 29.24 -10.48 -44.95
CA SER B 495 30.39 -9.67 -45.30
C SER B 495 30.79 -8.81 -44.11
N VAL B 496 32.11 -8.70 -43.82
CA VAL B 496 32.62 -7.88 -42.71
C VAL B 496 32.15 -6.43 -42.82
N GLU B 497 31.97 -5.93 -44.05
CA GLU B 497 31.50 -4.59 -44.36
C GLU B 497 30.12 -4.36 -43.74
N LYS B 498 29.25 -5.39 -43.78
CA LYS B 498 27.89 -5.35 -43.25
C LYS B 498 27.94 -5.25 -41.72
N LEU B 499 28.83 -5.99 -41.08
CA LEU B 499 28.95 -5.95 -39.62
C LEU B 499 29.57 -4.65 -39.14
N ALA B 500 30.55 -4.13 -39.89
CA ALA B 500 31.24 -2.88 -39.55
C ALA B 500 30.31 -1.67 -39.58
N GLU B 501 29.29 -1.70 -40.44
CA GLU B 501 28.35 -0.59 -40.55
C GLU B 501 26.94 -0.92 -39.99
N ASP B 502 26.81 -2.02 -39.22
CA ASP B 502 25.53 -2.41 -38.65
C ASP B 502 25.11 -1.44 -37.55
N PRO B 503 23.90 -0.87 -37.65
CA PRO B 503 23.45 0.10 -36.65
C PRO B 503 23.37 -0.42 -35.20
N MET B 504 22.98 -1.68 -35.00
CA MET B 504 22.92 -2.22 -33.64
C MET B 504 24.33 -2.50 -33.11
N VAL B 505 25.23 -3.01 -33.97
CA VAL B 505 26.61 -3.27 -33.57
C VAL B 505 27.31 -1.94 -33.22
N LEU B 506 27.12 -0.90 -34.04
CA LEU B 506 27.70 0.42 -33.80
C LEU B 506 27.18 1.01 -32.50
N PHE B 507 25.88 0.82 -32.21
CA PHE B 507 25.27 1.27 -30.98
C PHE B 507 25.92 0.56 -29.79
N ALA B 508 25.89 -0.79 -29.78
CA ALA B 508 26.42 -1.60 -28.69
C ALA B 508 27.91 -1.32 -28.43
N SER B 509 28.66 -1.16 -29.52
CA SER B 509 30.08 -0.86 -29.42
C SER B 509 30.31 0.51 -28.79
N SER B 510 29.66 1.58 -29.31
CA SER B 510 29.90 2.92 -28.77
C SER B 510 29.37 3.13 -27.36
N VAL B 511 28.24 2.49 -27.01
CA VAL B 511 27.76 2.63 -25.63
C VAL B 511 28.71 1.93 -24.67
N PHE B 512 29.30 0.79 -25.07
CA PHE B 512 30.25 0.08 -24.21
C PHE B 512 31.63 0.77 -24.16
N ASP B 513 32.00 1.50 -25.22
CA ASP B 513 33.23 2.28 -25.28
C ASP B 513 33.14 3.37 -24.21
N GLU B 514 32.06 4.17 -24.22
CA GLU B 514 31.85 5.25 -23.28
C GLU B 514 31.77 4.72 -21.86
N TYR B 515 31.08 3.60 -21.67
CA TYR B 515 30.94 2.98 -20.38
C TYR B 515 32.31 2.61 -19.77
N ARG B 516 33.21 2.05 -20.61
CA ARG B 516 34.57 1.68 -20.15
C ARG B 516 35.47 2.90 -20.02
N LYS B 517 35.39 3.84 -20.96
CA LYS B 517 36.15 5.10 -20.92
C LYS B 517 35.85 5.87 -19.61
N LEU B 518 34.56 5.96 -19.23
CA LEU B 518 34.15 6.64 -18.00
C LEU B 518 34.66 5.91 -16.77
N TYR B 519 34.57 4.57 -16.76
CA TYR B 519 35.05 3.75 -15.66
C TYR B 519 36.55 3.97 -15.43
N ASN B 520 37.34 3.98 -16.52
CA ASN B 520 38.77 4.18 -16.45
C ASN B 520 39.15 5.59 -16.03
N GLU B 521 38.33 6.58 -16.38
CA GLU B 521 38.57 7.96 -15.96
C GLU B 521 38.25 8.13 -14.49
N LEU B 522 37.23 7.43 -13.99
CA LEU B 522 36.79 7.53 -12.60
C LEU B 522 37.62 6.73 -11.62
N ARG B 523 38.16 5.57 -12.03
CA ARG B 523 38.98 4.70 -11.19
C ARG B 523 40.09 5.45 -10.43
N PRO B 524 40.91 6.31 -11.08
CA PRO B 524 41.94 7.05 -10.34
C PRO B 524 41.46 7.85 -9.13
N TYR B 525 40.21 8.31 -9.14
CA TYR B 525 39.65 9.10 -8.04
C TYR B 525 39.38 8.31 -6.77
N ASP B 526 39.31 6.97 -6.85
CA ASP B 526 39.08 6.17 -5.65
C ASP B 526 40.27 6.21 -4.70
N ASP B 527 41.49 6.22 -5.23
CA ASP B 527 42.72 6.16 -4.44
C ASP B 527 42.92 7.37 -3.49
N PRO B 528 42.84 8.64 -3.91
CA PRO B 528 43.02 9.74 -2.94
C PRO B 528 42.01 9.71 -1.81
N ILE B 529 40.78 9.24 -2.08
CA ILE B 529 39.71 9.12 -1.08
C ILE B 529 40.08 8.01 -0.08
N LEU B 530 40.45 6.82 -0.57
CA LEU B 530 40.89 5.72 0.28
C LEU B 530 42.08 6.13 1.16
N ARG B 531 43.10 6.80 0.58
CA ARG B 531 44.28 7.26 1.33
C ARG B 531 43.88 8.25 2.41
N ALA B 532 42.95 9.17 2.09
CA ALA B 532 42.47 10.18 3.03
C ALA B 532 41.61 9.55 4.11
N GLN B 533 40.81 8.52 3.76
CA GLN B 533 39.98 7.77 4.70
C GLN B 533 40.81 7.06 5.74
N ARG B 534 42.05 6.64 5.39
CA ARG B 534 42.97 6.01 6.33
C ARG B 534 43.31 7.02 7.42
N THR B 535 43.61 8.28 7.05
CA THR B 535 43.90 9.33 8.01
C THR B 535 42.64 9.71 8.81
N TYR B 536 41.52 9.90 8.11
CA TYR B 536 40.23 10.24 8.71
C TYR B 536 39.80 9.23 9.80
N ILE B 537 39.74 7.93 9.48
CA ILE B 537 39.37 6.88 10.41
C ILE B 537 40.38 6.76 11.54
N ALA B 538 41.67 6.95 11.23
CA ALA B 538 42.72 6.95 12.26
C ALA B 538 42.45 8.05 13.29
N GLY B 539 42.04 9.23 12.83
CA GLY B 539 41.70 10.34 13.71
C GLY B 539 40.46 10.06 14.54
N LEU B 540 39.40 9.51 13.91
CA LEU B 540 38.18 9.17 14.62
C LEU B 540 38.44 8.14 15.71
N LEU B 541 39.28 7.14 15.42
CA LEU B 541 39.64 6.11 16.39
C LEU B 541 40.51 6.67 17.52
N GLU B 542 41.46 7.57 17.19
CA GLU B 542 42.34 8.20 18.17
C GLU B 542 41.56 9.13 19.12
N MET B 543 40.46 9.71 18.63
CA MET B 543 39.62 10.62 19.39
C MET B 543 38.54 9.91 20.22
N ASP B 544 37.62 9.16 19.59
CA ASP B 544 36.52 8.50 20.29
C ASP B 544 36.76 7.05 20.75
N GLY B 545 37.85 6.45 20.27
CA GLY B 545 38.18 5.08 20.65
C GLY B 545 37.48 3.99 19.85
N ASP B 546 38.08 2.77 19.90
CA ASP B 546 37.62 1.53 19.25
C ASP B 546 36.61 0.76 20.12
N GLN B 547 35.78 1.51 20.86
CA GLN B 547 34.82 0.90 21.75
C GLN B 547 33.40 1.10 21.24
N ASP B 548 33.01 2.35 20.94
CA ASP B 548 31.66 2.62 20.47
C ASP B 548 31.54 2.86 18.95
N GLN B 549 32.57 2.47 18.18
CA GLN B 549 32.56 2.53 16.72
C GLN B 549 33.29 1.31 16.14
N PHE B 550 32.60 0.59 15.27
CA PHE B 550 33.03 -0.66 14.65
C PHE B 550 33.62 -0.39 13.26
N PRO B 551 34.46 -1.31 12.74
CA PRO B 551 34.99 -1.10 11.39
C PRO B 551 33.96 -1.46 10.33
N ASP B 552 34.06 -0.84 9.16
CA ASP B 552 33.15 -1.14 8.05
C ASP B 552 33.14 -2.63 7.70
N ALA B 553 31.96 -3.15 7.31
CA ALA B 553 31.81 -4.53 6.92
C ALA B 553 32.64 -4.81 5.68
N ASN B 554 33.32 -5.97 5.64
CA ASN B 554 34.21 -6.38 4.54
C ASN B 554 34.15 -7.88 4.31
N LEU B 555 32.96 -8.46 4.43
CA LEU B 555 32.70 -9.90 4.27
C LEU B 555 33.49 -10.76 5.25
N THR B 556 33.78 -10.23 6.44
CA THR B 556 34.43 -10.99 7.49
C THR B 556 33.45 -11.21 8.65
N LEU B 557 33.72 -12.23 9.46
CA LEU B 557 32.89 -12.64 10.60
C LEU B 557 32.74 -11.55 11.65
N ARG B 558 31.49 -11.17 11.91
CA ARG B 558 31.17 -10.16 12.90
C ARG B 558 30.06 -10.64 13.80
N PHE B 559 29.98 -10.03 14.98
CA PHE B 559 28.88 -10.29 15.87
C PHE B 559 28.12 -8.98 16.10
N THR B 560 26.83 -9.11 16.31
CA THR B 560 25.93 -8.00 16.61
C THR B 560 24.92 -8.46 17.66
N TYR B 561 24.43 -7.54 18.47
CA TYR B 561 23.43 -7.89 19.49
C TYR B 561 22.39 -6.79 19.61
N GLY B 562 21.24 -7.15 20.14
CA GLY B 562 20.15 -6.23 20.38
C GLY B 562 19.04 -6.92 21.12
N GLN B 563 17.80 -6.49 20.89
CA GLN B 563 16.65 -7.09 21.54
C GLN B 563 15.57 -7.37 20.52
N VAL B 564 14.71 -8.35 20.82
CA VAL B 564 13.57 -8.68 19.98
C VAL B 564 12.56 -7.55 20.20
N LYS B 565 12.36 -6.69 19.19
CA LYS B 565 11.47 -5.55 19.36
C LYS B 565 10.96 -5.00 18.05
N GLY B 566 9.74 -4.51 18.06
CA GLY B 566 9.14 -3.89 16.90
C GLY B 566 9.49 -2.41 16.85
N TYR B 567 8.71 -1.62 16.09
CA TYR B 567 8.96 -0.19 15.94
C TYR B 567 7.75 0.50 15.35
N SER B 568 7.72 1.84 15.43
CA SER B 568 6.66 2.64 14.84
C SER B 568 7.16 3.18 13.50
N PRO B 569 6.63 2.65 12.38
CA PRO B 569 7.08 3.11 11.06
C PRO B 569 6.63 4.52 10.67
N ARG B 570 5.44 4.91 11.16
CA ARG B 570 4.82 6.20 10.90
C ARG B 570 3.87 6.53 12.05
N ASP B 571 3.38 7.77 12.09
CA ASP B 571 2.48 8.28 13.12
C ASP B 571 1.27 7.37 13.34
N ASN B 572 1.06 6.98 14.62
CA ASN B 572 -0.08 6.18 15.03
C ASN B 572 -0.07 4.72 14.54
N VAL B 573 1.05 4.24 14.03
CA VAL B 573 1.17 2.85 13.57
C VAL B 573 2.29 2.16 14.33
N TYR B 574 2.04 0.95 14.85
CA TYR B 574 3.07 0.15 15.51
C TYR B 574 3.17 -1.22 14.85
N TYR B 575 4.38 -1.67 14.59
CA TYR B 575 4.65 -2.98 14.03
C TYR B 575 5.28 -3.75 15.15
N GLY B 576 4.63 -4.83 15.57
CA GLY B 576 5.12 -5.64 16.68
C GLY B 576 6.37 -6.43 16.36
N HIS B 577 6.91 -7.10 17.37
CA HIS B 577 8.13 -7.90 17.24
C HIS B 577 7.93 -9.27 16.60
N GLN B 578 6.70 -9.80 16.49
CA GLN B 578 6.51 -11.17 15.96
C GLN B 578 5.32 -11.39 15.05
N THR B 579 5.54 -12.07 13.90
CA THR B 579 4.44 -12.44 13.01
C THR B 579 4.02 -13.88 13.27
N THR B 580 2.78 -14.23 12.90
CA THR B 580 2.23 -15.57 13.11
C THR B 580 1.68 -16.20 11.82
N LEU B 581 1.37 -17.51 11.87
CA LEU B 581 0.80 -18.28 10.76
C LEU B 581 -0.52 -17.66 10.27
N ASP B 582 -1.27 -17.04 11.18
CA ASP B 582 -2.50 -16.32 10.90
C ASP B 582 -2.27 -15.24 9.84
N GLY B 583 -1.12 -14.57 9.92
CA GLY B 583 -0.70 -13.52 9.00
C GLY B 583 -0.44 -14.02 7.59
N VAL B 584 -0.03 -15.29 7.47
CA VAL B 584 0.19 -15.96 6.20
C VAL B 584 -1.19 -16.16 5.55
N MET B 585 -2.15 -16.66 6.33
CA MET B 585 -3.51 -16.94 5.92
C MET B 585 -4.28 -15.68 5.52
N GLU B 586 -4.01 -14.56 6.21
CA GLU B 586 -4.61 -13.27 5.89
C GLU B 586 -4.12 -12.79 4.52
N LYS B 587 -2.84 -13.05 4.20
CA LYS B 587 -2.22 -12.62 2.96
C LYS B 587 -2.50 -13.54 1.77
N GLU B 588 -3.09 -14.73 2.00
CA GLU B 588 -3.36 -15.71 0.95
C GLU B 588 -4.14 -15.15 -0.25
N ASP B 589 -3.62 -15.40 -1.46
CA ASP B 589 -4.25 -14.99 -2.72
C ASP B 589 -3.98 -16.11 -3.71
N PRO B 590 -4.95 -17.00 -3.93
CA PRO B 590 -4.72 -18.13 -4.85
C PRO B 590 -4.39 -17.73 -6.28
N ASP B 591 -4.82 -16.53 -6.72
CA ASP B 591 -4.52 -16.07 -8.08
C ASP B 591 -3.29 -15.16 -8.16
N ASN B 592 -2.44 -15.13 -7.11
CA ASN B 592 -1.20 -14.36 -7.11
C ASN B 592 -0.10 -15.31 -6.67
N TRP B 593 0.80 -15.69 -7.61
CA TRP B 593 1.90 -16.64 -7.39
C TRP B 593 2.74 -16.36 -6.15
N GLU B 594 2.81 -15.11 -5.70
CA GLU B 594 3.59 -14.75 -4.53
C GLU B 594 2.91 -15.21 -3.26
N PHE B 595 1.60 -14.99 -3.15
CA PHE B 595 0.88 -15.29 -1.93
C PHE B 595 0.03 -16.56 -1.96
N VAL B 596 0.40 -17.55 -2.77
CA VAL B 596 -0.29 -18.83 -2.75
C VAL B 596 0.20 -19.57 -1.49
N VAL B 597 -0.73 -20.17 -0.75
CA VAL B 597 -0.37 -20.88 0.48
C VAL B 597 -0.33 -22.38 0.21
N ASP B 598 0.73 -23.06 0.69
CA ASP B 598 0.89 -24.49 0.49
C ASP B 598 -0.24 -25.25 1.15
N PRO B 599 -0.88 -26.18 0.41
CA PRO B 599 -2.03 -26.89 0.97
C PRO B 599 -1.77 -27.64 2.28
N LYS B 600 -0.58 -28.22 2.42
CA LYS B 600 -0.24 -28.96 3.65
C LYS B 600 -0.15 -27.97 4.82
N LEU B 601 0.45 -26.76 4.59
CA LEU B 601 0.58 -25.69 5.59
C LEU B 601 -0.80 -25.12 5.98
N LYS B 602 -1.68 -24.92 4.99
CA LYS B 602 -3.03 -24.44 5.22
C LYS B 602 -3.80 -25.43 6.11
N ALA B 603 -3.63 -26.74 5.84
CA ALA B 603 -4.26 -27.83 6.60
C ALA B 603 -3.73 -27.88 8.05
N VAL B 604 -2.44 -27.67 8.24
CA VAL B 604 -1.79 -27.64 9.56
C VAL B 604 -2.39 -26.50 10.39
N TYR B 605 -2.54 -25.32 9.77
CA TYR B 605 -3.14 -24.15 10.38
C TYR B 605 -4.59 -24.41 10.77
N GLU B 606 -5.40 -24.96 9.85
CA GLU B 606 -6.81 -25.26 10.10
C GLU B 606 -6.98 -26.27 11.23
N ARG B 607 -6.13 -27.30 11.25
CA ARG B 607 -6.17 -28.34 12.28
C ARG B 607 -5.45 -27.96 13.58
N LYS B 608 -4.79 -26.78 13.63
CA LYS B 608 -3.99 -26.30 14.77
C LYS B 608 -2.93 -27.33 15.18
N ASP B 609 -2.39 -28.07 14.18
CA ASP B 609 -1.42 -29.13 14.35
C ASP B 609 -0.04 -28.50 14.49
N PHE B 610 0.18 -27.82 15.61
CA PHE B 610 1.41 -27.09 15.84
C PHE B 610 2.40 -27.78 16.78
N GLY B 611 2.04 -28.94 17.33
CA GLY B 611 2.86 -29.72 18.26
C GLY B 611 3.47 -28.90 19.37
N ARG B 612 4.78 -29.04 19.53
CA ARG B 612 5.56 -28.27 20.51
C ARG B 612 6.09 -26.93 19.93
N TYR B 613 5.69 -26.56 18.71
CA TYR B 613 6.19 -25.35 18.06
C TYR B 613 5.33 -24.10 18.25
N ALA B 614 4.08 -24.22 18.73
CA ALA B 614 3.23 -23.04 18.95
C ALA B 614 3.69 -22.26 20.20
N ASP B 615 3.29 -20.97 20.33
CA ASP B 615 3.67 -20.19 21.50
C ASP B 615 2.72 -20.47 22.71
N ARG B 616 2.87 -19.72 23.82
CA ARG B 616 2.07 -19.93 25.02
C ARG B 616 0.57 -19.68 24.76
N SER B 617 0.25 -18.72 23.87
CA SER B 617 -1.14 -18.44 23.54
C SER B 617 -1.80 -19.43 22.55
N GLY B 618 -1.03 -20.36 22.02
CA GLY B 618 -1.52 -21.31 21.03
C GLY B 618 -1.36 -20.84 19.59
N ARG B 619 -0.79 -19.64 19.39
CA ARG B 619 -0.55 -19.10 18.07
C ARG B 619 0.77 -19.62 17.49
N MET B 620 0.79 -19.93 16.19
CA MET B 620 2.00 -20.45 15.56
C MET B 620 2.90 -19.31 15.09
N PRO B 621 4.11 -19.13 15.64
CA PRO B 621 4.98 -18.01 15.20
C PRO B 621 5.62 -18.29 13.85
N VAL B 622 5.92 -17.24 13.10
CA VAL B 622 6.52 -17.37 11.78
C VAL B 622 7.89 -16.66 11.73
N ALA B 623 7.90 -15.38 12.08
CA ALA B 623 9.10 -14.57 12.03
C ALA B 623 9.13 -13.59 13.20
N PHE B 624 10.30 -13.01 13.47
CA PHE B 624 10.43 -11.95 14.46
C PHE B 624 11.45 -10.93 13.99
N CYS B 625 11.50 -9.77 14.63
CA CYS B 625 12.49 -8.76 14.25
C CYS B 625 13.32 -8.33 15.46
N ALA B 626 14.56 -7.89 15.22
CA ALA B 626 15.45 -7.51 16.31
C ALA B 626 16.23 -6.22 16.01
N THR B 627 16.74 -5.55 17.06
CA THR B 627 17.52 -4.33 16.89
C THR B 627 19.00 -4.61 16.56
N THR B 628 19.32 -5.81 16.10
CA THR B 628 20.67 -6.17 15.68
C THR B 628 21.04 -5.38 14.39
N HIS B 629 22.33 -5.18 14.16
CA HIS B 629 22.80 -4.43 13.01
C HIS B 629 23.32 -5.38 11.95
N THR B 630 22.52 -5.59 10.91
CA THR B 630 22.85 -6.51 9.83
C THR B 630 22.73 -5.83 8.49
N THR B 631 23.41 -6.39 7.49
CA THR B 631 23.38 -5.95 6.11
C THR B 631 23.55 -7.20 5.23
N GLY B 632 23.47 -7.04 3.88
CA GLY B 632 23.69 -8.13 2.94
C GLY B 632 24.96 -8.89 3.22
N GLY B 633 24.88 -10.20 3.18
CA GLY B 633 25.96 -11.07 3.60
C GLY B 633 25.55 -11.76 4.90
N ASN B 634 24.63 -11.12 5.69
CA ASN B 634 24.07 -11.68 6.91
C ASN B 634 22.88 -12.63 6.63
N SER B 635 22.51 -12.86 5.37
CA SER B 635 21.46 -13.81 5.03
C SER B 635 21.84 -15.21 5.54
N GLY B 636 20.96 -15.81 6.32
CA GLY B 636 21.15 -17.15 6.86
C GLY B 636 21.86 -17.18 8.19
N SER B 637 22.27 -16.00 8.71
CA SER B 637 22.97 -15.86 9.99
C SER B 637 22.19 -16.46 11.15
N PRO B 638 22.87 -17.21 12.02
CA PRO B 638 22.18 -17.74 13.19
C PRO B 638 21.79 -16.64 14.17
N VAL B 639 20.57 -16.72 14.69
CA VAL B 639 20.10 -15.79 15.70
C VAL B 639 20.09 -16.57 17.02
N MET B 640 20.76 -16.03 18.04
CA MET B 640 20.90 -16.69 19.33
C MET B 640 20.22 -16.01 20.49
N ASN B 641 19.85 -16.85 21.45
CA ASN B 641 19.31 -16.65 22.79
C ASN B 641 20.37 -15.99 23.68
N ALA B 642 19.98 -15.64 24.92
CA ALA B 642 20.92 -15.21 25.94
C ALA B 642 21.92 -16.36 26.27
N ASN B 643 21.52 -17.64 26.03
CA ASN B 643 22.34 -18.81 26.27
C ASN B 643 23.07 -19.36 25.01
N GLY B 644 22.97 -18.67 23.88
CA GLY B 644 23.59 -19.10 22.64
C GLY B 644 22.86 -20.22 21.92
N GLU B 645 21.58 -20.43 22.23
CA GLU B 645 20.79 -21.46 21.53
C GLU B 645 20.12 -20.81 20.33
N LEU B 646 19.98 -21.57 19.23
CA LEU B 646 19.38 -21.04 18.01
C LEU B 646 17.91 -20.77 18.18
N ILE B 647 17.51 -19.49 17.96
CA ILE B 647 16.12 -19.04 18.01
C ILE B 647 15.56 -18.65 16.63
N GLY B 648 16.40 -18.56 15.61
CA GLY B 648 15.95 -18.22 14.27
C GLY B 648 17.08 -17.98 13.30
N LEU B 649 16.74 -17.65 12.06
CA LEU B 649 17.72 -17.34 11.01
C LEU B 649 17.42 -15.96 10.47
N ASN B 650 18.43 -15.11 10.39
CA ASN B 650 18.26 -13.79 9.79
C ASN B 650 18.07 -13.99 8.28
N PHE B 651 17.16 -13.23 7.63
CA PHE B 651 16.96 -13.38 6.19
C PHE B 651 16.76 -12.06 5.47
N ASP B 652 16.51 -10.96 6.20
CA ASP B 652 16.32 -9.65 5.58
C ASP B 652 16.47 -8.52 6.59
N ARG B 653 16.26 -7.29 6.17
CA ARG B 653 16.29 -6.06 6.94
C ARG B 653 15.15 -5.19 6.33
N ASN B 654 14.40 -4.46 7.16
CA ASN B 654 13.31 -3.63 6.64
C ASN B 654 13.87 -2.46 5.80
N TRP B 655 13.07 -1.96 4.84
CA TRP B 655 13.50 -0.88 3.96
C TRP B 655 13.82 0.39 4.72
N GLU B 656 13.14 0.64 5.86
CA GLU B 656 13.46 1.81 6.67
C GLU B 656 14.88 1.74 7.23
N GLY B 657 15.54 0.58 7.16
CA GLY B 657 16.88 0.37 7.67
C GLY B 657 17.93 0.21 6.60
N VAL B 658 17.61 0.44 5.28
CA VAL B 658 18.66 0.31 4.26
C VAL B 658 19.74 1.42 4.49
N GLY B 659 19.33 2.59 4.97
CA GLY B 659 20.25 3.66 5.31
C GLY B 659 21.18 3.33 6.48
N GLY B 660 20.89 2.21 7.15
CA GLY B 660 21.68 1.68 8.25
C GLY B 660 23.08 1.27 7.85
N ASP B 661 23.34 1.12 6.53
CA ASP B 661 24.69 0.85 6.02
C ASP B 661 25.59 2.10 6.20
N ILE B 662 25.01 3.30 6.38
CA ILE B 662 25.74 4.56 6.54
C ILE B 662 25.61 4.99 8.02
N GLN B 663 24.41 4.88 8.58
CA GLN B 663 24.17 5.22 9.97
C GLN B 663 23.08 4.30 10.50
N TYR B 664 23.37 3.53 11.57
CA TYR B 664 22.41 2.63 12.20
C TYR B 664 21.24 3.45 12.71
N LEU B 665 20.03 2.99 12.43
CA LEU B 665 18.84 3.72 12.80
C LEU B 665 18.12 2.96 13.89
N ALA B 666 18.39 3.31 15.16
CA ALA B 666 17.83 2.63 16.32
C ALA B 666 16.31 2.47 16.34
N ASP B 667 15.57 3.52 15.96
CA ASP B 667 14.10 3.50 16.00
C ASP B 667 13.42 2.94 14.75
N TYR B 668 14.20 2.56 13.72
CA TYR B 668 13.59 2.06 12.50
C TYR B 668 14.17 0.75 12.02
N GLN B 669 15.50 0.62 12.01
CA GLN B 669 16.21 -0.56 11.53
C GLN B 669 15.98 -1.83 12.33
N ARG B 670 15.49 -2.88 11.66
CA ARG B 670 15.26 -4.16 12.33
C ARG B 670 15.73 -5.30 11.43
N SER B 671 16.35 -6.33 12.02
CA SER B 671 16.74 -7.53 11.29
C SER B 671 15.48 -8.42 11.23
N ILE B 672 15.15 -8.95 10.05
CA ILE B 672 13.97 -9.78 9.84
C ILE B 672 14.43 -11.22 9.90
N ILE B 673 13.98 -11.93 10.94
CA ILE B 673 14.42 -13.28 11.26
C ILE B 673 13.29 -14.29 11.17
N VAL B 674 13.51 -15.48 10.59
CA VAL B 674 12.48 -16.53 10.57
C VAL B 674 12.64 -17.31 11.86
N ASP B 675 11.56 -17.45 12.61
CA ASP B 675 11.54 -18.14 13.90
C ASP B 675 11.92 -19.59 13.69
N ILE B 676 12.85 -20.11 14.50
CA ILE B 676 13.28 -21.51 14.37
C ILE B 676 12.12 -22.49 14.63
N ARG B 677 11.11 -22.07 15.39
CA ARG B 677 9.91 -22.88 15.68
C ARG B 677 9.11 -23.16 14.40
N TYR B 678 9.05 -22.16 13.51
CA TYR B 678 8.38 -22.25 12.22
C TYR B 678 9.19 -23.14 11.28
N VAL B 679 10.55 -23.03 11.34
CA VAL B 679 11.49 -23.86 10.57
C VAL B 679 11.25 -25.32 10.91
N LEU B 680 11.19 -25.66 12.20
CA LEU B 680 10.94 -27.03 12.64
C LEU B 680 9.54 -27.51 12.32
N LEU B 681 8.56 -26.61 12.36
CA LEU B 681 7.19 -26.91 11.99
C LEU B 681 7.13 -27.33 10.51
N VAL B 682 7.79 -26.57 9.62
CA VAL B 682 7.78 -26.92 8.20
C VAL B 682 8.50 -28.24 7.95
N ILE B 683 9.66 -28.47 8.60
CA ILE B 683 10.38 -29.75 8.47
C ILE B 683 9.50 -30.92 8.88
N ASP B 684 8.83 -30.79 10.05
CA ASP B 684 7.97 -31.81 10.65
C ASP B 684 6.63 -32.06 9.94
N LYS B 685 5.80 -31.03 9.79
CA LYS B 685 4.45 -31.17 9.25
C LYS B 685 4.30 -30.93 7.76
N VAL B 686 5.33 -30.37 7.09
CA VAL B 686 5.25 -30.13 5.65
C VAL B 686 6.17 -31.08 4.90
N GLY B 687 7.38 -31.27 5.41
CA GLY B 687 8.33 -32.18 4.78
C GLY B 687 8.30 -33.60 5.30
N GLY B 688 7.76 -33.78 6.50
CA GLY B 688 7.70 -35.07 7.19
C GLY B 688 9.06 -35.72 7.34
N CYS B 689 10.11 -34.89 7.47
CA CYS B 689 11.48 -35.34 7.56
C CYS B 689 11.96 -35.45 8.99
N GLN B 690 11.32 -36.33 9.76
CA GLN B 690 11.60 -36.59 11.17
C GLN B 690 13.09 -36.84 11.50
N ARG B 691 13.83 -37.48 10.60
CA ARG B 691 15.24 -37.76 10.82
C ARG B 691 16.08 -36.50 11.05
N LEU B 692 15.68 -35.36 10.46
CA LEU B 692 16.38 -34.09 10.64
C LEU B 692 16.13 -33.52 12.04
N LEU B 693 14.92 -33.70 12.57
CA LEU B 693 14.59 -33.26 13.91
C LEU B 693 15.31 -34.11 14.94
N ASP B 694 15.41 -35.43 14.68
CA ASP B 694 16.04 -36.39 15.58
C ASP B 694 17.54 -36.12 15.76
N GLU B 695 18.24 -35.72 14.69
CA GLU B 695 19.68 -35.46 14.78
C GLU B 695 20.04 -34.12 15.39
N MET B 696 19.10 -33.19 15.48
CA MET B 696 19.34 -31.90 16.10
C MET B 696 19.25 -32.08 17.63
N ASN B 697 19.97 -31.24 18.38
CA ASN B 697 19.89 -31.25 19.83
C ASN B 697 18.88 -30.17 20.18
N ILE B 698 17.64 -30.57 20.50
CA ILE B 698 16.58 -29.63 20.80
C ILE B 698 16.34 -29.44 22.31
N VAL B 699 16.41 -28.19 22.79
CA VAL B 699 16.17 -27.86 24.19
C VAL B 699 14.69 -27.46 24.38
N PRO B 700 14.04 -27.95 25.46
CA PRO B 700 12.61 -27.62 25.66
C PRO B 700 12.31 -26.14 25.84
N1 I81 C . -1.65 -4.50 22.06
C4 I81 C . -2.06 -6.36 17.77
C5 I81 C . -2.28 -6.37 19.13
C6 I81 C . -1.31 -5.92 20.02
C7 I81 C . -1.58 -5.85 21.51
C8 I81 C . -2.42 -3.61 21.16
C10 I81 C . -3.19 -2.23 23.06
C13 I81 C . -3.36 -0.82 23.62
C1 I81 C . 1.40 -4.06 16.68
O1 I81 C . 1.35 -5.01 17.73
C2 I81 C . 0.13 -5.47 18.14
C3 I81 C . -0.86 -5.90 17.26
C9 I81 C . -2.50 -2.19 21.70
C11 I81 C . -2.41 -3.14 24.00
C12 I81 C . -2.26 -4.53 23.40
O2 I81 C . -4.46 -0.46 24.07
N2 I81 C . -2.31 -0.01 23.57
C14 I81 C . -0.10 -5.48 19.50
CL CL D . -48.44 -16.90 14.28
CL CL E . -15.50 -7.80 14.45
N1 I81 F . 3.64 2.13 21.98
C4 I81 F . 3.51 4.80 18.35
C5 I81 F . 3.59 4.46 19.69
C6 I81 F . 2.63 3.65 20.28
C7 I81 F . 2.74 3.26 21.73
C8 I81 F . 3.04 0.86 21.55
C10 I81 F . 5.21 0.01 22.51
C13 I81 F . 5.98 -1.22 22.99
C1 I81 F . -0.11 1.80 17.68
O1 I81 F . 0.46 3.07 17.38
C2 I81 F . 1.51 3.51 18.15
C3 I81 F . 2.45 4.35 17.58
C9 I81 F . 3.81 -0.36 22.02
C11 I81 F . 5.14 1.06 23.63
C12 I81 F . 4.05 2.08 23.39
O2 I81 F . 5.41 -2.31 23.19
N2 I81 F . 7.29 -1.06 23.18
C14 I81 F . 1.57 3.20 19.51
CL CL G . 34.78 -27.99 12.32
#